data_3EJD
#
_entry.id   3EJD
#
_cell.length_a   61.300
_cell.length_b   92.100
_cell.length_c   107.700
_cell.angle_alpha   109.00
_cell.angle_beta   89.20
_cell.angle_gamma   90.10
#
_symmetry.space_group_name_H-M   'P 1'
#
loop_
_entity.id
_entity.type
_entity.pdbx_description
1 polymer 'Acyl carrier protein'
2 polymer 'Biotin biosynthesis cytochrome P450-like enzyme'
3 non-polymer 'S-[2-({N-[(2S)-2-hydroxy-3,3-dimethyl-4-(phosphonooxy)butanoyl]-beta-alanyl}amino)ethyl] (9Z)-hexadec-9-enethioate'
4 non-polymer 'heptyl 1-thio-beta-D-glucopyranoside'
5 non-polymer 'PROTOPORPHYRIN IX CONTAINING FE'
6 non-polymer 'CHLORIDE ION'
7 water water
#
loop_
_entity_poly.entity_id
_entity_poly.type
_entity_poly.pdbx_seq_one_letter_code
_entity_poly.pdbx_strand_id
1 'polypeptide(L)'
;GSSHHHHHHSSGLVPRGSHMSTIEERVKKIIGEQLGVKQEEVTNNASFVEDLGADSLDTVELVMALEEEFDTEIPDEEAE
KITTVQAAIDYINGHQA
;
A,C,E,G
2 'polypeptide(L)'
;TIASSTASSEFLKNPYSFYDTLRAVHPIYKGSFLKYPGWYVTGYEETAAILKDARFKVRTPLPESSTKYQDLSHVQNQMM
LFQNQPDHRRLRTLASGAFTPRTTESYQPYIIETVHHLLDQVQGKKKMEVISDFAFPLASFVIANIIGVPEEDREQLKEW
AASLIQTIDFTRSRKALTEGNIMAVQAMAYFKELIQKRKRHPQQDMISMLLKGREKDKLTEEEAASTCILLAIAGHETTV
NLISNSVLCLLQHPEQLLKLRENPDLIGTAVEECLRYESPTQMTARVASEDIDICGVTIRQGEQVYLLLGAANRDPSIFT
NPDVFDITRSPNPHLSFGHGHHVCLGSSLARLEAQIAINTLLQRMPSLNLADFEWRYRPLFGFRALEELPVTFEASWSHP
QFEK
;
B,D,F,H
#
loop_
_chem_comp.id
_chem_comp.type
_chem_comp.name
_chem_comp.formula
CL non-polymer 'CHLORIDE ION' 'Cl -1'
HEM non-polymer 'PROTOPORPHYRIN IX CONTAINING FE' 'C34 H32 Fe N4 O4'
HTG D-saccharide 'heptyl 1-thio-beta-D-glucopyranoside' 'C13 H26 O5 S'
ZMQ non-polymer 'S-[2-({N-[(2S)-2-hydroxy-3,3-dimethyl-4-(phosphonooxy)butanoyl]-beta-alanyl}amino)ethyl] (9Z)-hexadec-9-enethioate' 'C27 H51 N2 O8 P S'
#
# COMPACT_ATOMS: atom_id res chain seq x y z
N SER A 18 -32.79 -55.59 18.48
CA SER A 18 -32.62 -54.50 17.49
C SER A 18 -33.52 -53.31 17.82
N HIS A 19 -33.20 -52.14 17.25
CA HIS A 19 -34.01 -50.95 17.41
C HIS A 19 -33.78 -49.95 16.28
N MET A 20 -34.71 -49.01 16.13
CA MET A 20 -34.56 -47.92 15.17
C MET A 20 -33.38 -47.02 15.55
N SER A 21 -32.78 -46.38 14.56
CA SER A 21 -31.61 -45.53 14.77
C SER A 21 -31.94 -44.33 15.66
N THR A 22 -31.21 -44.18 16.76
CA THR A 22 -31.36 -43.01 17.61
C THR A 22 -30.58 -41.83 17.04
N ILE A 23 -30.87 -40.63 17.55
CA ILE A 23 -30.17 -39.43 17.13
C ILE A 23 -28.65 -39.57 17.27
N GLU A 24 -28.21 -40.07 18.43
CA GLU A 24 -26.78 -40.31 18.67
C GLU A 24 -26.18 -41.29 17.67
N GLU A 25 -26.89 -42.38 17.40
CA GLU A 25 -26.41 -43.39 16.45
C GLU A 25 -26.32 -42.85 15.03
N ARG A 26 -27.26 -42.00 14.66
CA ARG A 26 -27.29 -41.37 13.34
C ARG A 26 -26.14 -40.38 13.16
N VAL A 27 -25.85 -39.62 14.21
CA VAL A 27 -24.73 -38.67 14.19
C VAL A 27 -23.40 -39.41 14.05
N LYS A 28 -23.23 -40.49 14.82
CA LYS A 28 -21.98 -41.25 14.84
C LYS A 28 -21.75 -42.04 13.56
N LYS A 29 -22.84 -42.52 12.97
CA LYS A 29 -22.79 -43.19 11.67
C LYS A 29 -22.19 -42.24 10.61
N ILE A 30 -22.68 -41.02 10.59
CA ILE A 30 -22.21 -40.00 9.65
C ILE A 30 -20.73 -39.68 9.85
N ILE A 31 -20.36 -39.43 11.11
CA ILE A 31 -18.97 -39.12 11.45
C ILE A 31 -18.04 -40.27 11.05
N GLY A 32 -18.46 -41.49 11.35
CA GLY A 32 -17.69 -42.69 11.01
C GLY A 32 -17.46 -42.82 9.51
N GLU A 33 -18.52 -42.62 8.73
CA GLU A 33 -18.44 -42.72 7.28
C GLU A 33 -17.59 -41.61 6.68
N GLN A 34 -17.70 -40.42 7.25
CA GLN A 34 -16.95 -39.26 6.76
C GLN A 34 -15.46 -39.36 7.02
N LEU A 35 -15.11 -39.84 8.21
CA LEU A 35 -13.71 -39.80 8.69
C LEU A 35 -13.03 -41.17 8.67
N GLY A 36 -13.73 -42.17 8.17
CA GLY A 36 -13.16 -43.50 8.00
C GLY A 36 -12.86 -44.22 9.31
N VAL A 37 -13.59 -43.86 10.36
CA VAL A 37 -13.43 -44.49 11.67
C VAL A 37 -14.62 -45.41 11.99
N LYS A 38 -14.41 -46.30 12.95
CA LYS A 38 -15.48 -47.20 13.40
C LYS A 38 -16.55 -46.42 14.16
N GLN A 39 -17.81 -46.73 13.90
CA GLN A 39 -18.94 -46.03 14.51
C GLN A 39 -18.95 -46.16 16.04
N GLU A 40 -18.06 -46.99 16.57
CA GLU A 40 -17.94 -47.18 18.01
C GLU A 40 -16.65 -46.58 18.57
N GLU A 41 -15.77 -46.14 17.69
CA GLU A 41 -14.57 -45.39 18.07
C GLU A 41 -14.89 -43.91 18.21
N VAL A 42 -16.11 -43.53 17.83
CA VAL A 42 -16.57 -42.15 17.96
C VAL A 42 -17.18 -41.96 19.36
N THR A 43 -16.40 -41.34 20.24
CA THR A 43 -16.88 -41.04 21.60
C THR A 43 -17.55 -39.67 21.63
N ASN A 44 -18.50 -39.50 22.55
CA ASN A 44 -19.28 -38.27 22.67
C ASN A 44 -18.40 -37.05 22.96
N ASN A 45 -17.28 -37.28 23.64
CA ASN A 45 -16.38 -36.22 24.07
C ASN A 45 -15.31 -35.88 23.04
N ALA A 46 -15.25 -36.67 21.97
CA ALA A 46 -14.21 -36.50 20.96
C ALA A 46 -14.35 -35.19 20.20
N SER A 47 -13.24 -34.47 20.09
CA SER A 47 -13.17 -33.26 19.29
C SER A 47 -12.93 -33.62 17.83
N PHE A 48 -13.69 -33.00 16.93
CA PHE A 48 -13.63 -33.34 15.51
C PHE A 48 -12.23 -33.14 14.92
N VAL A 49 -11.62 -32.00 15.22
CA VAL A 49 -10.32 -31.65 14.64
C VAL A 49 -9.17 -32.39 15.30
N GLU A 50 -9.06 -32.26 16.62
CA GLU A 50 -7.93 -32.81 17.37
C GLU A 50 -7.97 -34.34 17.44
N ASP A 51 -9.05 -34.89 17.98
CA ASP A 51 -9.14 -36.32 18.23
C ASP A 51 -9.43 -37.13 16.97
N LEU A 52 -10.42 -36.67 16.19
CA LEU A 52 -10.88 -37.45 15.04
C LEU A 52 -10.15 -37.09 13.74
N GLY A 53 -9.43 -35.98 13.73
CA GLY A 53 -8.56 -35.62 12.63
C GLY A 53 -9.28 -35.07 11.41
N ALA A 54 -10.33 -34.29 11.65
CA ALA A 54 -11.10 -33.69 10.56
C ALA A 54 -10.40 -32.45 9.99
N ASP A 55 -10.12 -32.46 8.70
CA ASP A 55 -9.52 -31.30 8.05
C ASP A 55 -10.55 -30.26 7.63
N SER A 56 -10.10 -29.23 6.90
CA SER A 56 -10.94 -28.08 6.61
C SER A 56 -11.99 -28.33 5.52
N LEU A 57 -11.97 -29.53 4.94
CA LEU A 57 -13.06 -30.00 4.08
C LEU A 57 -13.97 -30.94 4.85
N ASP A 58 -13.36 -31.83 5.63
CA ASP A 58 -14.11 -32.81 6.44
C ASP A 58 -15.21 -32.14 7.25
N THR A 59 -14.88 -31.04 7.91
CA THR A 59 -15.83 -30.38 8.82
C THR A 59 -16.98 -29.73 8.06
N VAL A 60 -16.68 -29.18 6.89
CA VAL A 60 -17.71 -28.64 6.00
C VAL A 60 -18.65 -29.76 5.52
N GLU A 61 -18.05 -30.88 5.11
CA GLU A 61 -18.82 -32.02 4.60
C GLU A 61 -19.62 -32.70 5.71
N LEU A 62 -19.10 -32.63 6.94
CA LEU A 62 -19.81 -33.13 8.11
C LEU A 62 -21.10 -32.34 8.37
N VAL A 63 -21.01 -31.02 8.31
CA VAL A 63 -22.18 -30.17 8.52
C VAL A 63 -23.24 -30.40 7.44
N MET A 64 -22.80 -30.46 6.19
CA MET A 64 -23.71 -30.76 5.07
C MET A 64 -24.42 -32.11 5.27
N ALA A 65 -23.68 -33.12 5.69
CA ALA A 65 -24.24 -34.45 5.91
C ALA A 65 -25.24 -34.47 7.06
N LEU A 66 -24.94 -33.72 8.13
CA LEU A 66 -25.85 -33.61 9.27
C LEU A 66 -27.10 -32.81 8.92
N GLU A 67 -26.90 -31.72 8.18
CA GLU A 67 -28.02 -30.92 7.67
C GLU A 67 -28.97 -31.76 6.83
N GLU A 68 -28.40 -32.63 5.99
CA GLU A 68 -29.20 -33.51 5.15
C GLU A 68 -29.92 -34.57 5.98
N GLU A 69 -29.18 -35.27 6.83
CA GLU A 69 -29.72 -36.36 7.63
C GLU A 69 -30.87 -35.92 8.53
N PHE A 70 -30.75 -34.72 9.10
CA PHE A 70 -31.72 -34.25 10.09
C PHE A 70 -32.63 -33.14 9.55
N ASP A 71 -32.55 -32.91 8.24
CA ASP A 71 -33.46 -31.98 7.56
C ASP A 71 -33.49 -30.62 8.25
N THR A 72 -32.31 -30.01 8.41
CA THR A 72 -32.19 -28.76 9.15
C THR A 72 -31.16 -27.82 8.51
N GLU A 73 -31.21 -26.55 8.90
CA GLU A 73 -30.24 -25.56 8.43
C GLU A 73 -29.51 -24.93 9.60
N ILE A 74 -28.19 -25.15 9.65
CA ILE A 74 -27.36 -24.61 10.72
C ILE A 74 -26.62 -23.36 10.22
N PRO A 75 -26.89 -22.21 10.86
CA PRO A 75 -26.13 -20.98 10.56
C PRO A 75 -24.64 -21.16 10.83
N ASP A 76 -23.81 -20.45 10.07
CA ASP A 76 -22.35 -20.55 10.19
C ASP A 76 -21.87 -20.27 11.62
N GLU A 77 -22.55 -19.33 12.29
CA GLU A 77 -22.17 -18.92 13.64
C GLU A 77 -22.36 -20.04 14.66
N GLU A 78 -23.39 -20.85 14.44
CA GLU A 78 -23.69 -21.98 15.33
C GLU A 78 -22.77 -23.16 15.06
N ALA A 79 -22.46 -23.38 13.78
CA ALA A 79 -21.54 -24.44 13.38
C ALA A 79 -20.14 -24.21 13.94
N GLU A 80 -19.75 -22.93 14.04
CA GLU A 80 -18.46 -22.54 14.61
C GLU A 80 -18.34 -22.94 16.08
N LYS A 81 -19.47 -22.93 16.78
CA LYS A 81 -19.52 -23.28 18.20
C LYS A 81 -19.25 -24.76 18.45
N ILE A 82 -19.69 -25.59 17.51
CA ILE A 82 -19.65 -27.05 17.68
C ILE A 82 -18.25 -27.59 17.39
N THR A 83 -17.61 -28.11 18.43
CA THR A 83 -16.25 -28.65 18.31
C THR A 83 -16.19 -30.13 18.67
N THR A 84 -17.23 -30.61 19.35
CA THR A 84 -17.25 -31.95 19.91
C THR A 84 -18.48 -32.71 19.41
N VAL A 85 -18.40 -34.04 19.40
CA VAL A 85 -19.51 -34.91 19.02
C VAL A 85 -20.76 -34.60 19.84
N GLN A 86 -20.57 -34.40 21.15
CA GLN A 86 -21.68 -34.11 22.07
C GLN A 86 -22.38 -32.79 21.72
N ALA A 87 -21.58 -31.78 21.36
CA ALA A 87 -22.11 -30.49 20.95
C ALA A 87 -23.01 -30.60 19.71
N ALA A 88 -22.63 -31.48 18.80
CA ALA A 88 -23.43 -31.75 17.60
C ALA A 88 -24.74 -32.46 17.96
N ILE A 89 -24.65 -33.46 18.83
CA ILE A 89 -25.82 -34.16 19.34
C ILE A 89 -26.75 -33.21 20.09
N ASP A 90 -26.18 -32.34 20.91
CA ASP A 90 -26.96 -31.36 21.68
C ASP A 90 -27.68 -30.37 20.76
N TYR A 91 -27.02 -29.93 19.70
CA TYR A 91 -27.62 -28.99 18.77
C TYR A 91 -28.81 -29.61 18.05
N ILE A 92 -28.63 -30.84 17.58
CA ILE A 92 -29.69 -31.56 16.88
C ILE A 92 -30.88 -31.82 17.80
N ASN A 93 -30.59 -32.24 19.03
CA ASN A 93 -31.63 -32.43 20.05
C ASN A 93 -32.37 -31.14 20.41
N GLY A 94 -31.64 -30.04 20.45
CA GLY A 94 -32.23 -28.74 20.80
C GLY A 94 -33.01 -28.12 19.67
N HIS A 95 -32.94 -28.73 18.49
CA HIS A 95 -33.51 -28.16 17.28
C HIS A 95 -34.26 -29.19 16.46
N SER B 9 -31.23 -17.92 -4.22
CA SER B 9 -32.08 -17.61 -5.41
C SER B 9 -32.23 -16.11 -5.63
N GLU B 10 -32.44 -15.37 -4.54
CA GLU B 10 -32.53 -13.91 -4.60
C GLU B 10 -31.17 -13.28 -4.77
N PHE B 11 -30.15 -13.95 -4.25
CA PHE B 11 -28.76 -13.53 -4.43
C PHE B 11 -28.35 -13.66 -5.90
N LEU B 12 -28.72 -14.78 -6.52
CA LEU B 12 -28.35 -15.04 -7.91
C LEU B 12 -29.05 -14.08 -8.87
N LYS B 13 -30.25 -13.65 -8.50
CA LYS B 13 -31.02 -12.68 -9.27
C LYS B 13 -30.35 -11.31 -9.27
N ASN B 14 -29.81 -10.94 -8.12
CA ASN B 14 -29.15 -9.65 -7.95
C ASN B 14 -28.12 -9.70 -6.82
N PRO B 15 -26.89 -10.15 -7.13
CA PRO B 15 -25.83 -10.25 -6.13
C PRO B 15 -25.28 -8.88 -5.73
N TYR B 16 -25.59 -7.86 -6.51
CA TYR B 16 -24.93 -6.57 -6.41
C TYR B 16 -25.38 -5.74 -5.20
N SER B 17 -26.64 -5.92 -4.80
CA SER B 17 -27.11 -5.31 -3.56
C SER B 17 -26.49 -5.97 -2.33
N PHE B 18 -26.29 -7.28 -2.40
CA PHE B 18 -25.56 -8.01 -1.36
C PHE B 18 -24.12 -7.52 -1.23
N TYR B 19 -23.46 -7.31 -2.37
CA TYR B 19 -22.12 -6.75 -2.39
C TYR B 19 -22.10 -5.35 -1.79
N ASP B 20 -23.12 -4.56 -2.10
CA ASP B 20 -23.20 -3.16 -1.64
C ASP B 20 -23.28 -3.07 -0.12
N THR B 21 -24.06 -3.96 0.49
CA THR B 21 -24.21 -3.96 1.94
C THR B 21 -22.91 -4.32 2.66
N LEU B 22 -22.12 -5.20 2.06
CA LEU B 22 -20.80 -5.55 2.57
C LEU B 22 -19.84 -4.36 2.48
N ARG B 23 -19.86 -3.68 1.34
CA ARG B 23 -18.97 -2.57 1.06
C ARG B 23 -19.19 -1.41 2.04
N ALA B 24 -20.46 -1.18 2.40
CA ALA B 24 -20.84 -0.09 3.29
C ALA B 24 -20.33 -0.31 4.72
N VAL B 25 -20.21 -1.57 5.11
CA VAL B 25 -19.59 -1.92 6.39
C VAL B 25 -18.07 -1.74 6.30
N HIS B 26 -17.45 -2.47 5.39
CA HIS B 26 -16.02 -2.36 5.13
C HIS B 26 -15.67 -3.07 3.82
N PRO B 27 -14.86 -2.43 2.97
CA PRO B 27 -14.42 -3.02 1.71
C PRO B 27 -13.63 -4.32 1.88
N ILE B 28 -13.08 -4.53 3.07
CA ILE B 28 -12.59 -5.85 3.46
C ILE B 28 -13.37 -6.35 4.66
N TYR B 29 -14.27 -7.29 4.41
CA TYR B 29 -15.31 -7.66 5.36
C TYR B 29 -15.01 -9.04 5.96
N LYS B 30 -14.84 -9.09 7.28
CA LYS B 30 -14.68 -10.36 7.98
C LYS B 30 -16.04 -11.01 8.19
N GLY B 31 -16.16 -12.26 7.76
CA GLY B 31 -17.41 -12.97 7.84
C GLY B 31 -17.32 -14.41 7.38
N SER B 32 -18.48 -15.04 7.19
CA SER B 32 -18.54 -16.43 6.78
C SER B 32 -19.78 -16.65 5.91
N PHE B 33 -19.58 -17.28 4.76
CA PHE B 33 -20.68 -17.58 3.85
C PHE B 33 -20.55 -19.00 3.30
N LEU B 34 -21.68 -19.71 3.28
CA LEU B 34 -21.71 -21.14 2.97
C LEU B 34 -20.65 -21.93 3.73
N LYS B 35 -20.47 -21.58 5.00
CA LYS B 35 -19.59 -22.32 5.91
C LYS B 35 -18.10 -22.05 5.68
N TYR B 36 -17.80 -21.04 4.86
CA TYR B 36 -16.41 -20.68 4.58
C TYR B 36 -16.05 -19.33 5.19
N PRO B 37 -15.31 -19.36 6.32
CA PRO B 37 -14.90 -18.14 7.01
C PRO B 37 -13.70 -17.47 6.34
N GLY B 38 -13.68 -16.13 6.37
CA GLY B 38 -12.55 -15.39 5.83
C GLY B 38 -12.88 -13.94 5.54
N TRP B 39 -12.03 -13.30 4.76
CA TRP B 39 -12.19 -11.88 4.43
C TRP B 39 -12.77 -11.70 3.03
N TYR B 40 -13.90 -11.02 2.95
CA TYR B 40 -14.65 -10.87 1.72
C TYR B 40 -14.53 -9.45 1.15
N VAL B 41 -13.81 -9.34 0.03
CA VAL B 41 -13.35 -8.05 -0.48
C VAL B 41 -14.25 -7.55 -1.60
N THR B 42 -14.92 -6.43 -1.35
CA THR B 42 -15.77 -5.79 -2.36
C THR B 42 -15.14 -4.50 -2.89
N GLY B 43 -14.06 -4.06 -2.26
CA GLY B 43 -13.39 -2.82 -2.63
C GLY B 43 -12.44 -2.98 -3.80
N TYR B 44 -12.49 -2.04 -4.74
CA TYR B 44 -11.66 -2.08 -5.93
C TYR B 44 -10.17 -2.00 -5.63
N GLU B 45 -9.76 -0.95 -4.91
CA GLU B 45 -8.35 -0.73 -4.62
C GLU B 45 -7.79 -1.83 -3.72
N GLU B 46 -8.64 -2.34 -2.83
CA GLU B 46 -8.26 -3.44 -1.95
C GLU B 46 -8.08 -4.74 -2.73
N THR B 47 -9.01 -5.02 -3.65
CA THR B 47 -8.90 -6.19 -4.52
C THR B 47 -7.61 -6.13 -5.32
N ALA B 48 -7.39 -5.02 -6.01
CA ALA B 48 -6.20 -4.83 -6.83
C ALA B 48 -4.93 -5.01 -6.01
N ALA B 49 -4.90 -4.42 -4.82
CA ALA B 49 -3.74 -4.49 -3.92
C ALA B 49 -3.43 -5.92 -3.50
N ILE B 50 -4.47 -6.68 -3.14
CA ILE B 50 -4.30 -8.07 -2.72
C ILE B 50 -3.80 -8.94 -3.87
N LEU B 51 -4.39 -8.75 -5.05
CA LEU B 51 -4.03 -9.54 -6.23
C LEU B 51 -2.59 -9.28 -6.70
N LYS B 52 -2.11 -8.07 -6.45
CA LYS B 52 -0.73 -7.69 -6.79
C LYS B 52 0.27 -8.23 -5.79
N ASP B 53 -0.18 -8.46 -4.56
CA ASP B 53 0.69 -8.76 -3.44
C ASP B 53 0.96 -10.27 -3.35
N ALA B 54 2.20 -10.67 -3.64
CA ALA B 54 2.59 -12.08 -3.71
C ALA B 54 2.58 -12.79 -2.35
N ARG B 55 2.49 -12.02 -1.27
CA ARG B 55 2.34 -12.60 0.06
C ARG B 55 0.96 -13.25 0.23
N PHE B 56 -0.02 -12.73 -0.51
CA PHE B 56 -1.29 -13.44 -0.72
C PHE B 56 -1.07 -14.49 -1.79
N LYS B 57 -1.03 -15.75 -1.37
CA LYS B 57 -0.72 -16.85 -2.29
C LYS B 57 -1.99 -17.50 -2.81
N VAL B 58 -1.91 -18.09 -4.00
CA VAL B 58 -2.95 -19.01 -4.45
C VAL B 58 -2.83 -20.33 -3.72
N ARG B 59 -3.93 -21.09 -3.71
CA ARG B 59 -3.96 -22.37 -3.02
C ARG B 59 -4.95 -23.31 -3.68
N THR B 60 -4.71 -24.61 -3.49
CA THR B 60 -5.62 -25.65 -3.95
C THR B 60 -6.99 -25.46 -3.31
N PRO B 61 -8.07 -25.59 -4.10
CA PRO B 61 -9.44 -25.38 -3.63
C PRO B 61 -9.95 -26.53 -2.77
N LEU B 62 -9.16 -27.60 -2.66
CA LEU B 62 -9.36 -28.65 -1.65
C LEU B 62 -8.11 -28.72 -0.77
N PRO B 63 -8.27 -29.19 0.49
CA PRO B 63 -7.13 -29.26 1.42
C PRO B 63 -5.92 -29.96 0.81
N GLU B 64 -4.73 -29.41 1.09
CA GLU B 64 -3.49 -29.85 0.46
C GLU B 64 -3.27 -31.36 0.52
N SER B 65 -3.48 -31.92 1.72
CA SER B 65 -3.12 -33.31 2.00
C SER B 65 -4.33 -34.24 1.93
N SER B 66 -5.43 -33.75 1.39
CA SER B 66 -6.66 -34.53 1.28
C SER B 66 -6.55 -35.60 0.20
N THR B 67 -6.92 -36.83 0.55
CA THR B 67 -6.96 -37.93 -0.41
C THR B 67 -8.37 -38.51 -0.55
N LYS B 68 -9.37 -37.77 -0.08
CA LYS B 68 -10.76 -38.19 -0.20
C LYS B 68 -11.18 -38.21 -1.67
N TYR B 69 -10.70 -37.24 -2.43
CA TYR B 69 -10.86 -37.22 -3.87
C TYR B 69 -9.49 -37.14 -4.52
N GLN B 70 -8.76 -38.25 -4.45
CA GLN B 70 -7.34 -38.32 -4.77
C GLN B 70 -7.02 -37.85 -6.19
N ASP B 71 -7.83 -38.29 -7.14
CA ASP B 71 -7.58 -37.99 -8.55
C ASP B 71 -7.96 -36.55 -8.90
N LEU B 72 -9.06 -36.06 -8.34
CA LEU B 72 -9.45 -34.66 -8.46
C LEU B 72 -8.38 -33.73 -7.87
N SER B 73 -7.94 -34.05 -6.66
CA SER B 73 -6.90 -33.28 -5.98
C SER B 73 -5.62 -33.21 -6.81
N HIS B 74 -5.18 -34.36 -7.31
CA HIS B 74 -3.96 -34.45 -8.11
C HIS B 74 -4.03 -33.61 -9.38
N VAL B 75 -5.18 -33.66 -10.05
CA VAL B 75 -5.40 -32.86 -11.25
C VAL B 75 -5.38 -31.35 -10.94
N GLN B 76 -6.13 -30.96 -9.92
CA GLN B 76 -6.20 -29.55 -9.50
C GLN B 76 -4.82 -29.00 -9.14
N ASN B 77 -4.08 -29.75 -8.33
CA ASN B 77 -2.86 -29.26 -7.72
C ASN B 77 -1.71 -29.03 -8.71
N GLN B 78 -1.84 -29.64 -9.90
CA GLN B 78 -0.82 -29.50 -10.94
C GLN B 78 -1.05 -28.30 -11.84
N MET B 79 -2.21 -27.65 -11.68
CA MET B 79 -2.58 -26.51 -12.53
C MET B 79 -1.89 -25.23 -12.09
N MET B 80 -1.46 -24.42 -13.07
CA MET B 80 -0.76 -23.17 -12.81
C MET B 80 -1.59 -22.21 -11.95
N LEU B 81 -2.91 -22.32 -12.07
CA LEU B 81 -3.86 -21.47 -11.36
C LEU B 81 -3.73 -21.61 -9.84
N PHE B 82 -3.26 -22.77 -9.39
CA PHE B 82 -3.16 -23.07 -7.97
C PHE B 82 -1.71 -23.30 -7.53
N GLN B 83 -0.77 -22.89 -8.38
CA GLN B 83 0.66 -23.02 -8.08
C GLN B 83 1.29 -21.67 -7.80
N ASN B 84 2.24 -21.66 -6.87
CA ASN B 84 3.02 -20.46 -6.56
C ASN B 84 4.44 -20.56 -7.11
N GLN B 85 5.29 -19.62 -6.72
CA GLN B 85 6.70 -19.63 -7.13
C GLN B 85 7.42 -20.88 -6.61
N PRO B 86 8.32 -21.46 -7.42
CA PRO B 86 8.67 -21.05 -8.78
C PRO B 86 7.90 -21.81 -9.86
N ASP B 87 7.03 -22.73 -9.43
CA ASP B 87 6.33 -23.62 -10.35
C ASP B 87 5.38 -22.86 -11.28
N HIS B 88 4.78 -21.80 -10.78
CA HIS B 88 3.80 -21.02 -11.55
C HIS B 88 4.38 -20.45 -12.85
N ARG B 89 5.46 -19.68 -12.73
CA ARG B 89 6.06 -19.03 -13.90
C ARG B 89 6.46 -20.03 -14.97
N ARG B 90 7.08 -21.13 -14.55
CA ARG B 90 7.44 -22.21 -15.46
C ARG B 90 6.22 -22.70 -16.23
N LEU B 91 5.17 -23.08 -15.50
CA LEU B 91 3.96 -23.61 -16.11
C LEU B 91 3.25 -22.59 -17.01
N ARG B 92 3.17 -21.35 -16.54
CA ARG B 92 2.49 -20.30 -17.30
C ARG B 92 3.23 -19.96 -18.59
N THR B 93 4.55 -19.77 -18.50
CA THR B 93 5.38 -19.40 -19.64
C THR B 93 5.28 -20.44 -20.76
N LEU B 94 5.22 -21.72 -20.38
CA LEU B 94 5.15 -22.81 -21.36
C LEU B 94 3.81 -22.87 -22.10
N ALA B 95 2.74 -22.45 -21.44
CA ALA B 95 1.41 -22.45 -22.04
C ALA B 95 1.10 -21.15 -22.79
N SER B 96 1.88 -20.12 -22.52
CA SER B 96 1.57 -18.77 -23.00
C SER B 96 1.70 -18.61 -24.51
N GLY B 97 2.43 -19.52 -25.14
CA GLY B 97 2.72 -19.46 -26.57
C GLY B 97 1.49 -19.46 -27.46
N ALA B 98 0.44 -20.14 -27.00
CA ALA B 98 -0.81 -20.25 -27.76
C ALA B 98 -1.72 -19.03 -27.60
N PHE B 99 -1.32 -18.09 -26.74
CA PHE B 99 -2.20 -17.00 -26.35
C PHE B 99 -1.58 -15.61 -26.47
N THR B 100 -0.46 -15.53 -27.19
CA THR B 100 0.15 -14.25 -27.53
C THR B 100 -0.80 -13.44 -28.42
N PRO B 101 -0.64 -12.10 -28.42
CA PRO B 101 -1.48 -11.25 -29.26
C PRO B 101 -1.46 -11.69 -30.72
N ARG B 102 -0.29 -12.07 -31.21
CA ARG B 102 -0.12 -12.47 -32.61
C ARG B 102 -0.78 -13.82 -32.92
N THR B 103 -0.59 -14.79 -32.02
CA THR B 103 -1.20 -16.10 -32.18
C THR B 103 -2.73 -16.03 -32.04
N THR B 104 -3.20 -15.20 -31.11
CA THR B 104 -4.63 -15.00 -30.92
C THR B 104 -5.28 -14.42 -32.18
N GLU B 105 -4.61 -13.45 -32.78
CA GLU B 105 -5.09 -12.82 -34.02
C GLU B 105 -5.21 -13.83 -35.16
N SER B 106 -4.36 -14.85 -35.13
CA SER B 106 -4.37 -15.90 -36.16
C SER B 106 -5.58 -16.82 -36.04
N TYR B 107 -6.31 -16.71 -34.93
CA TYR B 107 -7.51 -17.52 -34.71
C TYR B 107 -8.74 -16.88 -35.36
N GLN B 108 -8.64 -15.60 -35.70
CA GLN B 108 -9.77 -14.82 -36.18
C GLN B 108 -10.53 -15.47 -37.35
N PRO B 109 -9.79 -15.94 -38.39
CA PRO B 109 -10.44 -16.59 -39.52
C PRO B 109 -11.35 -17.76 -39.10
N TYR B 110 -10.83 -18.66 -38.28
CA TYR B 110 -11.60 -19.81 -37.82
C TYR B 110 -12.82 -19.40 -36.97
N ILE B 111 -12.66 -18.34 -36.18
CA ILE B 111 -13.75 -17.85 -35.34
C ILE B 111 -14.90 -17.28 -36.16
N ILE B 112 -14.57 -16.42 -37.13
CA ILE B 112 -15.57 -15.86 -38.05
C ILE B 112 -16.30 -16.96 -38.83
N GLU B 113 -15.52 -17.93 -39.31
CA GLU B 113 -16.05 -19.07 -40.04
C GLU B 113 -17.07 -19.84 -39.21
N THR B 114 -16.69 -20.18 -37.99
CA THR B 114 -17.55 -20.95 -37.09
C THR B 114 -18.81 -20.18 -36.69
N VAL B 115 -18.67 -18.88 -36.44
CA VAL B 115 -19.80 -18.03 -36.09
C VAL B 115 -20.86 -18.02 -37.20
N HIS B 116 -20.44 -17.79 -38.44
CA HIS B 116 -21.34 -17.79 -39.59
C HIS B 116 -22.00 -19.15 -39.80
N HIS B 117 -21.21 -20.20 -39.64
CA HIS B 117 -21.71 -21.57 -39.78
C HIS B 117 -22.79 -21.87 -38.74
N LEU B 118 -22.59 -21.38 -37.51
CA LEU B 118 -23.53 -21.61 -36.43
C LEU B 118 -24.82 -20.80 -36.60
N LEU B 119 -24.68 -19.57 -37.10
CA LEU B 119 -25.82 -18.71 -37.36
C LEU B 119 -26.60 -19.17 -38.59
N ASP B 120 -25.93 -19.91 -39.48
CA ASP B 120 -26.57 -20.51 -40.65
C ASP B 120 -27.61 -21.54 -40.26
N GLN B 121 -27.29 -22.34 -39.25
CA GLN B 121 -28.12 -23.48 -38.85
C GLN B 121 -29.42 -23.05 -38.16
N VAL B 122 -29.52 -21.77 -37.83
CA VAL B 122 -30.68 -21.26 -37.09
C VAL B 122 -31.35 -20.09 -37.80
N GLN B 123 -30.76 -19.63 -38.90
CA GLN B 123 -31.20 -18.42 -39.59
C GLN B 123 -32.67 -18.47 -40.03
N GLY B 124 -33.10 -19.64 -40.49
CA GLY B 124 -34.46 -19.80 -41.00
C GLY B 124 -35.52 -19.95 -39.92
N LYS B 125 -35.07 -20.11 -38.67
CA LYS B 125 -35.94 -20.57 -37.59
C LYS B 125 -36.68 -19.44 -36.86
N LYS B 126 -36.17 -18.22 -36.98
CA LYS B 126 -36.74 -17.05 -36.30
C LYS B 126 -36.60 -17.12 -34.77
N LYS B 127 -35.92 -18.15 -34.29
CA LYS B 127 -35.80 -18.45 -32.87
C LYS B 127 -34.45 -19.10 -32.58
N MET B 128 -33.89 -18.85 -31.41
CA MET B 128 -32.60 -19.43 -31.04
C MET B 128 -32.40 -19.48 -29.53
N GLU B 129 -31.68 -20.50 -29.07
CA GLU B 129 -31.15 -20.54 -27.72
C GLU B 129 -29.67 -20.16 -27.75
N VAL B 130 -29.37 -18.93 -27.32
CA VAL B 130 -28.04 -18.33 -27.49
C VAL B 130 -26.90 -19.22 -27.01
N ILE B 131 -27.11 -19.93 -25.91
CA ILE B 131 -26.06 -20.75 -25.33
C ILE B 131 -25.84 -22.05 -26.09
N SER B 132 -26.89 -22.87 -26.20
CA SER B 132 -26.77 -24.18 -26.84
C SER B 132 -26.57 -24.10 -28.35
N ASP B 133 -27.15 -23.08 -28.99
CA ASP B 133 -27.10 -22.96 -30.44
C ASP B 133 -25.92 -22.13 -30.96
N PHE B 134 -25.33 -21.32 -30.08
CA PHE B 134 -24.39 -20.30 -30.53
C PHE B 134 -23.16 -20.16 -29.63
N ALA B 135 -23.37 -19.68 -28.41
CA ALA B 135 -22.26 -19.36 -27.51
C ALA B 135 -21.39 -20.57 -27.17
N PHE B 136 -22.03 -21.67 -26.81
CA PHE B 136 -21.30 -22.87 -26.40
C PHE B 136 -20.56 -23.57 -27.54
N PRO B 137 -21.27 -23.85 -28.66
CA PRO B 137 -20.61 -24.47 -29.81
C PRO B 137 -19.37 -23.69 -30.29
N LEU B 138 -19.49 -22.37 -30.37
CA LEU B 138 -18.35 -21.54 -30.79
C LEU B 138 -17.16 -21.74 -29.84
N ALA B 139 -17.39 -21.51 -28.55
CA ALA B 139 -16.33 -21.63 -27.55
C ALA B 139 -15.72 -23.02 -27.53
N SER B 140 -16.56 -24.04 -27.61
CA SER B 140 -16.12 -25.43 -27.63
C SER B 140 -15.26 -25.75 -28.85
N PHE B 141 -15.76 -25.40 -30.04
CA PHE B 141 -15.02 -25.61 -31.29
C PHE B 141 -13.65 -24.93 -31.27
N VAL B 142 -13.63 -23.70 -30.78
CA VAL B 142 -12.41 -22.88 -30.78
C VAL B 142 -11.32 -23.48 -29.89
N ILE B 143 -11.66 -23.77 -28.64
CA ILE B 143 -10.67 -24.25 -27.68
C ILE B 143 -10.21 -25.67 -27.96
N ALA B 144 -11.10 -26.50 -28.50
CA ALA B 144 -10.76 -27.86 -28.89
C ALA B 144 -9.79 -27.86 -30.06
N ASN B 145 -10.00 -26.92 -30.99
CA ASN B 145 -9.11 -26.73 -32.13
C ASN B 145 -7.72 -26.25 -31.69
N ILE B 146 -7.69 -25.31 -30.75
CA ILE B 146 -6.43 -24.79 -30.21
C ILE B 146 -5.64 -25.87 -29.46
N ILE B 147 -6.32 -26.61 -28.59
CA ILE B 147 -5.67 -27.66 -27.80
C ILE B 147 -5.22 -28.81 -28.70
N GLY B 148 -6.08 -29.21 -29.64
CA GLY B 148 -5.80 -30.33 -30.52
C GLY B 148 -6.66 -31.53 -30.23
N VAL B 149 -7.88 -31.28 -29.76
CA VAL B 149 -8.84 -32.34 -29.48
C VAL B 149 -9.69 -32.60 -30.73
N PRO B 150 -9.70 -33.86 -31.21
CA PRO B 150 -10.44 -34.24 -32.42
C PRO B 150 -11.93 -33.94 -32.29
N GLU B 151 -12.59 -33.71 -33.42
CA GLU B 151 -14.01 -33.39 -33.40
C GLU B 151 -14.87 -34.49 -32.79
N GLU B 152 -14.41 -35.73 -32.87
CA GLU B 152 -15.12 -36.87 -32.33
C GLU B 152 -15.16 -36.85 -30.80
N ASP B 153 -14.17 -36.20 -30.19
CA ASP B 153 -14.00 -36.23 -28.74
C ASP B 153 -14.47 -34.95 -28.05
N ARG B 154 -15.13 -34.07 -28.80
CA ARG B 154 -15.47 -32.74 -28.29
C ARG B 154 -16.65 -32.74 -27.32
N GLU B 155 -17.61 -33.64 -27.54
CA GLU B 155 -18.77 -33.75 -26.66
C GLU B 155 -18.38 -34.25 -25.27
N GLN B 156 -17.43 -35.17 -25.23
CA GLN B 156 -16.90 -35.71 -23.98
C GLN B 156 -16.19 -34.62 -23.18
N LEU B 157 -15.52 -33.71 -23.90
CA LEU B 157 -14.80 -32.60 -23.28
C LEU B 157 -15.75 -31.61 -22.61
N LYS B 158 -16.89 -31.38 -23.26
CA LYS B 158 -17.96 -30.54 -22.71
C LYS B 158 -18.41 -31.04 -21.34
N GLU B 159 -18.57 -32.36 -21.23
CA GLU B 159 -19.06 -33.00 -20.01
C GLU B 159 -18.06 -32.89 -18.86
N TRP B 160 -16.78 -33.04 -19.17
CA TRP B 160 -15.72 -32.90 -18.17
C TRP B 160 -15.64 -31.47 -17.63
N ALA B 161 -15.76 -30.49 -18.53
CA ALA B 161 -15.66 -29.09 -18.15
C ALA B 161 -16.78 -28.65 -17.22
N ALA B 162 -18.01 -29.06 -17.54
CA ALA B 162 -19.19 -28.70 -16.75
C ALA B 162 -19.15 -29.32 -15.35
N SER B 163 -18.57 -30.52 -15.25
CA SER B 163 -18.47 -31.22 -13.98
C SER B 163 -17.34 -30.67 -13.11
N LEU B 164 -16.21 -30.37 -13.74
CA LEU B 164 -15.01 -29.96 -13.00
C LEU B 164 -15.07 -28.52 -12.52
N ILE B 165 -15.79 -27.66 -13.24
CA ILE B 165 -15.98 -26.26 -12.83
C ILE B 165 -16.71 -26.16 -11.48
N GLN B 166 -17.61 -27.11 -11.23
CA GLN B 166 -18.38 -27.15 -9.99
C GLN B 166 -17.51 -27.41 -8.77
N THR B 167 -16.41 -28.13 -8.99
CA THR B 167 -15.59 -28.66 -7.88
C THR B 167 -14.85 -27.57 -7.10
N ILE B 168 -14.78 -26.37 -7.66
CA ILE B 168 -14.10 -25.26 -7.00
C ILE B 168 -15.06 -24.24 -6.38
N ASP B 169 -16.34 -24.38 -6.69
CA ASP B 169 -17.34 -23.38 -6.31
C ASP B 169 -17.83 -23.57 -4.89
N PHE B 170 -18.25 -22.48 -4.26
CA PHE B 170 -18.83 -22.51 -2.92
C PHE B 170 -20.05 -23.43 -2.85
N THR B 171 -20.75 -23.59 -3.96
CA THR B 171 -21.99 -24.36 -4.01
C THR B 171 -21.77 -25.86 -4.16
N ARG B 172 -20.51 -26.29 -4.16
CA ARG B 172 -20.18 -27.70 -4.37
C ARG B 172 -20.73 -28.59 -3.27
N SER B 173 -21.00 -29.84 -3.62
CA SER B 173 -21.49 -30.83 -2.67
C SER B 173 -20.59 -32.07 -2.70
N ARG B 174 -20.85 -33.00 -1.78
CA ARG B 174 -20.17 -34.30 -1.78
C ARG B 174 -20.39 -35.04 -3.10
N LYS B 175 -21.61 -34.94 -3.64
CA LYS B 175 -21.94 -35.56 -4.91
C LYS B 175 -21.17 -34.94 -6.06
N ALA B 176 -21.04 -33.61 -6.04
CA ALA B 176 -20.31 -32.88 -7.07
C ALA B 176 -18.84 -33.30 -7.10
N LEU B 177 -18.27 -33.49 -5.92
CA LEU B 177 -16.84 -33.82 -5.80
C LEU B 177 -16.54 -35.27 -6.17
N THR B 178 -17.47 -36.17 -5.84
CA THR B 178 -17.36 -37.57 -6.24
C THR B 178 -17.45 -37.72 -7.76
N GLU B 179 -18.40 -37.02 -8.37
CA GLU B 179 -18.52 -36.99 -9.83
C GLU B 179 -17.29 -36.32 -10.46
N GLY B 180 -16.79 -35.29 -9.79
CA GLY B 180 -15.57 -34.60 -10.22
C GLY B 180 -14.35 -35.50 -10.25
N ASN B 181 -14.25 -36.39 -9.27
CA ASN B 181 -13.14 -37.35 -9.22
C ASN B 181 -13.17 -38.34 -10.38
N ILE B 182 -14.37 -38.76 -10.77
CA ILE B 182 -14.55 -39.66 -11.91
C ILE B 182 -14.16 -38.97 -13.23
N MET B 183 -14.61 -37.73 -13.41
CA MET B 183 -14.28 -36.97 -14.60
C MET B 183 -12.79 -36.63 -14.65
N ALA B 184 -12.18 -36.45 -13.48
CA ALA B 184 -10.74 -36.23 -13.38
C ALA B 184 -9.96 -37.44 -13.89
N VAL B 185 -10.39 -38.63 -13.50
CA VAL B 185 -9.80 -39.88 -13.99
C VAL B 185 -9.92 -39.99 -15.51
N GLN B 186 -11.11 -39.72 -16.02
CA GLN B 186 -11.39 -39.84 -17.46
C GLN B 186 -10.59 -38.84 -18.29
N ALA B 187 -10.60 -37.58 -17.86
CA ALA B 187 -9.93 -36.51 -18.59
C ALA B 187 -8.41 -36.71 -18.62
N MET B 188 -7.85 -37.09 -17.47
CA MET B 188 -6.41 -37.32 -17.35
C MET B 188 -5.96 -38.51 -18.21
N ALA B 189 -6.75 -39.57 -18.22
CA ALA B 189 -6.47 -40.75 -19.04
C ALA B 189 -6.55 -40.42 -20.54
N TYR B 190 -7.53 -39.60 -20.91
CA TYR B 190 -7.72 -39.20 -22.30
C TYR B 190 -6.57 -38.34 -22.82
N PHE B 191 -6.14 -37.37 -22.01
CA PHE B 191 -5.09 -36.45 -22.44
C PHE B 191 -3.71 -37.10 -22.44
N LYS B 192 -3.51 -38.07 -21.55
CA LYS B 192 -2.29 -38.89 -21.57
C LYS B 192 -2.20 -39.70 -22.86
N GLU B 193 -3.33 -40.24 -23.31
CA GLU B 193 -3.33 -41.00 -24.56
C GLU B 193 -3.19 -40.09 -25.79
N LEU B 194 -3.75 -38.89 -25.72
CA LEU B 194 -3.57 -37.91 -26.79
C LEU B 194 -2.14 -37.39 -26.84
N ILE B 195 -1.51 -37.27 -25.68
CA ILE B 195 -0.10 -36.86 -25.60
C ILE B 195 0.83 -37.94 -26.15
N GLN B 196 0.48 -39.21 -25.95
CA GLN B 196 1.25 -40.32 -26.51
C GLN B 196 1.18 -40.31 -28.04
N LYS B 197 0.03 -39.92 -28.58
CA LYS B 197 -0.15 -39.82 -30.03
C LYS B 197 0.67 -38.67 -30.60
N ARG B 198 0.66 -37.54 -29.90
CA ARG B 198 1.37 -36.35 -30.37
C ARG B 198 2.88 -36.46 -30.16
N LYS B 199 3.29 -37.36 -29.26
CA LYS B 199 4.70 -37.64 -29.04
C LYS B 199 5.29 -38.38 -30.24
N ARG B 200 4.54 -39.37 -30.74
CA ARG B 200 4.94 -40.11 -31.93
C ARG B 200 4.73 -39.28 -33.20
N HIS B 201 3.60 -38.58 -33.26
CA HIS B 201 3.27 -37.76 -34.42
C HIS B 201 2.78 -36.38 -34.00
N PRO B 202 3.71 -35.42 -33.90
CA PRO B 202 3.38 -34.04 -33.53
C PRO B 202 2.46 -33.40 -34.55
N GLN B 203 1.48 -32.63 -34.07
CA GLN B 203 0.59 -31.88 -34.94
C GLN B 203 0.70 -30.39 -34.68
N GLN B 204 -0.08 -29.62 -35.43
CA GLN B 204 -0.11 -28.16 -35.31
C GLN B 204 -1.11 -27.75 -34.22
N ASP B 205 -0.82 -28.11 -32.98
CA ASP B 205 -1.71 -27.77 -31.87
C ASP B 205 -0.93 -27.50 -30.59
N MET B 206 -1.65 -27.20 -29.52
CA MET B 206 -1.03 -26.76 -28.28
C MET B 206 -0.37 -27.91 -27.52
N ILE B 207 -0.97 -29.09 -27.59
CA ILE B 207 -0.41 -30.28 -26.96
C ILE B 207 1.02 -30.54 -27.45
N SER B 208 1.20 -30.53 -28.77
CA SER B 208 2.52 -30.69 -29.38
C SER B 208 3.48 -29.59 -28.92
N MET B 209 2.98 -28.36 -28.90
CA MET B 209 3.74 -27.20 -28.45
C MET B 209 4.29 -27.39 -27.04
N LEU B 210 3.44 -27.92 -26.15
CA LEU B 210 3.83 -28.17 -24.76
C LEU B 210 4.88 -29.26 -24.64
N LEU B 211 4.82 -30.23 -25.54
CA LEU B 211 5.75 -31.36 -25.54
C LEU B 211 7.15 -30.95 -25.97
N LYS B 212 7.21 -30.00 -26.90
CA LYS B 212 8.49 -29.48 -27.39
C LYS B 212 9.30 -28.79 -26.29
N GLY B 213 8.59 -28.08 -25.40
CA GLY B 213 9.24 -27.35 -24.31
C GLY B 213 9.71 -25.98 -24.74
N ASP B 217 11.34 -24.77 -17.98
CA ASP B 217 11.88 -25.15 -19.28
C ASP B 217 11.09 -26.32 -19.89
N LYS B 218 10.61 -27.22 -19.04
CA LYS B 218 9.86 -28.38 -19.51
C LYS B 218 8.79 -28.87 -18.55
N LEU B 219 7.80 -29.58 -19.12
CA LEU B 219 6.67 -30.10 -18.36
C LEU B 219 6.72 -31.62 -18.32
N THR B 220 6.27 -32.20 -17.22
CA THR B 220 5.94 -33.62 -17.19
C THR B 220 4.66 -33.87 -17.99
N GLU B 221 4.46 -35.11 -18.42
CA GLU B 221 3.29 -35.43 -19.24
C GLU B 221 1.98 -35.25 -18.49
N GLU B 222 2.03 -35.38 -17.15
CA GLU B 222 0.87 -35.10 -16.31
C GLU B 222 0.61 -33.61 -16.17
N GLU B 223 1.67 -32.82 -16.13
CA GLU B 223 1.56 -31.35 -16.10
C GLU B 223 0.97 -30.83 -17.39
N ALA B 224 1.35 -31.44 -18.51
CA ALA B 224 0.80 -31.09 -19.82
C ALA B 224 -0.69 -31.42 -19.91
N ALA B 225 -1.06 -32.58 -19.37
CA ALA B 225 -2.46 -33.01 -19.36
C ALA B 225 -3.33 -32.08 -18.51
N SER B 226 -2.87 -31.77 -17.31
CA SER B 226 -3.61 -30.88 -16.41
C SER B 226 -3.72 -29.45 -16.96
N THR B 227 -2.67 -29.01 -17.67
CA THR B 227 -2.71 -27.74 -18.41
C THR B 227 -3.83 -27.74 -19.45
N CYS B 228 -3.91 -28.81 -20.23
CA CYS B 228 -4.96 -28.96 -21.25
C CYS B 228 -6.35 -28.94 -20.63
N ILE B 229 -6.50 -29.63 -19.51
CA ILE B 229 -7.76 -29.70 -18.79
C ILE B 229 -8.21 -28.31 -18.31
N LEU B 230 -7.27 -27.55 -17.74
CA LEU B 230 -7.54 -26.20 -17.27
C LEU B 230 -8.00 -25.29 -18.40
N LEU B 231 -7.31 -25.33 -19.52
CA LEU B 231 -7.64 -24.48 -20.66
C LEU B 231 -8.97 -24.88 -21.29
N ALA B 232 -9.24 -26.19 -21.30
CA ALA B 232 -10.51 -26.71 -21.78
C ALA B 232 -11.69 -26.19 -20.95
N ILE B 233 -11.52 -26.19 -19.62
CA ILE B 233 -12.54 -25.69 -18.72
C ILE B 233 -12.76 -24.19 -18.90
N ALA B 234 -11.66 -23.44 -18.93
CA ALA B 234 -11.72 -21.98 -19.11
C ALA B 234 -12.33 -21.61 -20.45
N GLY B 235 -11.95 -22.33 -21.50
CA GLY B 235 -12.47 -22.10 -22.84
C GLY B 235 -13.95 -22.36 -22.98
N HIS B 236 -14.44 -23.36 -22.24
CA HIS B 236 -15.85 -23.72 -22.28
C HIS B 236 -16.68 -22.76 -21.42
N GLU B 237 -16.44 -22.79 -20.12
CA GLU B 237 -17.33 -22.16 -19.15
C GLU B 237 -17.39 -20.63 -19.25
N THR B 238 -16.27 -19.98 -18.95
CA THR B 238 -16.24 -18.52 -18.78
C THR B 238 -16.50 -17.75 -20.08
N THR B 239 -15.96 -18.25 -21.18
CA THR B 239 -16.15 -17.61 -22.49
C THR B 239 -17.61 -17.64 -22.93
N VAL B 240 -18.28 -18.77 -22.72
CA VAL B 240 -19.71 -18.90 -23.00
C VAL B 240 -20.50 -17.87 -22.18
N ASN B 241 -20.16 -17.76 -20.90
CA ASN B 241 -20.79 -16.79 -20.00
C ASN B 241 -20.62 -15.35 -20.48
N LEU B 242 -19.42 -15.00 -20.93
CA LEU B 242 -19.17 -13.67 -21.47
C LEU B 242 -20.10 -13.35 -22.64
N ILE B 243 -20.14 -14.25 -23.63
CA ILE B 243 -20.97 -14.05 -24.81
C ILE B 243 -22.44 -13.88 -24.46
N SER B 244 -22.97 -14.81 -23.65
CA SER B 244 -24.38 -14.82 -23.29
C SER B 244 -24.76 -13.66 -22.36
N ASN B 245 -23.91 -13.37 -21.37
CA ASN B 245 -24.11 -12.22 -20.49
C ASN B 245 -24.16 -10.91 -21.28
N SER B 246 -23.29 -10.80 -22.29
CA SER B 246 -23.21 -9.60 -23.11
C SER B 246 -24.47 -9.40 -23.94
N VAL B 247 -24.99 -10.48 -24.51
CA VAL B 247 -26.20 -10.42 -25.32
C VAL B 247 -27.42 -10.01 -24.49
N LEU B 248 -27.60 -10.66 -23.34
CA LEU B 248 -28.67 -10.29 -22.43
C LEU B 248 -28.54 -8.83 -22.00
N CYS B 249 -27.31 -8.44 -21.69
CA CYS B 249 -27.00 -7.09 -21.25
C CYS B 249 -27.43 -6.03 -22.27
N LEU B 250 -27.08 -6.27 -23.53
CA LEU B 250 -27.40 -5.32 -24.60
C LEU B 250 -28.89 -5.26 -24.89
N LEU B 251 -29.56 -6.41 -24.83
CA LEU B 251 -31.00 -6.48 -25.08
C LEU B 251 -31.81 -5.81 -23.97
N GLN B 252 -31.26 -5.80 -22.77
CA GLN B 252 -31.89 -5.13 -21.63
C GLN B 252 -31.70 -3.61 -21.67
N HIS B 253 -30.76 -3.17 -22.50
CA HIS B 253 -30.53 -1.75 -22.73
C HIS B 253 -30.60 -1.42 -24.22
N PRO B 254 -31.83 -1.30 -24.76
CA PRO B 254 -32.06 -1.18 -26.19
C PRO B 254 -31.37 0.03 -26.82
N GLU B 255 -31.22 1.10 -26.03
CA GLU B 255 -30.58 2.32 -26.52
C GLU B 255 -29.09 2.14 -26.78
N GLN B 256 -28.44 1.32 -25.95
CA GLN B 256 -27.03 0.98 -26.14
C GLN B 256 -26.86 -0.03 -27.27
N LEU B 257 -27.81 -0.96 -27.37
CA LEU B 257 -27.80 -1.96 -28.44
C LEU B 257 -27.91 -1.29 -29.81
N LEU B 258 -28.84 -0.35 -29.93
CA LEU B 258 -29.02 0.41 -31.16
C LEU B 258 -27.76 1.18 -31.53
N LYS B 259 -27.10 1.77 -30.52
CA LYS B 259 -25.83 2.46 -30.73
C LYS B 259 -24.79 1.55 -31.37
N LEU B 260 -24.74 0.30 -30.89
CA LEU B 260 -23.69 -0.64 -31.29
C LEU B 260 -23.98 -1.26 -32.65
N ARG B 261 -25.26 -1.54 -32.90
CA ARG B 261 -25.68 -2.01 -34.22
C ARG B 261 -25.36 -0.98 -35.29
N GLU B 262 -25.63 0.29 -34.99
CA GLU B 262 -25.35 1.38 -35.91
C GLU B 262 -23.85 1.66 -36.06
N ASN B 263 -23.09 1.34 -35.01
CA ASN B 263 -21.65 1.58 -35.01
C ASN B 263 -20.86 0.38 -34.47
N PRO B 264 -20.53 -0.58 -35.35
CA PRO B 264 -19.89 -1.83 -34.97
C PRO B 264 -18.48 -1.66 -34.42
N ASP B 265 -17.87 -0.49 -34.65
CA ASP B 265 -16.53 -0.20 -34.12
C ASP B 265 -16.56 0.03 -32.61
N LEU B 266 -17.75 0.18 -32.05
CA LEU B 266 -17.92 0.35 -30.61
C LEU B 266 -17.87 -0.99 -29.88
N ILE B 267 -17.64 -2.06 -30.62
CA ILE B 267 -17.67 -3.42 -30.04
C ILE B 267 -16.61 -3.61 -28.96
N GLY B 268 -15.45 -3.01 -29.17
CA GLY B 268 -14.35 -3.11 -28.20
C GLY B 268 -14.73 -2.53 -26.85
N THR B 269 -15.17 -1.28 -26.85
CA THR B 269 -15.56 -0.59 -25.62
C THR B 269 -16.82 -1.17 -25.00
N ALA B 270 -17.67 -1.75 -25.86
CA ALA B 270 -18.92 -2.37 -25.41
C ALA B 270 -18.68 -3.69 -24.69
N VAL B 271 -17.77 -4.50 -25.21
CA VAL B 271 -17.41 -5.77 -24.57
C VAL B 271 -16.72 -5.56 -23.22
N GLU B 272 -15.95 -4.47 -23.11
CA GLU B 272 -15.28 -4.14 -21.86
C GLU B 272 -16.28 -3.74 -20.77
N GLU B 273 -17.35 -3.05 -21.16
CA GLU B 273 -18.40 -2.67 -20.23
C GLU B 273 -19.29 -3.85 -19.86
N CYS B 274 -19.45 -4.81 -20.78
CA CYS B 274 -20.13 -6.06 -20.46
C CYS B 274 -19.32 -6.89 -19.46
N LEU B 275 -18.00 -6.88 -19.62
CA LEU B 275 -17.08 -7.50 -18.65
C LEU B 275 -17.19 -6.87 -17.26
N ARG B 276 -17.20 -5.54 -17.20
CA ARG B 276 -17.35 -4.82 -15.94
C ARG B 276 -18.71 -5.07 -15.28
N TYR B 277 -19.77 -5.01 -16.09
CA TYR B 277 -21.14 -4.94 -15.59
C TYR B 277 -21.69 -6.30 -15.16
N GLU B 278 -21.40 -7.33 -15.95
CA GLU B 278 -21.82 -8.69 -15.62
C GLU B 278 -20.66 -9.68 -15.78
N SER B 279 -19.74 -9.63 -14.83
CA SER B 279 -18.48 -10.36 -14.94
C SER B 279 -18.68 -11.88 -14.85
N PRO B 280 -18.21 -12.61 -15.87
CA PRO B 280 -18.34 -14.07 -15.93
C PRO B 280 -17.76 -14.76 -14.69
N THR B 281 -16.63 -14.24 -14.20
CA THR B 281 -16.05 -14.73 -12.95
C THR B 281 -16.32 -13.75 -11.82
N GLN B 282 -17.03 -14.23 -10.80
CA GLN B 282 -17.46 -13.37 -9.70
C GLN B 282 -16.54 -13.46 -8.47
N MET B 283 -15.72 -14.50 -8.42
CA MET B 283 -14.86 -14.74 -7.27
C MET B 283 -13.54 -15.40 -7.66
N THR B 284 -12.46 -14.90 -7.07
CA THR B 284 -11.26 -15.70 -6.90
C THR B 284 -10.81 -15.61 -5.44
N ALA B 285 -9.74 -16.34 -5.09
CA ALA B 285 -9.37 -16.51 -3.69
C ALA B 285 -7.87 -16.56 -3.47
N ARG B 286 -7.43 -16.10 -2.30
CA ARG B 286 -6.04 -16.17 -1.87
C ARG B 286 -5.95 -16.58 -0.40
N VAL B 287 -4.80 -17.13 -0.01
CA VAL B 287 -4.49 -17.36 1.40
C VAL B 287 -3.29 -16.51 1.84
N ALA B 288 -3.37 -15.96 3.04
CA ALA B 288 -2.29 -15.14 3.59
C ALA B 288 -1.13 -16.02 4.07
N SER B 289 0.04 -15.83 3.50
CA SER B 289 1.22 -16.60 3.86
C SER B 289 1.91 -16.04 5.10
N GLU B 290 1.49 -14.85 5.52
CA GLU B 290 1.96 -14.23 6.74
C GLU B 290 0.96 -13.18 7.20
N ASP B 291 1.20 -12.59 8.37
CA ASP B 291 0.37 -11.49 8.84
C ASP B 291 0.55 -10.26 7.95
N ILE B 292 -0.58 -9.71 7.48
CA ILE B 292 -0.56 -8.62 6.52
C ILE B 292 -1.51 -7.51 6.94
N ASP B 293 -1.00 -6.28 7.02
CA ASP B 293 -1.82 -5.11 7.28
C ASP B 293 -2.21 -4.41 5.99
N ILE B 294 -3.51 -4.23 5.80
CA ILE B 294 -4.04 -3.50 4.65
C ILE B 294 -5.36 -2.85 5.01
N CYS B 295 -5.56 -1.62 4.54
CA CYS B 295 -6.86 -0.94 4.64
C CYS B 295 -7.36 -0.91 6.08
N GLY B 296 -6.45 -0.77 7.03
CA GLY B 296 -6.80 -0.64 8.45
C GLY B 296 -7.30 -1.91 9.10
N VAL B 297 -6.98 -3.06 8.48
CA VAL B 297 -7.22 -4.35 9.11
C VAL B 297 -5.97 -5.23 9.04
N THR B 298 -5.92 -6.25 9.90
CA THR B 298 -4.85 -7.23 9.89
C THR B 298 -5.38 -8.59 9.45
N ILE B 299 -4.85 -9.09 8.34
CA ILE B 299 -5.16 -10.45 7.91
C ILE B 299 -4.05 -11.39 8.36
N ARG B 300 -4.40 -12.32 9.24
CA ARG B 300 -3.41 -13.18 9.89
C ARG B 300 -3.00 -14.34 8.98
N GLN B 301 -1.80 -14.86 9.22
CA GLN B 301 -1.29 -15.99 8.46
C GLN B 301 -2.28 -17.14 8.46
N GLY B 302 -2.54 -17.70 7.28
CA GLY B 302 -3.41 -18.87 7.15
C GLY B 302 -4.86 -18.56 6.85
N GLU B 303 -5.24 -17.30 7.04
CA GLU B 303 -6.63 -16.89 6.83
C GLU B 303 -6.96 -16.74 5.34
N GLN B 304 -8.20 -17.07 4.99
CA GLN B 304 -8.62 -17.08 3.58
C GLN B 304 -9.19 -15.73 3.15
N VAL B 305 -8.86 -15.32 1.93
CA VAL B 305 -9.30 -14.04 1.37
C VAL B 305 -10.07 -14.27 0.08
N TYR B 306 -11.30 -13.78 0.03
CA TYR B 306 -12.18 -14.01 -1.10
C TYR B 306 -12.48 -12.72 -1.85
N LEU B 307 -12.00 -12.65 -3.08
CA LEU B 307 -12.04 -11.44 -3.88
C LEU B 307 -13.24 -11.45 -4.82
N LEU B 308 -14.20 -10.57 -4.55
CA LEU B 308 -15.43 -10.52 -5.31
C LEU B 308 -15.29 -9.54 -6.47
N LEU B 309 -14.90 -10.07 -7.62
CA LEU B 309 -14.48 -9.24 -8.75
C LEU B 309 -15.63 -8.41 -9.31
N GLY B 310 -16.83 -8.99 -9.28
CA GLY B 310 -18.03 -8.29 -9.71
C GLY B 310 -18.36 -7.12 -8.81
N ALA B 311 -18.10 -7.28 -7.51
CA ALA B 311 -18.30 -6.23 -6.53
C ALA B 311 -17.33 -5.07 -6.70
N ALA B 312 -16.04 -5.41 -6.89
CA ALA B 312 -15.01 -4.41 -7.14
C ALA B 312 -15.30 -3.60 -8.40
N ASN B 313 -15.88 -4.27 -9.41
CA ASN B 313 -16.25 -3.61 -10.65
C ASN B 313 -17.41 -2.62 -10.51
N ARG B 314 -18.05 -2.60 -9.34
CA ARG B 314 -19.13 -1.66 -9.07
C ARG B 314 -18.74 -0.65 -7.98
N ASP B 315 -17.43 -0.47 -7.75
CA ASP B 315 -16.96 0.48 -6.76
C ASP B 315 -17.10 1.92 -7.25
N PRO B 316 -17.94 2.72 -6.56
CA PRO B 316 -18.25 4.08 -6.99
C PRO B 316 -17.05 5.04 -6.95
N SER B 317 -16.02 4.69 -6.19
CA SER B 317 -14.82 5.52 -6.11
C SER B 317 -13.93 5.36 -7.34
N ILE B 318 -14.30 4.41 -8.20
CA ILE B 318 -13.57 4.17 -9.44
C ILE B 318 -14.47 4.38 -10.65
N PHE B 319 -15.68 3.84 -10.57
CA PHE B 319 -16.65 3.95 -11.66
C PHE B 319 -17.82 4.82 -11.22
N THR B 320 -17.92 6.02 -11.79
CA THR B 320 -19.03 6.90 -11.51
C THR B 320 -20.33 6.28 -12.01
N ASN B 321 -21.37 6.35 -11.19
CA ASN B 321 -22.63 5.67 -11.45
C ASN B 321 -22.41 4.20 -11.83
N PRO B 322 -21.88 3.40 -10.88
CA PRO B 322 -21.37 2.06 -11.17
C PRO B 322 -22.46 1.09 -11.64
N ASP B 323 -23.71 1.35 -11.24
CA ASP B 323 -24.81 0.46 -11.59
C ASP B 323 -25.45 0.84 -12.92
N VAL B 324 -24.87 1.82 -13.61
CA VAL B 324 -25.33 2.20 -14.94
C VAL B 324 -24.48 1.53 -16.01
N PHE B 325 -25.15 0.84 -16.93
CA PHE B 325 -24.50 0.20 -18.07
C PHE B 325 -24.27 1.24 -19.17
N ASP B 326 -23.01 1.54 -19.43
CA ASP B 326 -22.63 2.59 -20.38
C ASP B 326 -21.48 2.12 -21.27
N ILE B 327 -21.79 1.73 -22.50
CA ILE B 327 -20.81 1.14 -23.40
C ILE B 327 -19.74 2.12 -23.87
N THR B 328 -19.89 3.38 -23.52
CA THR B 328 -18.93 4.41 -23.92
C THR B 328 -17.89 4.70 -22.85
N ARG B 329 -17.98 3.99 -21.73
CA ARG B 329 -17.01 4.13 -20.64
C ARG B 329 -15.58 3.98 -21.13
N SER B 330 -14.75 4.99 -20.86
CA SER B 330 -13.35 4.98 -21.28
C SER B 330 -12.44 5.73 -20.32
N PRO B 331 -11.35 5.08 -19.86
CA PRO B 331 -11.12 3.66 -20.10
C PRO B 331 -11.95 2.84 -19.12
N ASN B 332 -11.70 1.53 -19.08
CA ASN B 332 -12.49 0.65 -18.24
C ASN B 332 -11.60 -0.34 -17.50
N PRO B 333 -11.01 0.09 -16.38
CA PRO B 333 -10.03 -0.73 -15.67
C PRO B 333 -10.69 -1.76 -14.76
N HIS B 334 -11.64 -2.52 -15.31
CA HIS B 334 -12.33 -3.57 -14.56
C HIS B 334 -11.37 -4.70 -14.19
N LEU B 335 -11.79 -5.54 -13.24
CA LEU B 335 -10.92 -6.59 -12.70
C LEU B 335 -11.45 -7.98 -13.05
N SER B 336 -12.20 -8.06 -14.14
CA SER B 336 -12.89 -9.29 -14.49
C SER B 336 -11.93 -10.41 -14.91
N PHE B 337 -10.77 -10.02 -15.43
CA PHE B 337 -9.72 -10.97 -15.78
C PHE B 337 -8.66 -11.08 -14.68
N GLY B 338 -8.95 -10.49 -13.52
CA GLY B 338 -8.03 -10.51 -12.40
C GLY B 338 -6.97 -9.43 -12.49
N HIS B 339 -5.79 -9.71 -11.92
CA HIS B 339 -4.76 -8.71 -11.72
C HIS B 339 -3.50 -9.36 -11.13
N GLY B 340 -2.34 -8.90 -11.56
CA GLY B 340 -1.07 -9.42 -11.04
C GLY B 340 -0.59 -10.64 -11.80
N HIS B 341 0.18 -11.49 -11.12
CA HIS B 341 0.90 -12.60 -11.77
C HIS B 341 -0.02 -13.66 -12.40
N HIS B 342 -1.21 -13.80 -11.83
CA HIS B 342 -2.16 -14.82 -12.29
C HIS B 342 -3.21 -14.26 -13.25
N VAL B 343 -3.03 -13.04 -13.71
CA VAL B 343 -3.97 -12.38 -14.62
C VAL B 343 -4.30 -13.29 -15.81
N CYS B 344 -5.57 -13.31 -16.20
CA CYS B 344 -6.07 -14.28 -17.19
C CYS B 344 -5.14 -14.46 -18.38
N LEU B 345 -4.78 -15.71 -18.65
CA LEU B 345 -3.86 -16.03 -19.74
C LEU B 345 -4.53 -15.91 -21.12
N GLY B 346 -5.84 -16.20 -21.17
CA GLY B 346 -6.55 -16.24 -22.45
C GLY B 346 -7.49 -15.07 -22.68
N SER B 347 -7.21 -13.93 -22.05
CA SER B 347 -8.10 -12.77 -22.10
C SER B 347 -8.27 -12.19 -23.50
N SER B 348 -7.20 -12.21 -24.29
CA SER B 348 -7.27 -11.74 -25.67
C SER B 348 -8.17 -12.62 -26.52
N LEU B 349 -8.06 -13.93 -26.34
CA LEU B 349 -8.92 -14.89 -27.04
C LEU B 349 -10.38 -14.72 -26.66
N ALA B 350 -10.64 -14.59 -25.36
CA ALA B 350 -11.99 -14.41 -24.85
C ALA B 350 -12.64 -13.16 -25.45
N ARG B 351 -11.90 -12.06 -25.45
CA ARG B 351 -12.37 -10.80 -26.01
C ARG B 351 -12.65 -10.92 -27.51
N LEU B 352 -11.77 -11.61 -28.23
CA LEU B 352 -11.93 -11.80 -29.67
C LEU B 352 -13.16 -12.64 -30.01
N GLU B 353 -13.33 -13.75 -29.31
CA GLU B 353 -14.53 -14.59 -29.47
C GLU B 353 -15.80 -13.78 -29.24
N ALA B 354 -15.83 -13.02 -28.16
CA ALA B 354 -17.01 -12.21 -27.80
C ALA B 354 -17.29 -11.13 -28.84
N GLN B 355 -16.25 -10.39 -29.22
CA GLN B 355 -16.40 -9.29 -30.17
C GLN B 355 -16.94 -9.75 -31.51
N ILE B 356 -16.39 -10.84 -32.03
CA ILE B 356 -16.81 -11.40 -33.32
C ILE B 356 -18.22 -11.97 -33.24
N ALA B 357 -18.50 -12.72 -32.18
CA ALA B 357 -19.82 -13.34 -32.00
C ALA B 357 -20.94 -12.31 -31.90
N ILE B 358 -20.73 -11.28 -31.09
CA ILE B 358 -21.76 -10.27 -30.83
C ILE B 358 -22.02 -9.40 -32.05
N ASN B 359 -20.95 -8.86 -32.63
CA ASN B 359 -21.05 -8.04 -33.83
C ASN B 359 -21.74 -8.76 -35.00
N THR B 360 -21.34 -10.00 -35.25
CA THR B 360 -21.92 -10.80 -36.32
C THR B 360 -23.40 -11.13 -36.04
N LEU B 361 -23.71 -11.45 -34.78
CA LEU B 361 -25.08 -11.70 -34.37
C LEU B 361 -25.98 -10.49 -34.63
N LEU B 362 -25.53 -9.31 -34.22
CA LEU B 362 -26.29 -8.07 -34.39
C LEU B 362 -26.44 -7.70 -35.85
N GLN B 363 -25.45 -8.06 -36.68
CA GLN B 363 -25.50 -7.80 -38.10
C GLN B 363 -26.48 -8.71 -38.82
N ARG B 364 -26.45 -9.99 -38.48
CA ARG B 364 -27.23 -10.99 -39.19
C ARG B 364 -28.66 -11.13 -38.64
N MET B 365 -28.88 -10.68 -37.42
CA MET B 365 -30.21 -10.67 -36.82
C MET B 365 -30.64 -9.25 -36.46
N PRO B 366 -31.12 -8.48 -37.44
CA PRO B 366 -31.40 -7.05 -37.28
C PRO B 366 -32.55 -6.73 -36.32
N SER B 367 -33.47 -7.66 -36.12
CA SER B 367 -34.59 -7.46 -35.21
C SER B 367 -34.56 -8.42 -34.02
N LEU B 368 -33.39 -8.53 -33.41
CA LEU B 368 -33.17 -9.43 -32.28
C LEU B 368 -33.93 -8.98 -31.03
N ASN B 369 -34.68 -9.90 -30.43
CA ASN B 369 -35.45 -9.62 -29.22
C ASN B 369 -35.35 -10.75 -28.21
N LEU B 370 -35.63 -10.43 -26.94
CA LEU B 370 -35.71 -11.43 -25.89
C LEU B 370 -37.03 -12.20 -25.95
N ALA B 371 -36.98 -13.50 -25.67
CA ALA B 371 -38.17 -14.34 -25.67
C ALA B 371 -38.97 -14.20 -24.38
N ASP B 372 -38.36 -13.63 -23.35
CA ASP B 372 -39.02 -13.38 -22.06
C ASP B 372 -39.44 -14.67 -21.37
N GLU B 374 -38.27 -14.73 -17.80
CA GLU B 374 -37.55 -14.71 -16.53
C GLU B 374 -36.32 -15.61 -16.59
N TRP B 375 -35.15 -14.98 -16.52
CA TRP B 375 -33.88 -15.67 -16.75
C TRP B 375 -33.39 -16.40 -15.50
N ARG B 376 -32.86 -17.60 -15.71
CA ARG B 376 -32.30 -18.39 -14.62
C ARG B 376 -30.78 -18.42 -14.69
N TYR B 377 -30.15 -18.23 -13.54
CA TYR B 377 -28.70 -18.38 -13.42
C TYR B 377 -28.35 -19.74 -12.82
N ARG B 378 -27.33 -20.37 -13.38
CA ARG B 378 -26.80 -21.62 -12.84
C ARG B 378 -26.37 -21.42 -11.38
N PRO B 379 -26.53 -22.47 -10.54
CA PRO B 379 -26.23 -22.36 -9.12
C PRO B 379 -24.73 -22.33 -8.83
N LEU B 380 -24.06 -21.29 -9.32
CA LEU B 380 -22.65 -21.08 -9.02
C LEU B 380 -22.45 -19.67 -8.46
N PHE B 381 -21.73 -19.58 -7.35
CA PHE B 381 -21.52 -18.30 -6.68
C PHE B 381 -20.26 -17.61 -7.16
N GLY B 382 -19.29 -18.40 -7.64
CA GLY B 382 -18.03 -17.84 -8.14
C GLY B 382 -18.12 -17.43 -9.60
N PHE B 383 -19.23 -17.75 -10.26
CA PHE B 383 -19.42 -17.44 -11.66
C PHE B 383 -20.83 -16.90 -11.93
N ARG B 384 -20.95 -16.01 -12.91
CA ARG B 384 -22.26 -15.53 -13.34
C ARG B 384 -22.65 -16.17 -14.67
N ALA B 385 -23.42 -17.24 -14.57
CA ALA B 385 -23.69 -18.10 -15.72
C ALA B 385 -25.18 -18.34 -15.88
N LEU B 386 -25.73 -17.94 -17.04
CA LEU B 386 -27.13 -18.19 -17.35
C LEU B 386 -27.38 -19.66 -17.69
N GLU B 387 -28.56 -20.15 -17.32
CA GLU B 387 -28.99 -21.50 -17.70
C GLU B 387 -29.26 -21.57 -19.20
N GLU B 388 -30.05 -20.61 -19.69
CA GLU B 388 -30.32 -20.48 -21.12
C GLU B 388 -30.77 -19.07 -21.47
N LEU B 389 -30.65 -18.71 -22.75
CA LEU B 389 -31.05 -17.39 -23.21
C LEU B 389 -31.82 -17.47 -24.54
N PRO B 390 -33.14 -17.69 -24.46
CA PRO B 390 -33.97 -17.79 -25.66
C PRO B 390 -34.20 -16.41 -26.30
N VAL B 391 -33.99 -16.34 -27.61
CA VAL B 391 -34.24 -15.09 -28.35
C VAL B 391 -35.05 -15.33 -29.60
N THR B 392 -35.67 -14.27 -30.11
CA THR B 392 -36.36 -14.30 -31.41
C THR B 392 -35.75 -13.27 -32.35
N PHE B 393 -35.92 -13.48 -33.65
CA PHE B 393 -35.36 -12.58 -34.66
C PHE B 393 -36.07 -12.64 -36.01
N GLU B 394 -35.63 -11.78 -36.93
CA GLU B 394 -36.16 -11.72 -38.30
C GLU B 394 -37.69 -11.69 -38.35
N GLY C 17 54.68 39.84 -20.87
CA GLY C 17 53.80 39.79 -19.66
C GLY C 17 52.56 38.93 -19.87
N SER C 18 51.62 39.45 -20.65
CA SER C 18 50.35 38.78 -20.90
C SER C 18 50.37 37.98 -22.20
N HIS C 19 49.37 37.11 -22.36
CA HIS C 19 49.26 36.27 -23.54
C HIS C 19 47.80 35.85 -23.76
N MET C 20 47.49 35.43 -24.99
CA MET C 20 46.18 34.85 -25.29
C MET C 20 46.01 33.52 -24.57
N SER C 21 44.77 33.16 -24.28
CA SER C 21 44.47 31.95 -23.51
C SER C 21 44.89 30.68 -24.26
N THR C 22 45.72 29.87 -23.61
CA THR C 22 46.13 28.57 -24.16
C THR C 22 45.03 27.53 -23.94
N ILE C 23 45.13 26.41 -24.65
CA ILE C 23 44.19 25.30 -24.48
C ILE C 23 44.09 24.88 -23.02
N GLU C 24 45.23 24.68 -22.38
CA GLU C 24 45.29 24.30 -20.96
C GLU C 24 44.61 25.32 -20.06
N GLU C 25 44.88 26.60 -20.29
CA GLU C 25 44.30 27.68 -19.50
C GLU C 25 42.78 27.74 -19.66
N ARG C 26 42.31 27.50 -20.87
CA ARG C 26 40.87 27.50 -21.16
C ARG C 26 40.15 26.34 -20.46
N VAL C 27 40.79 25.17 -20.49
CA VAL C 27 40.25 23.98 -19.81
C VAL C 27 40.15 24.20 -18.30
N LYS C 28 41.20 24.77 -17.71
CA LYS C 28 41.27 24.99 -16.27
C LYS C 28 40.33 26.10 -15.80
N LYS C 29 40.14 27.10 -16.65
CA LYS C 29 39.18 28.17 -16.35
C LYS C 29 37.78 27.60 -16.21
N ILE C 30 37.40 26.72 -17.13
CA ILE C 30 36.10 26.07 -17.09
C ILE C 30 35.92 25.20 -15.86
N ILE C 31 36.90 24.35 -15.59
CA ILE C 31 36.88 23.49 -14.40
C ILE C 31 36.74 24.31 -13.12
N GLY C 32 37.53 25.38 -13.03
CA GLY C 32 37.50 26.27 -11.88
C GLY C 32 36.15 26.92 -11.66
N GLU C 33 35.55 27.42 -12.73
CA GLU C 33 34.24 28.05 -12.67
C GLU C 33 33.14 27.04 -12.32
N GLN C 34 33.26 25.83 -12.85
CA GLN C 34 32.29 24.76 -12.63
C GLN C 34 32.29 24.27 -11.19
N LEU C 35 33.49 24.07 -10.65
CA LEU C 35 33.64 23.37 -9.37
C LEU C 35 33.99 24.29 -8.22
N GLY C 36 34.02 25.60 -8.49
CA GLY C 36 34.24 26.61 -7.46
C GLY C 36 35.65 26.59 -6.87
N VAL C 37 36.61 26.13 -7.67
CA VAL C 37 38.01 26.08 -7.24
C VAL C 37 38.85 27.12 -7.98
N LYS C 38 40.02 27.44 -7.41
CA LYS C 38 40.95 28.37 -8.05
C LYS C 38 41.53 27.76 -9.32
N GLN C 39 41.64 28.58 -10.37
CA GLN C 39 42.14 28.13 -11.66
C GLN C 39 43.59 27.63 -11.57
N GLU C 40 44.20 27.82 -10.40
CA GLU C 40 45.58 27.42 -10.15
C GLU C 40 45.66 26.20 -9.24
N GLU C 41 44.55 25.87 -8.59
CA GLU C 41 44.45 24.66 -7.78
C GLU C 41 44.08 23.45 -8.63
N VAL C 42 43.81 23.70 -9.91
CA VAL C 42 43.52 22.62 -10.86
C VAL C 42 44.82 22.11 -11.48
N THR C 43 45.29 20.97 -10.96
CA THR C 43 46.49 20.32 -11.49
C THR C 43 46.12 19.40 -12.65
N ASN C 44 47.06 19.19 -13.57
CA ASN C 44 46.82 18.37 -14.76
C ASN C 44 46.52 16.91 -14.42
N ASN C 45 47.05 16.43 -13.31
CA ASN C 45 46.86 15.03 -12.93
C ASN C 45 45.66 14.81 -12.00
N ALA C 46 44.97 15.90 -11.66
CA ALA C 46 43.81 15.82 -10.78
C ALA C 46 42.66 15.06 -11.44
N SER C 47 42.09 14.12 -10.70
CA SER C 47 40.91 13.39 -11.14
C SER C 47 39.64 14.18 -10.80
N PHE C 48 38.73 14.27 -11.77
CA PHE C 48 37.54 15.11 -11.62
C PHE C 48 36.68 14.70 -10.43
N VAL C 49 36.44 13.39 -10.29
CA VAL C 49 35.57 12.87 -9.24
C VAL C 49 36.24 12.86 -7.87
N GLU C 50 37.39 12.19 -7.77
CA GLU C 50 38.07 11.98 -6.50
C GLU C 50 38.68 13.25 -5.95
N ASP C 51 39.56 13.88 -6.72
CA ASP C 51 40.34 15.03 -6.26
C ASP C 51 39.52 16.32 -6.26
N LEU C 52 38.81 16.57 -7.36
CA LEU C 52 38.12 17.84 -7.54
C LEU C 52 36.68 17.83 -7.02
N GLY C 53 36.15 16.63 -6.78
CA GLY C 53 34.85 16.48 -6.13
C GLY C 53 33.66 16.75 -7.03
N ALA C 54 33.78 16.34 -8.29
CA ALA C 54 32.70 16.54 -9.26
C ALA C 54 31.62 15.48 -9.11
N ASP C 55 30.37 15.92 -8.92
CA ASP C 55 29.24 15.00 -8.78
C ASP C 55 28.67 14.61 -10.15
N SER C 56 27.56 13.88 -10.12
CA SER C 56 26.98 13.28 -11.33
C SER C 56 26.32 14.30 -12.26
N LEU C 57 26.21 15.55 -11.81
CA LEU C 57 25.77 16.66 -12.66
C LEU C 57 26.97 17.49 -13.10
N ASP C 58 27.90 17.72 -12.18
CA ASP C 58 29.12 18.46 -12.47
C ASP C 58 29.82 17.95 -13.72
N THR C 59 30.00 16.64 -13.82
CA THR C 59 30.76 16.03 -14.92
C THR C 59 30.04 16.17 -16.26
N VAL C 60 28.72 16.07 -16.23
CA VAL C 60 27.90 16.32 -17.43
C VAL C 60 28.03 17.77 -17.87
N GLU C 61 27.92 18.70 -16.91
CA GLU C 61 28.01 20.12 -17.20
C GLU C 61 29.42 20.54 -17.65
N LEU C 62 30.43 19.81 -17.17
CA LEU C 62 31.81 20.03 -17.60
C LEU C 62 32.00 19.68 -19.07
N VAL C 63 31.44 18.54 -19.48
CA VAL C 63 31.51 18.12 -20.88
C VAL C 63 30.81 19.13 -21.80
N MET C 64 29.61 19.56 -21.39
CA MET C 64 28.86 20.57 -22.12
C MET C 64 29.68 21.85 -22.31
N ALA C 65 30.29 22.31 -21.24
CA ALA C 65 31.06 23.55 -21.25
C ALA C 65 32.30 23.44 -22.13
N LEU C 66 32.94 22.27 -22.11
CA LEU C 66 34.13 22.03 -22.93
C LEU C 66 33.76 21.87 -24.40
N GLU C 67 32.64 21.18 -24.67
CA GLU C 67 32.11 21.09 -26.02
C GLU C 67 31.78 22.47 -26.59
N GLU C 68 31.21 23.34 -25.77
CA GLU C 68 30.90 24.71 -26.18
C GLU C 68 32.16 25.52 -26.43
N GLU C 69 33.07 25.52 -25.45
CA GLU C 69 34.28 26.34 -25.51
C GLU C 69 35.17 25.99 -26.70
N PHE C 70 35.24 24.70 -27.04
CA PHE C 70 36.13 24.24 -28.08
C PHE C 70 35.41 23.83 -29.37
N ASP C 71 34.12 24.13 -29.44
CA ASP C 71 33.30 23.89 -30.63
C ASP C 71 33.48 22.46 -31.17
N THR C 72 33.22 21.49 -30.30
CA THR C 72 33.41 20.08 -30.65
C THR C 72 32.29 19.20 -30.08
N GLU C 73 32.18 17.98 -30.59
CA GLU C 73 31.23 17.01 -30.08
C GLU C 73 31.94 15.74 -29.64
N ILE C 74 31.89 15.46 -28.35
CA ILE C 74 32.50 14.24 -27.82
C ILE C 74 31.45 13.15 -27.57
N PRO C 75 31.66 11.97 -28.20
CA PRO C 75 30.78 10.82 -27.99
C PRO C 75 30.84 10.35 -26.54
N ASP C 76 29.73 9.79 -26.07
CA ASP C 76 29.62 9.32 -24.68
C ASP C 76 30.74 8.35 -24.31
N GLU C 77 31.13 7.51 -25.26
CA GLU C 77 32.13 6.48 -25.01
C GLU C 77 33.52 7.07 -24.75
N GLU C 78 33.82 8.20 -25.38
CA GLU C 78 35.11 8.83 -25.18
C GLU C 78 35.13 9.73 -23.95
N ALA C 79 33.98 10.32 -23.62
CA ALA C 79 33.83 11.08 -22.38
C ALA C 79 33.98 10.18 -21.15
N GLU C 80 33.55 8.94 -21.28
CA GLU C 80 33.69 7.94 -20.21
C GLU C 80 35.15 7.67 -19.88
N LYS C 81 36.01 7.74 -20.90
CA LYS C 81 37.42 7.44 -20.73
C LYS C 81 38.17 8.56 -20.02
N ILE C 82 37.66 9.79 -20.14
CA ILE C 82 38.31 10.96 -19.55
C ILE C 82 38.03 11.07 -18.05
N THR C 83 39.09 10.91 -17.26
CA THR C 83 38.97 10.86 -15.81
C THR C 83 39.77 11.98 -15.15
N THR C 84 40.80 12.45 -15.85
CA THR C 84 41.70 13.47 -15.31
C THR C 84 41.72 14.72 -16.19
N VAL C 85 42.22 15.82 -15.64
CA VAL C 85 42.38 17.07 -16.37
C VAL C 85 43.25 16.89 -17.62
N GLN C 86 44.34 16.14 -17.47
CA GLN C 86 45.25 15.87 -18.58
C GLN C 86 44.56 15.16 -19.74
N ALA C 87 43.75 14.16 -19.41
CA ALA C 87 43.00 13.40 -20.41
C ALA C 87 42.07 14.30 -21.22
N ALA C 88 41.47 15.27 -20.54
CA ALA C 88 40.62 16.26 -21.20
C ALA C 88 41.44 17.17 -22.12
N ILE C 89 42.59 17.63 -21.64
CA ILE C 89 43.50 18.43 -22.45
C ILE C 89 44.01 17.65 -23.67
N ASP C 90 44.33 16.38 -23.46
CA ASP C 90 44.82 15.51 -24.52
C ASP C 90 43.77 15.28 -25.60
N TYR C 91 42.52 15.10 -25.18
CA TYR C 91 41.42 14.89 -26.12
C TYR C 91 41.21 16.12 -26.98
N ILE C 92 41.19 17.29 -26.34
CA ILE C 92 41.02 18.55 -27.06
C ILE C 92 42.16 18.78 -28.06
N ASN C 93 43.39 18.55 -27.60
CA ASN C 93 44.57 18.68 -28.45
C ASN C 93 44.57 17.68 -29.61
N THR D 6 21.03 17.10 -37.97
CA THR D 6 21.78 16.32 -36.94
C THR D 6 21.10 14.99 -36.63
N ALA D 7 21.75 14.16 -35.82
CA ALA D 7 21.19 12.89 -35.38
C ALA D 7 20.04 13.12 -34.40
N SER D 8 20.16 14.16 -33.59
CA SER D 8 19.14 14.54 -32.62
C SER D 8 17.85 14.98 -33.30
N SER D 9 18.01 15.80 -34.32
CA SER D 9 16.90 16.24 -35.17
C SER D 9 16.23 15.07 -35.89
N GLU D 10 17.01 14.08 -36.30
CA GLU D 10 16.48 12.89 -36.95
C GLU D 10 15.82 11.97 -35.93
N PHE D 11 16.32 11.99 -34.70
CA PHE D 11 15.70 11.26 -33.60
C PHE D 11 14.32 11.82 -33.28
N LEU D 12 14.21 13.14 -33.26
CA LEU D 12 12.95 13.81 -32.91
C LEU D 12 11.88 13.61 -33.97
N LYS D 13 12.32 13.47 -35.22
CA LYS D 13 11.41 13.20 -36.34
C LYS D 13 10.81 11.79 -36.24
N ASN D 14 11.64 10.84 -35.80
CA ASN D 14 11.22 9.46 -35.64
C ASN D 14 12.05 8.73 -34.58
N PRO D 15 11.65 8.85 -33.30
CA PRO D 15 12.38 8.20 -32.22
C PRO D 15 12.16 6.69 -32.19
N TYR D 16 11.14 6.23 -32.90
CA TYR D 16 10.66 4.85 -32.76
C TYR D 16 11.56 3.82 -33.42
N SER D 17 12.25 4.23 -34.48
CA SER D 17 13.28 3.40 -35.09
C SER D 17 14.46 3.22 -34.16
N PHE D 18 14.82 4.30 -33.47
CA PHE D 18 15.88 4.26 -32.46
C PHE D 18 15.51 3.31 -31.33
N TYR D 19 14.28 3.40 -30.86
CA TYR D 19 13.76 2.49 -29.84
C TYR D 19 13.82 1.04 -30.30
N ASP D 20 13.48 0.81 -31.57
CA ASP D 20 13.44 -0.53 -32.14
C ASP D 20 14.83 -1.20 -32.14
N THR D 21 15.85 -0.42 -32.49
CA THR D 21 17.22 -0.90 -32.52
C THR D 21 17.69 -1.35 -31.14
N LEU D 22 17.31 -0.59 -30.11
CA LEU D 22 17.62 -0.93 -28.72
C LEU D 22 16.94 -2.22 -28.30
N ARG D 23 15.66 -2.35 -28.66
CA ARG D 23 14.84 -3.48 -28.25
C ARG D 23 15.36 -4.79 -28.85
N ALA D 24 15.87 -4.73 -30.08
CA ALA D 24 16.39 -5.90 -30.77
C ALA D 24 17.65 -6.44 -30.10
N VAL D 25 18.42 -5.56 -29.48
CA VAL D 25 19.58 -5.96 -28.69
C VAL D 25 19.13 -6.57 -27.36
N HIS D 26 18.40 -5.79 -26.57
CA HIS D 26 17.86 -6.23 -25.30
C HIS D 26 16.83 -5.21 -24.80
N PRO D 27 15.65 -5.68 -24.37
CA PRO D 27 14.60 -4.80 -23.84
C PRO D 27 15.04 -3.99 -22.62
N ILE D 28 16.08 -4.48 -21.95
CA ILE D 28 16.79 -3.68 -20.95
C ILE D 28 18.23 -3.47 -21.42
N TYR D 29 18.49 -2.27 -21.94
CA TYR D 29 19.73 -1.99 -22.65
C TYR D 29 20.69 -1.15 -21.80
N LYS D 30 21.87 -1.70 -21.55
CA LYS D 30 22.92 -0.96 -20.86
C LYS D 30 23.65 -0.05 -21.84
N GLY D 31 23.71 1.24 -21.52
CA GLY D 31 24.32 2.22 -22.40
C GLY D 31 24.36 3.62 -21.81
N SER D 32 24.63 4.60 -22.67
CA SER D 32 24.73 5.99 -22.24
C SER D 32 24.28 6.92 -23.37
N PHE D 33 23.39 7.84 -23.04
CA PHE D 33 22.93 8.82 -24.02
C PHE D 33 22.88 10.22 -23.40
N LEU D 34 23.37 11.20 -24.15
CA LEU D 34 23.54 12.57 -23.65
C LEU D 34 24.32 12.61 -22.33
N LYS D 35 25.29 11.72 -22.20
CA LYS D 35 26.20 11.68 -21.07
C LYS D 35 25.57 11.12 -19.80
N TYR D 36 24.41 10.48 -19.94
CA TYR D 36 23.74 9.83 -18.83
C TYR D 36 23.78 8.31 -18.95
N PRO D 37 24.64 7.64 -18.16
CA PRO D 37 24.76 6.20 -18.20
C PRO D 37 23.66 5.51 -17.41
N GLY D 38 23.24 4.34 -17.87
CA GLY D 38 22.24 3.55 -17.16
C GLY D 38 21.54 2.52 -18.03
N TRP D 39 20.42 2.02 -17.54
CA TRP D 39 19.65 1.00 -18.24
C TRP D 39 18.46 1.62 -18.96
N TYR D 40 18.40 1.43 -20.26
CA TYR D 40 17.35 2.02 -21.09
C TYR D 40 16.33 0.98 -21.53
N VAL D 41 15.11 1.11 -21.00
CA VAL D 41 14.10 0.05 -21.08
C VAL D 41 13.08 0.36 -22.17
N THR D 42 13.05 -0.51 -23.18
CA THR D 42 12.15 -0.37 -24.32
C THR D 42 11.07 -1.45 -24.28
N GLY D 43 11.23 -2.41 -23.37
CA GLY D 43 10.32 -3.54 -23.29
C GLY D 43 9.11 -3.28 -22.42
N TYR D 44 7.93 -3.67 -22.90
CA TYR D 44 6.68 -3.42 -22.18
C TYR D 44 6.65 -4.11 -20.82
N GLU D 45 6.83 -5.42 -20.81
CA GLU D 45 6.75 -6.19 -19.57
C GLU D 45 7.82 -5.77 -18.57
N GLU D 46 9.00 -5.42 -19.08
CA GLU D 46 10.09 -4.96 -18.24
C GLU D 46 9.80 -3.58 -17.65
N THR D 47 9.25 -2.69 -18.47
CA THR D 47 8.83 -1.37 -18.00
C THR D 47 7.79 -1.49 -16.90
N ALA D 48 6.73 -2.25 -17.17
CA ALA D 48 5.65 -2.49 -16.20
C ALA D 48 6.22 -3.06 -14.89
N ALA D 49 7.09 -4.04 -15.01
CA ALA D 49 7.69 -4.71 -13.84
C ALA D 49 8.50 -3.74 -12.98
N ILE D 50 9.30 -2.90 -13.62
CA ILE D 50 10.13 -1.93 -12.92
C ILE D 50 9.28 -0.87 -12.23
N LEU D 51 8.27 -0.36 -12.92
CA LEU D 51 7.40 0.67 -12.37
C LEU D 51 6.57 0.17 -11.18
N LYS D 52 6.27 -1.12 -11.17
CA LYS D 52 5.54 -1.74 -10.06
C LYS D 52 6.43 -2.00 -8.86
N ASP D 53 7.72 -2.20 -9.11
CA ASP D 53 8.67 -2.65 -8.09
C ASP D 53 9.21 -1.48 -7.27
N ALA D 54 8.81 -1.41 -6.01
CA ALA D 54 9.14 -0.29 -5.12
C ALA D 54 10.63 -0.22 -4.77
N ARG D 55 11.36 -1.30 -5.04
CA ARG D 55 12.82 -1.29 -4.89
C ARG D 55 13.48 -0.33 -5.88
N PHE D 56 12.83 -0.15 -7.03
CA PHE D 56 13.18 0.94 -7.94
C PHE D 56 12.52 2.22 -7.46
N LYS D 57 13.33 3.12 -6.91
CA LYS D 57 12.82 4.34 -6.28
C LYS D 57 12.81 5.50 -7.25
N VAL D 58 11.90 6.44 -7.05
CA VAL D 58 11.99 7.74 -7.70
C VAL D 58 13.10 8.55 -7.04
N ARG D 59 13.60 9.55 -7.75
CA ARG D 59 14.67 10.39 -7.22
C ARG D 59 14.65 11.76 -7.88
N THR D 60 15.20 12.73 -7.16
CA THR D 60 15.31 14.09 -7.67
C THR D 60 16.15 14.12 -8.94
N PRO D 61 15.71 14.88 -9.96
CA PRO D 61 16.39 14.93 -11.26
C PRO D 61 17.68 15.76 -11.22
N LEU D 62 17.99 16.33 -10.06
CA LEU D 62 19.31 16.89 -9.78
C LEU D 62 19.87 16.22 -8.54
N PRO D 63 21.22 16.15 -8.43
CA PRO D 63 21.83 15.49 -7.27
C PRO D 63 21.26 15.96 -5.94
N GLU D 64 21.09 15.03 -5.02
CA GLU D 64 20.37 15.26 -3.76
C GLU D 64 20.91 16.44 -2.96
N SER D 65 22.23 16.52 -2.84
CA SER D 65 22.87 17.49 -1.96
C SER D 65 23.43 18.69 -2.74
N SER D 66 22.98 18.86 -3.98
CA SER D 66 23.44 19.95 -4.84
C SER D 66 22.78 21.27 -4.45
N THR D 67 23.61 22.30 -4.30
CA THR D 67 23.13 23.65 -3.96
C THR D 67 23.49 24.64 -5.06
N LYS D 68 23.87 24.11 -6.23
CA LYS D 68 24.21 24.94 -7.38
C LYS D 68 22.97 25.70 -7.88
N TYR D 69 21.84 25.01 -7.88
CA TYR D 69 20.54 25.64 -8.13
C TYR D 69 19.63 25.38 -6.93
N GLN D 70 19.92 26.07 -5.83
CA GLN D 70 19.34 25.74 -4.53
C GLN D 70 17.82 25.84 -4.52
N ASP D 71 17.27 26.86 -5.17
CA ASP D 71 15.83 27.09 -5.17
C ASP D 71 15.09 26.11 -6.05
N LEU D 72 15.66 25.83 -7.23
CA LEU D 72 15.12 24.81 -8.13
C LEU D 72 15.13 23.45 -7.45
N SER D 73 16.26 23.12 -6.81
CA SER D 73 16.40 21.86 -6.11
C SER D 73 15.37 21.70 -5.00
N HIS D 74 15.19 22.76 -4.21
CA HIS D 74 14.24 22.72 -3.10
C HIS D 74 12.81 22.54 -3.58
N VAL D 75 12.46 23.24 -4.66
CA VAL D 75 11.13 23.11 -5.26
C VAL D 75 10.89 21.69 -5.77
N GLN D 76 11.83 21.16 -6.54
CA GLN D 76 11.71 19.80 -7.09
C GLN D 76 11.61 18.75 -5.98
N ASN D 77 12.45 18.88 -4.96
CA ASN D 77 12.58 17.87 -3.89
C ASN D 77 11.29 17.67 -3.10
N GLN D 78 10.45 18.70 -3.08
CA GLN D 78 9.23 18.72 -2.29
C GLN D 78 8.06 18.06 -3.02
N MET D 79 8.22 17.85 -4.32
CA MET D 79 7.17 17.30 -5.17
C MET D 79 6.98 15.80 -4.93
N MET D 80 5.71 15.37 -4.93
CA MET D 80 5.38 13.95 -4.73
C MET D 80 6.00 13.05 -5.80
N LEU D 81 6.21 13.62 -6.98
CA LEU D 81 6.77 12.89 -8.13
C LEU D 81 8.17 12.37 -7.84
N PHE D 82 8.88 13.03 -6.94
CA PHE D 82 10.26 12.68 -6.64
C PHE D 82 10.42 12.25 -5.18
N GLN D 83 9.31 11.94 -4.54
CA GLN D 83 9.28 11.50 -3.15
C GLN D 83 8.96 10.01 -3.04
N ASN D 84 9.60 9.34 -2.09
CA ASN D 84 9.29 7.94 -1.81
C ASN D 84 8.55 7.78 -0.48
N GLN D 85 8.40 6.55 -0.01
CA GLN D 85 7.74 6.26 1.27
C GLN D 85 8.49 6.91 2.42
N PRO D 86 7.76 7.43 3.42
CA PRO D 86 6.30 7.51 3.49
C PRO D 86 5.74 8.84 3.00
N ASP D 87 6.62 9.74 2.58
CA ASP D 87 6.21 11.10 2.20
C ASP D 87 5.31 11.11 0.97
N HIS D 88 5.56 10.19 0.04
CA HIS D 88 4.81 10.12 -1.21
C HIS D 88 3.31 9.98 -1.00
N ARG D 89 2.90 8.94 -0.27
CA ARG D 89 1.49 8.65 -0.07
C ARG D 89 0.75 9.79 0.61
N ARG D 90 1.38 10.38 1.63
CA ARG D 90 0.85 11.57 2.28
C ARG D 90 0.58 12.70 1.27
N LEU D 91 1.59 13.05 0.50
CA LEU D 91 1.47 14.16 -0.47
C LEU D 91 0.46 13.85 -1.57
N ARG D 92 0.48 12.62 -2.07
CA ARG D 92 -0.45 12.19 -3.12
C ARG D 92 -1.90 12.21 -2.65
N THR D 93 -2.16 11.60 -1.50
CA THR D 93 -3.52 11.51 -0.95
C THR D 93 -4.15 12.88 -0.76
N LEU D 94 -3.35 13.84 -0.31
CA LEU D 94 -3.85 15.18 -0.03
C LEU D 94 -4.20 15.96 -1.30
N ALA D 95 -3.53 15.66 -2.40
CA ALA D 95 -3.77 16.32 -3.68
C ALA D 95 -4.85 15.61 -4.50
N SER D 96 -5.15 14.37 -4.14
CA SER D 96 -5.97 13.48 -4.96
C SER D 96 -7.43 13.93 -5.03
N GLY D 97 -7.85 14.72 -4.06
CA GLY D 97 -9.25 15.14 -3.95
C GLY D 97 -9.79 15.89 -5.15
N ALA D 98 -8.92 16.63 -5.83
CA ALA D 98 -9.33 17.43 -6.98
C ALA D 98 -9.38 16.63 -8.28
N PHE D 99 -9.00 15.35 -8.21
CA PHE D 99 -8.82 14.55 -9.42
C PHE D 99 -9.54 13.20 -9.36
N THR D 100 -10.47 13.06 -8.43
CA THR D 100 -11.34 11.88 -8.37
C THR D 100 -12.24 11.84 -9.61
N PRO D 101 -12.72 10.64 -9.98
CA PRO D 101 -13.63 10.50 -11.11
C PRO D 101 -14.82 11.47 -11.05
N ARG D 102 -15.39 11.62 -9.85
CA ARG D 102 -16.56 12.47 -9.66
C ARG D 102 -16.24 13.95 -9.78
N THR D 103 -15.12 14.37 -9.19
CA THR D 103 -14.69 15.76 -9.27
C THR D 103 -14.25 16.13 -10.68
N THR D 104 -13.59 15.21 -11.36
CA THR D 104 -13.18 15.41 -12.75
C THR D 104 -14.39 15.62 -13.65
N GLU D 105 -15.43 14.82 -13.47
CA GLU D 105 -16.66 14.94 -14.25
C GLU D 105 -17.35 16.29 -14.05
N SER D 106 -17.15 16.89 -12.88
CA SER D 106 -17.73 18.18 -12.56
C SER D 106 -17.06 19.33 -13.33
N TYR D 107 -15.91 19.02 -13.94
CA TYR D 107 -15.18 20.01 -14.72
C TYR D 107 -15.72 20.12 -16.15
N GLN D 108 -16.48 19.11 -16.57
CA GLN D 108 -16.90 19.01 -17.97
C GLN D 108 -17.62 20.26 -18.50
N PRO D 109 -18.58 20.81 -17.74
CA PRO D 109 -19.25 22.04 -18.18
C PRO D 109 -18.28 23.18 -18.53
N TYR D 110 -17.33 23.48 -17.64
CA TYR D 110 -16.36 24.54 -17.89
C TYR D 110 -15.48 24.24 -19.11
N ILE D 111 -15.14 22.97 -19.29
CA ILE D 111 -14.29 22.56 -20.41
C ILE D 111 -14.98 22.77 -21.75
N ILE D 112 -16.22 22.31 -21.87
CA ILE D 112 -17.00 22.50 -23.08
C ILE D 112 -17.23 23.99 -23.37
N GLU D 113 -17.50 24.77 -22.33
CA GLU D 113 -17.67 26.22 -22.48
C GLU D 113 -16.43 26.89 -23.05
N THR D 114 -15.28 26.58 -22.46
CA THR D 114 -14.01 27.16 -22.88
C THR D 114 -13.64 26.75 -24.31
N VAL D 115 -13.88 25.48 -24.66
CA VAL D 115 -13.57 25.00 -26.00
C VAL D 115 -14.37 25.74 -27.07
N HIS D 116 -15.67 25.91 -26.84
CA HIS D 116 -16.53 26.64 -27.76
C HIS D 116 -16.16 28.11 -27.86
N HIS D 117 -15.81 28.71 -26.73
CA HIS D 117 -15.35 30.09 -26.68
C HIS D 117 -14.07 30.27 -27.48
N LEU D 118 -13.17 29.30 -27.39
CA LEU D 118 -11.89 29.37 -28.09
C LEU D 118 -12.05 29.15 -29.59
N LEU D 119 -12.95 28.24 -29.96
CA LEU D 119 -13.23 27.99 -31.38
C LEU D 119 -14.03 29.12 -32.01
N ASP D 120 -14.72 29.89 -31.18
CA ASP D 120 -15.44 31.08 -31.66
C ASP D 120 -14.49 32.16 -32.15
N GLN D 121 -13.37 32.32 -31.46
CA GLN D 121 -12.40 33.39 -31.76
C GLN D 121 -11.70 33.20 -33.10
N VAL D 122 -11.80 32.00 -33.66
CA VAL D 122 -11.06 31.64 -34.86
C VAL D 122 -11.96 31.12 -35.98
N GLN D 123 -13.24 30.97 -35.68
CA GLN D 123 -14.20 30.33 -36.61
C GLN D 123 -14.24 31.03 -37.97
N GLY D 124 -14.18 32.37 -37.96
CA GLY D 124 -14.30 33.15 -39.19
C GLY D 124 -13.02 33.19 -40.02
N LYS D 125 -11.93 32.69 -39.45
CA LYS D 125 -10.59 32.92 -39.99
C LYS D 125 -10.18 31.90 -41.04
N LYS D 126 -10.81 30.73 -41.02
CA LYS D 126 -10.49 29.64 -41.95
C LYS D 126 -9.09 29.04 -41.73
N LYS D 127 -8.39 29.53 -40.71
CA LYS D 127 -7.09 28.99 -40.32
C LYS D 127 -6.84 29.17 -38.83
N MET D 128 -5.97 28.31 -38.28
CA MET D 128 -5.71 28.29 -36.85
C MET D 128 -4.36 27.65 -36.55
N GLU D 129 -3.74 28.09 -35.46
CA GLU D 129 -2.61 27.38 -34.87
C GLU D 129 -3.10 26.61 -33.64
N VAL D 130 -3.20 25.29 -33.78
CA VAL D 130 -3.88 24.45 -32.80
C VAL D 130 -3.38 24.64 -31.37
N ILE D 131 -2.07 24.86 -31.22
CA ILE D 131 -1.48 25.02 -29.90
C ILE D 131 -1.78 26.39 -29.28
N SER D 132 -1.37 27.45 -29.96
CA SER D 132 -1.53 28.81 -29.43
C SER D 132 -2.99 29.24 -29.34
N ASP D 133 -3.79 28.83 -30.30
CA ASP D 133 -5.18 29.30 -30.42
C ASP D 133 -6.18 28.41 -29.68
N PHE D 134 -5.78 27.18 -29.38
CA PHE D 134 -6.74 26.16 -28.94
C PHE D 134 -6.24 25.30 -27.79
N ALA D 135 -5.24 24.45 -28.07
CA ALA D 135 -4.77 23.47 -27.10
C ALA D 135 -4.25 24.11 -25.80
N PHE D 136 -3.39 25.12 -25.95
CA PHE D 136 -2.78 25.74 -24.78
C PHE D 136 -3.76 26.56 -23.93
N PRO D 137 -4.55 27.45 -24.57
CA PRO D 137 -5.51 28.25 -23.81
C PRO D 137 -6.48 27.39 -23.00
N LEU D 138 -6.98 26.31 -23.58
CA LEU D 138 -7.87 25.39 -22.88
C LEU D 138 -7.19 24.80 -21.64
N ALA D 139 -6.05 24.15 -21.86
CA ALA D 139 -5.29 23.53 -20.77
C ALA D 139 -4.96 24.53 -19.66
N SER D 140 -4.49 25.71 -20.06
CA SER D 140 -4.15 26.76 -19.12
C SER D 140 -5.34 27.24 -18.30
N PHE D 141 -6.44 27.55 -19.00
CA PHE D 141 -7.68 27.98 -18.34
C PHE D 141 -8.15 26.96 -17.31
N VAL D 142 -8.18 25.69 -17.72
CA VAL D 142 -8.70 24.61 -16.88
C VAL D 142 -7.89 24.43 -15.59
N ILE D 143 -6.58 24.29 -15.72
CA ILE D 143 -5.74 24.01 -14.56
C ILE D 143 -5.61 25.21 -13.62
N ALA D 144 -5.62 26.41 -14.17
CA ALA D 144 -5.58 27.63 -13.36
C ALA D 144 -6.86 27.78 -12.56
N ASN D 145 -7.99 27.43 -13.16
CA ASN D 145 -9.28 27.41 -12.47
C ASN D 145 -9.32 26.38 -11.35
N ILE D 146 -8.79 25.19 -11.61
CA ILE D 146 -8.75 24.12 -10.61
C ILE D 146 -7.86 24.49 -9.42
N ILE D 147 -6.66 24.97 -9.71
CA ILE D 147 -5.72 25.37 -8.67
C ILE D 147 -6.23 26.58 -7.88
N GLY D 148 -6.76 27.57 -8.60
CA GLY D 148 -7.26 28.79 -7.98
C GLY D 148 -6.39 29.99 -8.28
N VAL D 149 -5.78 29.99 -9.47
CA VAL D 149 -4.95 31.10 -9.92
C VAL D 149 -5.82 32.09 -10.71
N PRO D 150 -5.86 33.35 -10.25
CA PRO D 150 -6.65 34.41 -10.89
C PRO D 150 -6.30 34.60 -12.37
N GLU D 151 -7.28 35.08 -13.14
CA GLU D 151 -7.13 35.27 -14.59
C GLU D 151 -5.95 36.19 -14.92
N GLU D 152 -5.69 37.15 -14.03
CA GLU D 152 -4.63 38.14 -14.24
C GLU D 152 -3.23 37.53 -14.16
N ASP D 153 -3.12 36.40 -13.45
CA ASP D 153 -1.82 35.78 -13.18
C ASP D 153 -1.54 34.56 -14.04
N ARG D 154 -2.40 34.32 -15.03
CA ARG D 154 -2.34 33.09 -15.83
C ARG D 154 -1.18 33.07 -16.83
N GLU D 155 -0.85 34.24 -17.39
CA GLU D 155 0.23 34.36 -18.36
C GLU D 155 1.59 34.11 -17.73
N GLN D 156 1.75 34.56 -16.49
CA GLN D 156 2.99 34.35 -15.74
C GLN D 156 3.18 32.88 -15.41
N LEU D 157 2.06 32.18 -15.20
CA LEU D 157 2.06 30.75 -14.89
C LEU D 157 2.54 29.94 -16.09
N LYS D 158 2.12 30.36 -17.28
CA LYS D 158 2.55 29.77 -18.54
C LYS D 158 4.08 29.76 -18.67
N GLU D 159 4.69 30.89 -18.35
CA GLU D 159 6.13 31.06 -18.51
C GLU D 159 6.93 30.23 -17.51
N TRP D 160 6.39 30.08 -16.30
CA TRP D 160 7.01 29.24 -15.27
C TRP D 160 7.00 27.77 -15.68
N ALA D 161 5.87 27.32 -16.24
CA ALA D 161 5.72 25.93 -16.64
C ALA D 161 6.64 25.54 -17.79
N ALA D 162 6.77 26.42 -18.77
CA ALA D 162 7.61 26.18 -19.94
C ALA D 162 9.10 26.13 -19.59
N SER D 163 9.51 26.93 -18.60
CA SER D 163 10.89 26.97 -18.17
C SER D 163 11.23 25.79 -17.26
N LEU D 164 10.30 25.43 -16.39
CA LEU D 164 10.57 24.42 -15.37
C LEU D 164 10.54 23.00 -15.92
N ILE D 165 9.74 22.77 -16.96
CA ILE D 165 9.70 21.46 -17.60
C ILE D 165 11.03 21.07 -18.25
N GLN D 166 11.77 22.07 -18.72
CA GLN D 166 13.07 21.85 -19.35
C GLN D 166 14.13 21.37 -18.36
N THR D 167 13.94 21.71 -17.09
CA THR D 167 14.95 21.45 -16.05
C THR D 167 15.12 19.97 -15.70
N ILE D 168 14.17 19.13 -16.12
CA ILE D 168 14.25 17.69 -15.85
C ILE D 168 14.65 16.87 -17.07
N ASP D 169 14.70 17.53 -18.23
CA ASP D 169 14.91 16.84 -19.50
C ASP D 169 16.38 16.59 -19.78
N PHE D 170 16.66 15.53 -20.54
CA PHE D 170 18.01 15.20 -20.99
C PHE D 170 18.66 16.35 -21.75
N THR D 171 17.84 17.16 -22.40
CA THR D 171 18.32 18.24 -23.27
C THR D 171 18.66 19.52 -22.50
N ARG D 172 18.55 19.48 -21.18
CA ARG D 172 18.79 20.67 -20.36
C ARG D 172 20.23 21.17 -20.44
N SER D 173 20.40 22.47 -20.26
CA SER D 173 21.72 23.09 -20.26
C SER D 173 21.92 23.90 -18.99
N ARG D 174 23.14 24.42 -18.79
CA ARG D 174 23.43 25.28 -17.65
C ARG D 174 22.55 26.53 -17.66
N LYS D 175 22.28 27.04 -18.86
CA LYS D 175 21.42 28.21 -19.04
C LYS D 175 19.97 27.89 -18.66
N ALA D 176 19.50 26.71 -19.05
CA ALA D 176 18.15 26.28 -18.73
C ALA D 176 17.95 26.13 -17.22
N LEU D 177 18.97 25.63 -16.54
CA LEU D 177 18.89 25.40 -15.10
C LEU D 177 18.99 26.70 -14.29
N THR D 178 19.78 27.64 -14.78
CA THR D 178 19.89 28.97 -14.18
C THR D 178 18.57 29.74 -14.29
N GLU D 179 17.98 29.71 -15.48
CA GLU D 179 16.66 30.29 -15.72
C GLU D 179 15.60 29.60 -14.88
N GLY D 180 15.73 28.27 -14.76
CA GLY D 180 14.84 27.46 -13.93
C GLY D 180 14.87 27.85 -12.46
N ASN D 181 16.05 28.19 -11.95
CA ASN D 181 16.18 28.63 -10.57
C ASN D 181 15.45 29.95 -10.31
N ILE D 182 15.52 30.86 -11.29
CA ILE D 182 14.83 32.15 -11.21
C ILE D 182 13.31 31.95 -11.19
N MET D 183 12.81 31.10 -12.08
CA MET D 183 11.39 30.79 -12.16
C MET D 183 10.92 30.08 -10.89
N ALA D 184 11.79 29.25 -10.32
CA ALA D 184 11.50 28.57 -9.06
C ALA D 184 11.29 29.56 -7.91
N VAL D 185 12.15 30.58 -7.85
CA VAL D 185 12.02 31.65 -6.87
C VAL D 185 10.69 32.38 -7.04
N GLN D 186 10.35 32.73 -8.28
CA GLN D 186 9.17 33.52 -8.58
C GLN D 186 7.89 32.75 -8.30
N ALA D 187 7.84 31.50 -8.76
CA ALA D 187 6.66 30.65 -8.59
C ALA D 187 6.39 30.34 -7.12
N MET D 188 7.45 30.03 -6.37
CA MET D 188 7.32 29.73 -4.95
C MET D 188 6.84 30.94 -4.15
N ALA D 189 7.38 32.11 -4.48
CA ALA D 189 6.97 33.36 -3.83
C ALA D 189 5.52 33.70 -4.13
N TYR D 190 5.10 33.46 -5.37
CA TYR D 190 3.73 33.75 -5.80
C TYR D 190 2.72 32.86 -5.09
N PHE D 191 3.02 31.56 -5.01
CA PHE D 191 2.09 30.61 -4.41
C PHE D 191 2.02 30.71 -2.90
N LYS D 192 3.12 31.12 -2.27
CA LYS D 192 3.12 31.45 -0.85
C LYS D 192 2.22 32.65 -0.55
N GLU D 193 2.26 33.65 -1.44
CA GLU D 193 1.37 34.82 -1.37
C GLU D 193 -0.08 34.42 -1.52
N LEU D 194 -0.34 33.54 -2.48
CA LEU D 194 -1.70 33.08 -2.77
C LEU D 194 -2.22 32.21 -1.63
N ILE D 195 -1.33 31.43 -1.03
CA ILE D 195 -1.67 30.61 0.13
C ILE D 195 -2.03 31.46 1.34
N GLN D 196 -1.33 32.58 1.51
CA GLN D 196 -1.62 33.53 2.60
C GLN D 196 -3.01 34.15 2.45
N LYS D 197 -3.41 34.40 1.21
CA LYS D 197 -4.73 34.95 0.93
C LYS D 197 -5.83 33.92 1.15
N ARG D 198 -5.54 32.67 0.79
CA ARG D 198 -6.49 31.58 0.95
C ARG D 198 -6.62 31.14 2.40
N LYS D 199 -5.57 31.39 3.19
CA LYS D 199 -5.61 31.14 4.62
C LYS D 199 -6.60 32.07 5.33
N ARG D 200 -6.54 33.36 5.00
CA ARG D 200 -7.48 34.33 5.56
C ARG D 200 -8.87 34.18 4.95
N HIS D 201 -8.91 33.98 3.64
CA HIS D 201 -10.18 33.85 2.92
C HIS D 201 -10.15 32.63 1.98
N PRO D 202 -10.55 31.46 2.50
CA PRO D 202 -10.64 30.25 1.68
C PRO D 202 -11.62 30.39 0.53
N GLN D 203 -11.25 29.85 -0.63
CA GLN D 203 -12.10 29.86 -1.81
C GLN D 203 -12.43 28.44 -2.23
N GLN D 204 -13.22 28.28 -3.28
CA GLN D 204 -13.54 26.96 -3.79
C GLN D 204 -12.53 26.51 -4.85
N ASP D 205 -11.31 26.24 -4.39
CA ASP D 205 -10.22 25.80 -5.26
C ASP D 205 -9.30 24.81 -4.55
N MET D 206 -8.28 24.37 -5.27
CA MET D 206 -7.39 23.31 -4.79
C MET D 206 -6.47 23.78 -3.67
N ILE D 207 -5.99 25.02 -3.76
CA ILE D 207 -5.12 25.59 -2.75
C ILE D 207 -5.78 25.56 -1.37
N SER D 208 -7.03 26.01 -1.31
CA SER D 208 -7.81 25.98 -0.07
C SER D 208 -8.01 24.56 0.43
N MET D 209 -8.31 23.64 -0.49
CA MET D 209 -8.48 22.22 -0.17
C MET D 209 -7.24 21.64 0.48
N LEU D 210 -6.07 22.00 -0.05
CA LEU D 210 -4.79 21.53 0.50
C LEU D 210 -4.53 22.08 1.90
N LEU D 211 -5.00 23.30 2.15
CA LEU D 211 -4.77 23.95 3.44
C LEU D 211 -5.65 23.37 4.54
N LYS D 212 -6.84 22.90 4.18
CA LYS D 212 -7.75 22.25 5.12
C LYS D 212 -7.15 20.95 5.67
N GLY D 213 -6.44 20.22 4.81
CA GLY D 213 -5.83 18.95 5.20
C GLY D 213 -6.81 17.80 5.26
N ARG D 214 -6.29 16.59 5.49
CA ARG D 214 -7.12 15.42 5.78
C ARG D 214 -7.01 15.02 7.25
N GLU D 215 -5.84 15.22 7.83
CA GLU D 215 -5.62 14.93 9.25
C GLU D 215 -4.75 16.01 9.90
N LYS D 218 -1.37 16.26 6.72
CA LYS D 218 -1.11 17.71 6.71
C LYS D 218 0.08 18.07 5.83
N LEU D 219 -0.02 19.22 5.17
CA LEU D 219 1.08 19.75 4.36
C LEU D 219 1.64 21.03 4.96
N THR D 220 2.95 21.21 4.83
CA THR D 220 3.57 22.52 5.06
C THR D 220 3.18 23.46 3.93
N GLU D 221 3.27 24.76 4.18
CA GLU D 221 2.89 25.75 3.19
C GLU D 221 3.78 25.70 1.95
N GLU D 222 5.03 25.25 2.14
CA GLU D 222 5.96 25.06 1.03
C GLU D 222 5.63 23.80 0.23
N GLU D 223 5.17 22.77 0.92
CA GLU D 223 4.72 21.54 0.25
C GLU D 223 3.48 21.80 -0.59
N ALA D 224 2.60 22.67 -0.09
CA ALA D 224 1.40 23.05 -0.81
C ALA D 224 1.74 23.85 -2.07
N ALA D 225 2.72 24.73 -1.95
CA ALA D 225 3.15 25.55 -3.08
C ALA D 225 3.81 24.70 -4.18
N SER D 226 4.69 23.80 -3.77
CA SER D 226 5.36 22.92 -4.73
C SER D 226 4.39 21.96 -5.41
N THR D 227 3.37 21.51 -4.68
CA THR D 227 2.29 20.72 -5.26
C THR D 227 1.56 21.49 -6.35
N CYS D 228 1.23 22.75 -6.06
CA CYS D 228 0.58 23.62 -7.05
C CYS D 228 1.44 23.82 -8.29
N ILE D 229 2.73 24.02 -8.09
CA ILE D 229 3.68 24.18 -9.19
C ILE D 229 3.69 22.93 -10.08
N LEU D 230 3.80 21.76 -9.46
CA LEU D 230 3.81 20.49 -10.19
C LEU D 230 2.56 20.32 -11.04
N LEU D 231 1.40 20.61 -10.45
CA LEU D 231 0.13 20.44 -11.15
C LEU D 231 -0.04 21.47 -12.26
N ALA D 232 0.50 22.67 -12.04
CA ALA D 232 0.48 23.72 -13.07
C ALA D 232 1.31 23.31 -14.28
N ILE D 233 2.49 22.75 -14.04
CA ILE D 233 3.35 22.26 -15.13
C ILE D 233 2.68 21.11 -15.89
N ALA D 234 2.17 20.12 -15.16
CA ALA D 234 1.53 18.96 -15.77
C ALA D 234 0.30 19.36 -16.57
N GLY D 235 -0.48 20.29 -16.01
CA GLY D 235 -1.69 20.79 -16.67
C GLY D 235 -1.41 21.57 -17.93
N HIS D 236 -0.29 22.29 -17.96
CA HIS D 236 0.09 23.06 -19.13
C HIS D 236 0.74 22.18 -20.20
N GLU D 237 1.88 21.58 -19.86
CA GLU D 237 2.74 20.97 -20.86
C GLU D 237 2.18 19.70 -21.48
N THR D 238 1.99 18.66 -20.67
CA THR D 238 1.63 17.33 -21.18
C THR D 238 0.24 17.26 -21.81
N THR D 239 -0.72 17.98 -21.22
CA THR D 239 -2.09 18.02 -21.72
C THR D 239 -2.18 18.67 -23.10
N VAL D 240 -1.45 19.77 -23.27
CA VAL D 240 -1.36 20.44 -24.57
C VAL D 240 -0.79 19.50 -25.63
N ASN D 241 0.25 18.76 -25.25
CA ASN D 241 0.86 17.78 -26.13
C ASN D 241 -0.08 16.67 -26.56
N LEU D 242 -0.89 16.18 -25.62
CA LEU D 242 -1.90 15.17 -25.95
C LEU D 242 -2.87 15.67 -27.00
N ILE D 243 -3.45 16.86 -26.77
CA ILE D 243 -4.41 17.44 -27.69
C ILE D 243 -3.82 17.62 -29.09
N SER D 244 -2.65 18.26 -29.17
CA SER D 244 -2.03 18.56 -30.46
C SER D 244 -1.47 17.33 -31.18
N ASN D 245 -0.87 16.41 -30.42
CA ASN D 245 -0.42 15.15 -30.99
C ASN D 245 -1.56 14.33 -31.56
N SER D 246 -2.71 14.36 -30.89
CA SER D 246 -3.90 13.65 -31.34
C SER D 246 -4.45 14.22 -32.64
N VAL D 247 -4.48 15.54 -32.73
CA VAL D 247 -4.97 16.24 -33.92
C VAL D 247 -4.11 15.91 -35.14
N LEU D 248 -2.79 16.05 -34.99
CA LEU D 248 -1.86 15.71 -36.06
C LEU D 248 -1.98 14.24 -36.44
N CYS D 249 -2.11 13.39 -35.43
CA CYS D 249 -2.24 11.94 -35.62
C CYS D 249 -3.44 11.59 -36.50
N LEU D 250 -4.59 12.19 -36.18
CA LEU D 250 -5.83 11.92 -36.91
C LEU D 250 -5.78 12.44 -38.34
N LEU D 251 -5.18 13.62 -38.53
CA LEU D 251 -5.10 14.22 -39.85
C LEU D 251 -4.12 13.48 -40.77
N GLN D 252 -3.13 12.81 -40.16
CA GLN D 252 -2.19 11.97 -40.89
C GLN D 252 -2.81 10.65 -41.31
N HIS D 253 -3.94 10.31 -40.69
CA HIS D 253 -4.68 9.10 -41.03
C HIS D 253 -6.15 9.45 -41.31
N PRO D 254 -6.43 9.99 -42.50
CA PRO D 254 -7.76 10.51 -42.84
C PRO D 254 -8.86 9.45 -42.76
N GLU D 255 -8.50 8.19 -42.96
CA GLU D 255 -9.45 7.08 -42.87
C GLU D 255 -10.00 6.91 -41.45
N GLN D 256 -9.11 7.07 -40.47
CA GLN D 256 -9.48 6.99 -39.05
C GLN D 256 -10.22 8.25 -38.62
N LEU D 257 -9.79 9.38 -39.17
CA LEU D 257 -10.41 10.68 -38.88
C LEU D 257 -11.87 10.70 -39.32
N LEU D 258 -12.12 10.23 -40.54
CA LEU D 258 -13.47 10.14 -41.08
C LEU D 258 -14.34 9.20 -40.23
N LYS D 259 -13.74 8.10 -39.79
CA LYS D 259 -14.36 7.15 -38.87
C LYS D 259 -14.91 7.87 -37.64
N LEU D 260 -14.09 8.74 -37.06
CA LEU D 260 -14.38 9.36 -35.77
C LEU D 260 -15.33 10.54 -35.92
N ARG D 261 -15.16 11.28 -37.01
CA ARG D 261 -16.12 12.33 -37.42
C ARG D 261 -17.53 11.75 -37.48
N GLU D 262 -17.67 10.63 -38.17
CA GLU D 262 -18.96 10.01 -38.40
C GLU D 262 -19.50 9.31 -37.15
N ASN D 263 -18.59 8.93 -36.25
CA ASN D 263 -18.95 8.25 -35.01
C ASN D 263 -18.22 8.83 -33.80
N PRO D 264 -18.77 9.90 -33.21
CA PRO D 264 -18.15 10.62 -32.09
C PRO D 264 -17.99 9.78 -30.81
N ASP D 265 -18.74 8.69 -30.72
CA ASP D 265 -18.65 7.80 -29.56
C ASP D 265 -17.33 7.00 -29.56
N LEU D 266 -16.62 7.05 -30.68
CA LEU D 266 -15.33 6.40 -30.81
C LEU D 266 -14.21 7.22 -30.16
N ILE D 267 -14.56 8.38 -29.59
CA ILE D 267 -13.56 9.30 -29.08
C ILE D 267 -12.73 8.69 -27.94
N GLY D 268 -13.38 7.89 -27.10
CA GLY D 268 -12.70 7.23 -25.99
C GLY D 268 -11.58 6.31 -26.45
N THR D 269 -11.91 5.38 -27.34
CA THR D 269 -10.93 4.44 -27.86
C THR D 269 -9.89 5.11 -28.75
N ALA D 270 -10.30 6.21 -29.40
CA ALA D 270 -9.41 6.97 -30.27
C ALA D 270 -8.35 7.74 -29.49
N VAL D 271 -8.75 8.35 -28.38
CA VAL D 271 -7.82 9.08 -27.52
C VAL D 271 -6.81 8.13 -26.85
N GLU D 272 -7.24 6.91 -26.55
CA GLU D 272 -6.35 5.91 -25.98
C GLU D 272 -5.27 5.47 -26.96
N GLU D 273 -5.64 5.37 -28.23
CA GLU D 273 -4.68 5.00 -29.28
C GLU D 273 -3.74 6.16 -29.63
N CYS D 274 -4.23 7.39 -29.48
CA CYS D 274 -3.38 8.57 -29.57
C CYS D 274 -2.34 8.58 -28.47
N LEU D 275 -2.77 8.24 -27.26
CA LEU D 275 -1.87 8.10 -26.12
C LEU D 275 -0.81 7.03 -26.35
N ARG D 276 -1.23 5.87 -26.85
CA ARG D 276 -0.28 4.78 -27.14
C ARG D 276 0.70 5.16 -28.26
N TYR D 277 0.18 5.75 -29.34
CA TYR D 277 0.92 5.93 -30.58
C TYR D 277 1.90 7.11 -30.53
N GLU D 278 1.45 8.22 -29.95
CA GLU D 278 2.29 9.41 -29.81
C GLU D 278 2.27 9.93 -28.37
N SER D 279 2.92 9.21 -27.48
CA SER D 279 2.82 9.47 -26.04
C SER D 279 3.44 10.80 -25.65
N PRO D 280 2.65 11.69 -25.02
CA PRO D 280 3.14 13.00 -24.60
C PRO D 280 4.36 12.90 -23.69
N THR D 281 4.40 11.91 -22.81
CA THR D 281 5.59 11.63 -22.00
C THR D 281 6.34 10.43 -22.55
N GLN D 282 7.60 10.67 -22.95
CA GLN D 282 8.40 9.64 -23.61
C GLN D 282 9.33 8.92 -22.64
N MET D 283 9.57 9.53 -21.48
CA MET D 283 10.52 8.99 -20.52
C MET D 283 10.13 9.30 -19.08
N THR D 284 10.26 8.30 -18.21
CA THR D 284 10.46 8.55 -16.79
C THR D 284 11.65 7.75 -16.29
N ALA D 285 11.98 7.88 -15.01
CA ALA D 285 13.23 7.34 -14.50
C ALA D 285 13.14 6.81 -13.07
N ARG D 286 13.96 5.80 -12.78
CA ARG D 286 14.07 5.23 -11.45
C ARG D 286 15.54 4.99 -11.08
N VAL D 287 15.81 4.90 -9.78
CA VAL D 287 17.13 4.47 -9.29
C VAL D 287 17.00 3.19 -8.46
N ALA D 288 17.92 2.26 -8.66
CA ALA D 288 17.91 0.99 -7.93
C ALA D 288 18.41 1.17 -6.50
N SER D 289 17.55 0.85 -5.53
CA SER D 289 17.89 0.99 -4.12
C SER D 289 18.70 -0.20 -3.61
N GLU D 290 18.75 -1.26 -4.41
CA GLU D 290 19.59 -2.42 -4.14
C GLU D 290 19.84 -3.19 -5.44
N ASP D 291 20.64 -4.25 -5.35
CA ASP D 291 20.87 -5.12 -6.50
C ASP D 291 19.59 -5.87 -6.86
N ILE D 292 19.22 -5.80 -8.13
CA ILE D 292 17.95 -6.38 -8.58
C ILE D 292 18.13 -7.18 -9.87
N ASP D 293 17.67 -8.44 -9.83
CA ASP D 293 17.67 -9.30 -11.00
C ASP D 293 16.34 -9.22 -11.76
N ILE D 294 16.41 -8.90 -13.05
CA ILE D 294 15.24 -8.80 -13.91
C ILE D 294 15.62 -9.15 -15.35
N CYS D 295 14.78 -9.94 -16.01
CA CYS D 295 14.92 -10.23 -17.44
C CYS D 295 16.35 -10.64 -17.82
N GLY D 296 16.97 -11.43 -16.95
CA GLY D 296 18.29 -12.00 -17.23
C GLY D 296 19.43 -11.00 -17.15
N VAL D 297 19.20 -9.88 -16.48
CA VAL D 297 20.28 -8.94 -16.16
C VAL D 297 20.25 -8.56 -14.68
N THR D 298 21.37 -8.05 -14.17
CA THR D 298 21.44 -7.52 -12.82
C THR D 298 21.64 -6.01 -12.83
N ILE D 299 20.69 -5.29 -12.25
CA ILE D 299 20.81 -3.86 -12.06
C ILE D 299 21.32 -3.58 -10.64
N ARG D 300 22.51 -3.00 -10.56
CA ARG D 300 23.21 -2.82 -9.28
C ARG D 300 22.66 -1.64 -8.50
N GLN D 301 22.81 -1.68 -7.19
CA GLN D 301 22.44 -0.57 -6.33
C GLN D 301 23.05 0.74 -6.80
N GLY D 302 22.22 1.77 -6.94
CA GLY D 302 22.68 3.10 -7.31
C GLY D 302 22.62 3.41 -8.80
N GLU D 303 22.43 2.38 -9.62
CA GLU D 303 22.39 2.55 -11.07
C GLU D 303 21.06 3.13 -11.55
N GLN D 304 21.12 3.96 -12.58
CA GLN D 304 19.93 4.68 -13.08
C GLN D 304 19.18 3.86 -14.13
N VAL D 305 17.86 3.91 -14.06
CA VAL D 305 17.00 3.15 -14.97
C VAL D 305 16.06 4.11 -15.71
N TYR D 306 16.10 4.09 -17.03
CA TYR D 306 15.34 5.03 -17.84
C TYR D 306 14.27 4.31 -18.65
N LEU D 307 13.02 4.63 -18.33
CA LEU D 307 11.88 3.91 -18.89
C LEU D 307 11.28 4.67 -20.04
N LEU D 308 11.44 4.12 -21.24
CA LEU D 308 10.98 4.77 -22.46
C LEU D 308 9.55 4.33 -22.78
N LEU D 309 8.60 5.10 -22.28
CA LEU D 309 7.19 4.71 -22.31
C LEU D 309 6.65 4.62 -23.73
N GLY D 310 7.11 5.51 -24.61
CA GLY D 310 6.73 5.45 -26.01
C GLY D 310 7.23 4.19 -26.70
N ALA D 311 8.42 3.74 -26.30
CA ALA D 311 9.00 2.50 -26.80
C ALA D 311 8.22 1.27 -26.35
N ALA D 312 7.94 1.21 -25.05
CA ALA D 312 7.12 0.12 -24.49
C ALA D 312 5.76 0.04 -25.17
N ASN D 313 5.20 1.20 -25.52
CA ASN D 313 3.90 1.27 -26.18
C ASN D 313 3.91 0.70 -27.61
N ARG D 314 5.10 0.40 -28.12
CA ARG D 314 5.21 -0.19 -29.45
C ARG D 314 5.87 -1.58 -29.42
N ASP D 315 5.74 -2.25 -28.27
CA ASP D 315 6.23 -3.62 -28.10
C ASP D 315 5.30 -4.63 -28.81
N PRO D 316 5.83 -5.31 -29.83
CA PRO D 316 5.06 -6.22 -30.70
C PRO D 316 4.48 -7.42 -29.95
N SER D 317 5.07 -7.78 -28.81
CA SER D 317 4.58 -8.90 -28.02
C SER D 317 3.34 -8.53 -27.20
N ILE D 318 2.96 -7.26 -27.25
CA ILE D 318 1.76 -6.78 -26.57
C ILE D 318 0.77 -6.20 -27.58
N PHE D 319 1.29 -5.39 -28.50
CA PHE D 319 0.46 -4.75 -29.52
C PHE D 319 0.81 -5.30 -30.90
N THR D 320 -0.12 -6.04 -31.50
CA THR D 320 0.05 -6.54 -32.86
C THR D 320 0.12 -5.37 -33.84
N ASN D 321 1.06 -5.45 -34.77
CA ASN D 321 1.35 -4.34 -35.69
C ASN D 321 1.46 -3.01 -34.94
N PRO D 322 2.48 -2.89 -34.07
CA PRO D 322 2.55 -1.77 -33.12
C PRO D 322 2.74 -0.41 -33.78
N ASP D 323 3.26 -0.39 -35.00
CA ASP D 323 3.48 0.87 -35.71
C ASP D 323 2.27 1.27 -36.56
N VAL D 324 1.18 0.52 -36.43
CA VAL D 324 -0.07 0.84 -37.10
C VAL D 324 -0.99 1.62 -36.14
N PHE D 325 -1.44 2.79 -36.58
CA PHE D 325 -2.38 3.61 -35.83
C PHE D 325 -3.80 3.10 -36.09
N ASP D 326 -4.42 2.53 -35.05
CA ASP D 326 -5.73 1.90 -35.18
C ASP D 326 -6.62 2.29 -34.01
N ILE D 327 -7.56 3.21 -34.26
CA ILE D 327 -8.38 3.77 -33.20
C ILE D 327 -9.42 2.80 -32.64
N THR D 328 -9.49 1.60 -33.21
CA THR D 328 -10.43 0.59 -32.75
C THR D 328 -9.78 -0.43 -31.80
N ARG D 329 -8.49 -0.24 -31.54
CA ARG D 329 -7.72 -1.10 -30.64
C ARG D 329 -8.40 -1.25 -29.27
N SER D 330 -8.70 -2.48 -28.89
CA SER D 330 -9.37 -2.75 -27.61
C SER D 330 -8.98 -4.10 -27.00
N PRO D 331 -8.57 -4.09 -25.72
CA PRO D 331 -8.33 -2.87 -24.97
C PRO D 331 -6.98 -2.27 -25.36
N ASN D 332 -6.52 -1.28 -24.61
CA ASN D 332 -5.29 -0.59 -24.93
C ASN D 332 -4.46 -0.31 -23.69
N PRO D 333 -3.72 -1.31 -23.20
CA PRO D 333 -3.01 -1.21 -21.94
C PRO D 333 -1.68 -0.46 -22.08
N HIS D 334 -1.71 0.70 -22.74
CA HIS D 334 -0.53 1.53 -22.91
C HIS D 334 0.00 2.02 -21.55
N LEU D 335 1.24 2.50 -21.54
CA LEU D 335 1.88 2.94 -20.30
C LEU D 335 2.18 4.43 -20.32
N SER D 336 1.38 5.18 -21.07
CA SER D 336 1.59 6.62 -21.27
C SER D 336 1.43 7.40 -19.96
N PHE D 337 0.59 6.88 -19.08
CA PHE D 337 0.35 7.51 -17.78
C PHE D 337 1.19 6.84 -16.69
N GLY D 338 2.09 5.95 -17.09
CA GLY D 338 2.93 5.23 -16.14
C GLY D 338 2.25 4.00 -15.58
N HIS D 339 2.61 3.64 -14.37
CA HIS D 339 2.23 2.37 -13.76
C HIS D 339 2.71 2.30 -12.32
N GLY D 340 1.90 1.71 -11.44
CA GLY D 340 2.29 1.54 -10.05
C GLY D 340 1.91 2.72 -9.17
N HIS D 341 2.67 2.93 -8.11
CA HIS D 341 2.33 3.92 -7.08
C HIS D 341 2.32 5.37 -7.56
N HIS D 342 3.12 5.67 -8.59
CA HIS D 342 3.25 7.03 -9.11
C HIS D 342 2.43 7.27 -10.36
N VAL D 343 1.54 6.32 -10.70
CA VAL D 343 0.70 6.44 -11.88
C VAL D 343 -0.02 7.78 -11.92
N CYS D 344 -0.12 8.36 -13.12
CA CYS D 344 -0.56 9.75 -13.28
C CYS D 344 -1.77 10.08 -12.42
N LEU D 345 -1.67 11.16 -11.65
CA LEU D 345 -2.77 11.59 -10.78
C LEU D 345 -3.91 12.24 -11.55
N GLY D 346 -3.59 12.93 -12.65
CA GLY D 346 -4.58 13.70 -13.39
C GLY D 346 -4.99 13.10 -14.73
N SER D 347 -4.90 11.78 -14.84
CA SER D 347 -5.13 11.08 -16.11
C SER D 347 -6.58 11.21 -16.59
N SER D 348 -7.53 11.19 -15.66
CA SER D 348 -8.94 11.37 -16.01
C SER D 348 -9.21 12.76 -16.58
N LEU D 349 -8.62 13.77 -15.96
CA LEU D 349 -8.75 15.15 -16.44
C LEU D 349 -8.14 15.32 -17.82
N ALA D 350 -6.95 14.76 -18.02
CA ALA D 350 -6.25 14.84 -19.30
C ALA D 350 -7.07 14.20 -20.41
N ARG D 351 -7.60 13.00 -20.14
CA ARG D 351 -8.48 12.30 -21.07
C ARG D 351 -9.73 13.12 -21.41
N LEU D 352 -10.34 13.71 -20.39
CA LEU D 352 -11.56 14.50 -20.56
C LEU D 352 -11.31 15.74 -21.42
N GLU D 353 -10.25 16.48 -21.11
CA GLU D 353 -9.87 17.65 -21.90
C GLU D 353 -9.67 17.30 -23.37
N ALA D 354 -8.94 16.21 -23.62
CA ALA D 354 -8.64 15.76 -24.97
C ALA D 354 -9.88 15.31 -25.73
N GLN D 355 -10.71 14.49 -25.09
CA GLN D 355 -11.94 13.98 -25.69
C GLN D 355 -12.87 15.11 -26.13
N ILE D 356 -13.08 16.08 -25.22
CA ILE D 356 -13.97 17.20 -25.50
C ILE D 356 -13.40 18.10 -26.60
N ALA D 357 -12.11 18.42 -26.50
CA ALA D 357 -11.46 19.31 -27.45
C ALA D 357 -11.46 18.75 -28.87
N ILE D 358 -11.13 17.46 -29.00
CA ILE D 358 -11.02 16.83 -30.31
C ILE D 358 -12.39 16.63 -30.97
N ASN D 359 -13.34 16.08 -30.22
CA ASN D 359 -14.69 15.87 -30.74
C ASN D 359 -15.37 17.17 -31.19
N THR D 360 -15.24 18.22 -30.38
CA THR D 360 -15.81 19.53 -30.70
C THR D 360 -15.15 20.15 -31.92
N LEU D 361 -13.82 20.04 -31.98
CA LEU D 361 -13.05 20.53 -33.12
C LEU D 361 -13.52 19.89 -34.43
N LEU D 362 -13.65 18.56 -34.42
CA LEU D 362 -14.06 17.83 -35.61
C LEU D 362 -15.51 18.13 -35.99
N GLN D 363 -16.33 18.45 -34.99
CA GLN D 363 -17.73 18.79 -35.21
C GLN D 363 -17.87 20.18 -35.84
N ARG D 364 -17.11 21.14 -35.32
CA ARG D 364 -17.25 22.53 -35.72
C ARG D 364 -16.39 22.90 -36.93
N MET D 365 -15.39 22.07 -37.23
CA MET D 365 -14.55 22.27 -38.41
C MET D 365 -14.64 21.03 -39.32
N PRO D 366 -15.68 20.94 -40.15
CA PRO D 366 -16.00 19.74 -40.93
C PRO D 366 -14.97 19.44 -42.01
N SER D 367 -14.24 20.46 -42.46
CA SER D 367 -13.27 20.32 -43.54
C SER D 367 -11.85 20.62 -43.06
N LEU D 368 -11.49 20.08 -41.89
CA LEU D 368 -10.20 20.36 -41.29
C LEU D 368 -9.05 19.69 -42.04
N ASN D 369 -8.01 20.47 -42.33
CA ASN D 369 -6.81 19.94 -42.96
C ASN D 369 -5.54 20.55 -42.38
N LEU D 370 -4.41 19.92 -42.68
CA LEU D 370 -3.11 20.46 -42.30
C LEU D 370 -2.67 21.57 -43.25
N ALA D 371 -1.89 22.52 -42.73
CA ALA D 371 -1.36 23.61 -43.55
C ALA D 371 0.03 23.26 -44.09
N ASP D 372 0.77 22.45 -43.33
CA ASP D 372 2.17 22.16 -43.67
C ASP D 372 2.98 23.41 -43.96
N TRP D 375 6.53 19.40 -39.80
CA TRP D 375 6.30 19.70 -38.41
C TRP D 375 7.58 19.67 -37.58
N ARG D 376 7.68 20.60 -36.64
CA ARG D 376 8.83 20.68 -35.75
C ARG D 376 8.44 20.24 -34.35
N TYR D 377 9.28 19.40 -33.75
CA TYR D 377 9.14 19.04 -32.36
C TYR D 377 10.08 19.85 -31.49
N ARG D 378 9.59 20.30 -30.34
CA ARG D 378 10.42 20.97 -29.35
C ARG D 378 11.59 20.08 -28.92
N PRO D 379 12.76 20.68 -28.63
CA PRO D 379 13.94 19.92 -28.27
C PRO D 379 13.85 19.31 -26.86
N LEU D 380 12.91 18.38 -26.69
CA LEU D 380 12.78 17.63 -25.44
C LEU D 380 12.78 16.15 -25.76
N PHE D 381 13.62 15.39 -25.06
CA PHE D 381 13.71 13.95 -25.28
C PHE D 381 12.76 13.15 -24.39
N GLY D 382 12.42 13.71 -23.23
CA GLY D 382 11.50 13.07 -22.31
C GLY D 382 10.03 13.32 -22.64
N PHE D 383 9.80 14.20 -23.61
CA PHE D 383 8.44 14.57 -24.00
C PHE D 383 8.31 14.64 -25.52
N ARG D 384 7.12 14.33 -26.02
CA ARG D 384 6.84 14.48 -27.44
C ARG D 384 5.94 15.69 -27.67
N ALA D 385 6.56 16.84 -27.96
CA ALA D 385 5.87 18.13 -27.98
C ALA D 385 6.14 18.87 -29.28
N LEU D 386 5.07 19.18 -30.01
CA LEU D 386 5.16 19.97 -31.25
C LEU D 386 5.43 21.45 -30.95
N GLU D 387 6.18 22.09 -31.82
CA GLU D 387 6.38 23.54 -31.75
C GLU D 387 5.09 24.28 -32.08
N GLU D 388 4.49 23.91 -33.21
CA GLU D 388 3.27 24.53 -33.71
C GLU D 388 2.51 23.54 -34.59
N LEU D 389 1.20 23.72 -34.71
CA LEU D 389 0.38 22.90 -35.59
C LEU D 389 -0.63 23.75 -36.37
N PRO D 390 -0.19 24.35 -37.49
CA PRO D 390 -1.07 25.15 -38.33
C PRO D 390 -2.06 24.30 -39.12
N VAL D 391 -3.33 24.69 -39.09
CA VAL D 391 -4.39 23.98 -39.79
C VAL D 391 -5.29 24.94 -40.56
N THR D 392 -6.00 24.42 -41.55
CA THR D 392 -7.01 25.19 -42.28
C THR D 392 -8.35 24.49 -42.21
N PHE D 393 -9.44 25.24 -42.39
CA PHE D 393 -10.78 24.69 -42.26
C PHE D 393 -11.87 25.46 -43.00
N GLU D 394 -13.04 24.83 -43.10
CA GLU D 394 -14.32 25.52 -43.29
C GLU D 394 -14.41 26.35 -44.56
N SER E 18 70.68 3.71 18.63
CA SER E 18 70.01 2.59 17.90
C SER E 18 70.95 1.42 17.68
N HIS E 19 70.38 0.25 17.41
CA HIS E 19 71.16 -0.96 17.14
C HIS E 19 70.36 -1.97 16.30
N MET E 20 71.08 -2.90 15.68
CA MET E 20 70.45 -4.01 14.96
C MET E 20 69.69 -4.91 15.94
N SER E 21 68.63 -5.56 15.45
CA SER E 21 67.80 -6.42 16.28
C SER E 21 68.58 -7.60 16.84
N THR E 22 68.59 -7.73 18.17
CA THR E 22 69.22 -8.88 18.82
C THR E 22 68.28 -10.08 18.77
N ILE E 23 68.81 -11.26 19.06
CA ILE E 23 68.00 -12.48 19.08
C ILE E 23 66.83 -12.37 20.04
N GLU E 24 67.08 -11.86 21.25
CA GLU E 24 66.03 -11.63 22.25
C GLU E 24 64.96 -10.66 21.76
N GLU E 25 65.38 -9.59 21.11
CA GLU E 25 64.45 -8.58 20.58
C GLU E 25 63.59 -9.16 19.46
N ARG E 26 64.19 -10.00 18.62
CA ARG E 26 63.46 -10.64 17.53
C ARG E 26 62.43 -11.64 18.03
N VAL E 27 62.79 -12.40 19.06
CA VAL E 27 61.87 -13.34 19.68
C VAL E 27 60.67 -12.62 20.30
N LYS E 28 60.95 -11.53 21.02
CA LYS E 28 59.90 -10.79 21.72
C LYS E 28 58.99 -10.01 20.78
N LYS E 29 59.55 -9.54 19.67
CA LYS E 29 58.75 -8.89 18.62
C LYS E 29 57.70 -9.85 18.08
N ILE E 30 58.12 -11.07 17.78
CA ILE E 30 57.22 -12.11 17.28
C ILE E 30 56.11 -12.44 18.28
N ILE E 31 56.50 -12.68 19.53
CA ILE E 31 55.54 -12.99 20.59
C ILE E 31 54.53 -11.86 20.78
N GLY E 32 55.04 -10.62 20.77
CA GLY E 32 54.19 -9.45 20.90
C GLY E 32 53.17 -9.32 19.79
N GLU E 33 53.62 -9.53 18.56
CA GLU E 33 52.74 -9.46 17.39
C GLU E 33 51.71 -10.58 17.39
N GLN E 34 52.13 -11.76 17.82
CA GLN E 34 51.26 -12.94 17.83
C GLN E 34 50.17 -12.83 18.88
N LEU E 35 50.52 -12.34 20.07
CA LEU E 35 49.63 -12.39 21.23
C LEU E 35 49.02 -11.03 21.58
N GLY E 36 49.31 -10.02 20.77
CA GLY E 36 48.73 -8.70 20.93
C GLY E 36 49.20 -7.96 22.18
N VAL E 37 50.39 -8.31 22.65
CA VAL E 37 50.98 -7.67 23.82
C VAL E 37 52.13 -6.75 23.42
N LYS E 38 52.49 -5.84 24.32
CA LYS E 38 53.60 -4.93 24.08
C LYS E 38 54.94 -5.67 24.15
N GLN E 39 55.84 -5.35 23.22
CA GLN E 39 57.12 -6.04 23.11
C GLN E 39 57.97 -5.89 24.37
N GLU E 40 57.50 -5.06 25.30
CA GLU E 40 58.20 -4.84 26.56
C GLU E 40 57.47 -5.45 27.76
N GLU E 41 56.24 -5.91 27.53
CA GLU E 41 55.49 -6.67 28.53
C GLU E 41 55.85 -8.15 28.46
N VAL E 42 56.65 -8.52 27.46
CA VAL E 42 57.14 -9.88 27.33
C VAL E 42 58.41 -10.06 28.15
N THR E 43 58.28 -10.67 29.32
CA THR E 43 59.41 -10.95 30.19
C THR E 43 60.02 -12.30 29.84
N ASN E 44 61.32 -12.46 30.09
CA ASN E 44 62.05 -13.69 29.75
C ASN E 44 61.50 -14.91 30.48
N ASN E 45 60.96 -14.70 31.68
CA ASN E 45 60.47 -15.80 32.50
C ASN E 45 58.99 -16.11 32.30
N ALA E 46 58.33 -15.33 31.45
CA ALA E 46 56.91 -15.51 31.19
C ALA E 46 56.63 -16.83 30.48
N SER E 47 55.67 -17.59 30.99
CA SER E 47 55.21 -18.80 30.34
C SER E 47 54.18 -18.46 29.28
N PHE E 48 54.29 -19.09 28.11
CA PHE E 48 53.44 -18.76 26.96
C PHE E 48 51.97 -18.98 27.26
N VAL E 49 51.64 -20.12 27.85
CA VAL E 49 50.25 -20.49 28.10
C VAL E 49 49.65 -19.75 29.30
N GLU E 50 50.29 -19.87 30.45
CA GLU E 50 49.75 -19.30 31.69
C GLU E 50 49.80 -17.78 31.72
N ASP E 51 51.00 -17.22 31.56
CA ASP E 51 51.20 -15.78 31.72
C ASP E 51 50.72 -14.99 30.50
N LEU E 52 51.10 -15.45 29.31
CA LEU E 52 50.85 -14.69 28.09
C LEU E 52 49.53 -15.06 27.42
N GLY E 53 48.95 -16.18 27.82
CA GLY E 53 47.60 -16.55 27.39
C GLY E 53 47.53 -17.12 25.98
N ALA E 54 48.55 -17.89 25.60
CA ALA E 54 48.60 -18.50 24.27
C ALA E 54 47.72 -19.74 24.20
N ASP E 55 46.77 -19.75 23.26
CA ASP E 55 45.91 -20.91 23.06
C ASP E 55 46.55 -21.97 22.16
N SER E 56 45.78 -23.00 21.81
CA SER E 56 46.32 -24.16 21.10
C SER E 56 46.59 -23.90 19.63
N LEU E 57 46.25 -22.71 19.14
CA LEU E 57 46.69 -22.25 17.82
C LEU E 57 47.85 -21.28 17.95
N ASP E 58 47.76 -20.39 18.94
CA ASP E 58 48.80 -19.40 19.20
C ASP E 58 50.18 -20.05 19.26
N THR E 59 50.30 -21.14 20.00
CA THR E 59 51.60 -21.79 20.22
C THR E 59 52.15 -22.42 18.95
N VAL E 60 51.26 -23.00 18.15
CA VAL E 60 51.65 -23.56 16.85
C VAL E 60 52.13 -22.44 15.91
N GLU E 61 51.38 -21.33 15.88
CA GLU E 61 51.73 -20.19 15.04
C GLU E 61 53.00 -19.49 15.51
N LEU E 62 53.26 -19.54 16.82
CA LEU E 62 54.50 -19.00 17.38
C LEU E 62 55.73 -19.77 16.91
N VAL E 63 55.62 -21.10 16.90
CA VAL E 63 56.72 -21.95 16.43
C VAL E 63 56.98 -21.71 14.94
N MET E 64 55.92 -21.66 14.14
CA MET E 64 56.04 -21.36 12.71
C MET E 64 56.76 -20.04 12.48
N ALA E 65 56.37 -19.01 13.24
CA ALA E 65 56.93 -17.68 13.09
C ALA E 65 58.39 -17.64 13.49
N LEU E 66 58.75 -18.37 14.54
CA LEU E 66 60.13 -18.46 14.99
C LEU E 66 60.99 -19.26 14.03
N GLU E 67 60.44 -20.36 13.52
CA GLU E 67 61.10 -21.16 12.48
C GLU E 67 61.40 -20.33 11.25
N GLU E 68 60.44 -19.49 10.86
CA GLU E 68 60.60 -18.59 9.72
C GLU E 68 61.66 -17.52 9.99
N GLU E 69 61.53 -16.83 11.12
CA GLU E 69 62.40 -15.72 11.47
C GLU E 69 63.86 -16.13 11.57
N PHE E 70 64.11 -17.32 12.11
CA PHE E 70 65.47 -17.77 12.39
C PHE E 70 65.94 -18.86 11.44
N ASP E 71 65.15 -19.10 10.39
CA ASP E 71 65.49 -20.08 9.34
C ASP E 71 65.95 -21.41 9.92
N THR E 72 65.08 -22.02 10.71
CA THR E 72 65.41 -23.27 11.39
C THR E 72 64.22 -24.21 11.44
N GLU E 73 64.49 -25.49 11.74
CA GLU E 73 63.43 -26.47 11.90
C GLU E 73 63.49 -27.10 13.29
N ILE E 74 62.42 -26.90 14.06
CA ILE E 74 62.32 -27.43 15.42
C ILE E 74 61.46 -28.69 15.42
N PRO E 75 62.05 -29.84 15.83
CA PRO E 75 61.29 -31.07 16.02
C PRO E 75 60.18 -30.90 17.05
N ASP E 76 59.09 -31.64 16.88
CA ASP E 76 57.94 -31.55 17.78
C ASP E 76 58.34 -31.81 19.24
N GLU E 77 59.29 -32.72 19.44
CA GLU E 77 59.72 -33.12 20.77
C GLU E 77 60.45 -31.99 21.50
N GLU E 78 61.16 -31.16 20.74
CA GLU E 78 61.89 -30.02 21.30
C GLU E 78 60.95 -28.85 21.59
N ALA E 79 59.97 -28.65 20.70
CA ALA E 79 58.97 -27.60 20.88
C ALA E 79 58.12 -27.85 22.12
N GLU E 80 57.86 -29.14 22.40
CA GLU E 80 57.17 -29.56 23.61
C GLU E 80 57.85 -29.09 24.89
N LYS E 81 59.18 -29.09 24.86
CA LYS E 81 60.00 -28.73 26.02
C LYS E 81 59.90 -27.24 26.34
N ILE E 82 59.73 -26.42 25.31
CA ILE E 82 59.76 -24.96 25.46
C ILE E 82 58.44 -24.44 26.01
N THR E 83 58.48 -23.92 27.23
CA THR E 83 57.28 -23.38 27.88
C THR E 83 57.40 -21.90 28.21
N THR E 84 58.64 -21.39 28.28
CA THR E 84 58.87 -20.00 28.61
C THR E 84 59.64 -19.26 27.51
N VAL E 85 59.56 -17.94 27.54
CA VAL E 85 60.28 -17.07 26.60
C VAL E 85 61.78 -17.37 26.60
N GLN E 86 62.34 -17.54 27.79
CA GLN E 86 63.76 -17.83 27.95
C GLN E 86 64.17 -19.14 27.27
N ALA E 87 63.33 -20.16 27.41
CA ALA E 87 63.57 -21.45 26.79
C ALA E 87 63.62 -21.35 25.26
N ALA E 88 62.77 -20.49 24.72
CA ALA E 88 62.77 -20.22 23.27
C ALA E 88 64.05 -19.51 22.85
N ILE E 89 64.45 -18.50 23.62
CA ILE E 89 65.69 -17.78 23.37
C ILE E 89 66.91 -18.70 23.49
N ASP E 90 66.91 -19.57 24.50
CA ASP E 90 67.98 -20.55 24.70
C ASP E 90 68.11 -21.53 23.54
N TYR E 91 66.96 -21.99 23.03
CA TYR E 91 66.96 -22.94 21.92
C TYR E 91 67.53 -22.30 20.66
N ILE E 92 67.09 -21.09 20.37
CA ILE E 92 67.57 -20.33 19.21
C ILE E 92 69.08 -20.09 19.30
N ASN E 93 69.53 -19.66 20.48
CA ASN E 93 70.96 -19.45 20.73
C ASN E 93 71.78 -20.73 20.62
N GLY E 94 71.19 -21.85 21.02
CA GLY E 94 71.82 -23.16 20.85
C GLY E 94 71.77 -23.66 19.42
N HIS E 95 70.99 -22.99 18.58
CA HIS E 95 70.81 -23.39 17.19
C HIS E 95 70.88 -22.21 16.23
N SER F 9 57.37 -34.28 1.00
CA SER F 9 57.37 -34.60 -0.45
C SER F 9 57.39 -36.11 -0.70
N GLU F 10 58.19 -36.83 0.08
CA GLU F 10 58.26 -38.28 -0.01
C GLU F 10 57.04 -38.94 0.62
N PHE F 11 56.46 -38.28 1.62
CA PHE F 11 55.22 -38.72 2.24
C PHE F 11 54.06 -38.60 1.26
N LEU F 12 54.02 -37.51 0.51
CA LEU F 12 52.93 -37.27 -0.43
C LEU F 12 52.98 -38.21 -1.63
N LYS F 13 54.19 -38.65 -1.98
CA LYS F 13 54.38 -39.62 -3.06
C LYS F 13 53.85 -41.00 -2.65
N ASN F 14 54.06 -41.37 -1.40
CA ASN F 14 53.61 -42.65 -0.87
C ASN F 14 53.40 -42.57 0.65
N PRO F 15 52.20 -42.13 1.07
CA PRO F 15 51.88 -42.02 2.49
C PRO F 15 51.68 -43.37 3.16
N TYR F 16 51.49 -44.42 2.34
CA TYR F 16 51.02 -45.71 2.81
C TYR F 16 52.07 -46.51 3.56
N SER F 17 53.34 -46.31 3.21
CA SER F 17 54.45 -46.90 3.96
C SER F 17 54.59 -46.23 5.32
N PHE F 18 54.38 -44.92 5.37
CA PHE F 18 54.33 -44.17 6.63
C PHE F 18 53.22 -44.69 7.54
N TYR F 19 52.04 -44.90 6.97
CA TYR F 19 50.91 -45.47 7.71
C TYR F 19 51.25 -46.86 8.24
N ASP F 20 51.93 -47.66 7.42
CA ASP F 20 52.27 -49.04 7.77
C ASP F 20 53.19 -49.12 8.98
N THR F 21 54.16 -48.23 9.05
CA THR F 21 55.11 -48.21 10.17
C THR F 21 54.41 -47.85 11.48
N LEU F 22 53.42 -46.97 11.40
CA LEU F 22 52.60 -46.62 12.56
C LEU F 22 51.76 -47.80 13.03
N ARG F 23 51.15 -48.50 12.08
CA ARG F 23 50.27 -49.63 12.39
C ARG F 23 51.03 -50.76 13.07
N ALA F 24 52.27 -50.97 12.66
CA ALA F 24 53.11 -52.05 13.19
C ALA F 24 53.46 -51.81 14.66
N VAL F 25 53.58 -50.55 15.05
CA VAL F 25 53.76 -50.19 16.45
C VAL F 25 52.45 -50.37 17.22
N HIS F 26 51.41 -49.66 16.80
CA HIS F 26 50.08 -49.79 17.38
C HIS F 26 49.06 -49.09 16.48
N PRO F 27 47.91 -49.75 16.23
CA PRO F 27 46.84 -49.18 15.42
C PRO F 27 46.27 -47.88 16.00
N ILE F 28 46.48 -47.66 17.29
CA ILE F 28 46.26 -46.35 17.90
C ILE F 28 47.59 -45.82 18.44
N TYR F 29 48.17 -44.87 17.72
CA TYR F 29 49.55 -44.48 17.91
C TYR F 29 49.63 -43.09 18.57
N LYS F 30 50.23 -43.04 19.76
CA LYS F 30 50.46 -41.76 20.41
C LYS F 30 51.70 -41.09 19.83
N GLY F 31 51.54 -39.84 19.40
CA GLY F 31 52.64 -39.11 18.78
C GLY F 31 52.27 -37.69 18.42
N SER F 32 53.11 -37.07 17.60
CA SER F 32 52.96 -35.68 17.22
C SER F 32 53.48 -35.47 15.80
N PHE F 33 52.65 -34.88 14.95
CA PHE F 33 53.05 -34.59 13.58
C PHE F 33 52.62 -33.18 13.18
N LEU F 34 53.55 -32.45 12.55
CA LEU F 34 53.35 -31.03 12.24
C LEU F 34 52.91 -30.21 13.44
N LYS F 35 53.48 -30.54 14.61
CA LYS F 35 53.25 -29.80 15.85
C LYS F 35 51.87 -30.07 16.47
N TYR F 36 51.19 -31.10 15.97
CA TYR F 36 49.88 -31.47 16.53
C TYR F 36 49.93 -32.81 17.26
N PRO F 37 49.91 -32.77 18.60
CA PRO F 37 50.00 -33.97 19.41
C PRO F 37 48.64 -34.67 19.52
N GLY F 38 48.66 -36.00 19.55
CA GLY F 38 47.45 -36.77 19.75
C GLY F 38 47.58 -38.23 19.36
N TRP F 39 46.44 -38.88 19.20
CA TRP F 39 46.40 -40.29 18.83
C TRP F 39 46.10 -40.47 17.35
N TYR F 40 47.01 -41.15 16.66
CA TYR F 40 46.94 -41.31 15.22
C TYR F 40 46.54 -42.74 14.85
N VAL F 41 45.32 -42.87 14.32
CA VAL F 41 44.69 -44.18 14.16
C VAL F 41 44.81 -44.70 12.74
N THR F 42 45.49 -45.83 12.60
CA THR F 42 45.69 -46.48 11.31
C THR F 42 44.90 -47.78 11.21
N GLY F 43 44.34 -48.21 12.34
CA GLY F 43 43.58 -49.46 12.39
C GLY F 43 42.13 -49.31 11.97
N TYR F 44 41.67 -50.26 11.16
CA TYR F 44 40.31 -50.24 10.63
C TYR F 44 39.24 -50.32 11.73
N GLU F 45 39.33 -51.36 12.56
CA GLU F 45 38.34 -51.61 13.59
C GLU F 45 38.35 -50.49 14.64
N GLU F 46 39.53 -49.96 14.91
CA GLU F 46 39.69 -48.84 15.83
C GLU F 46 39.08 -47.57 15.27
N THR F 47 39.32 -47.32 13.99
CA THR F 47 38.75 -46.15 13.29
C THR F 47 37.23 -46.20 13.33
N ALA F 48 36.68 -47.32 12.89
CA ALA F 48 35.23 -47.54 12.89
C ALA F 48 34.62 -47.36 14.28
N ALA F 49 35.29 -47.92 15.29
CA ALA F 49 34.81 -47.84 16.67
C ALA F 49 34.78 -46.40 17.19
N ILE F 50 35.83 -45.65 16.91
CA ILE F 50 35.92 -44.24 17.34
C ILE F 50 34.84 -43.39 16.65
N LEU F 51 34.67 -43.59 15.35
CA LEU F 51 33.71 -42.82 14.56
C LEU F 51 32.26 -43.09 14.95
N LYS F 52 31.99 -44.29 15.44
CA LYS F 52 30.66 -44.64 15.92
C LYS F 52 30.39 -44.15 17.34
N ASP F 53 31.45 -43.92 18.10
CA ASP F 53 31.33 -43.57 19.52
C ASP F 53 31.15 -42.07 19.72
N ALA F 54 29.96 -41.68 20.17
CA ALA F 54 29.60 -40.26 20.30
C ALA F 54 30.34 -39.55 21.43
N ARG F 55 31.02 -40.32 22.28
CA ARG F 55 31.92 -39.75 23.29
C ARG F 55 33.12 -39.06 22.64
N PHE F 56 33.53 -39.56 21.48
CA PHE F 56 34.45 -38.84 20.61
C PHE F 56 33.67 -37.80 19.83
N LYS F 57 33.83 -36.54 20.22
CA LYS F 57 33.07 -35.45 19.61
C LYS F 57 33.84 -34.82 18.46
N VAL F 58 33.11 -34.26 17.50
CA VAL F 58 33.70 -33.35 16.53
C VAL F 58 33.99 -32.01 17.20
N ARG F 59 34.89 -31.24 16.59
CA ARG F 59 35.27 -29.96 17.13
C ARG F 59 35.72 -29.02 16.03
N THR F 60 35.61 -27.73 16.30
CA THR F 60 36.10 -26.70 15.39
C THR F 60 37.61 -26.84 15.17
N PRO F 61 38.06 -26.74 13.91
CA PRO F 61 39.46 -26.93 13.54
C PRO F 61 40.36 -25.76 13.95
N LEU F 62 39.74 -24.70 14.48
CA LEU F 62 40.46 -23.63 15.19
C LEU F 62 39.92 -23.55 16.62
N PRO F 63 40.74 -23.05 17.57
CA PRO F 63 40.33 -23.00 18.97
C PRO F 63 38.97 -22.30 19.13
N GLU F 64 38.14 -22.82 20.02
CA GLU F 64 36.74 -22.40 20.08
C GLU F 64 36.55 -20.91 20.35
N SER F 65 37.37 -20.35 21.23
CA SER F 65 37.23 -18.95 21.64
C SER F 65 38.20 -18.01 20.91
N SER F 66 38.82 -18.50 19.85
CA SER F 66 39.77 -17.69 19.08
C SER F 66 39.07 -16.66 18.21
N THR F 67 39.54 -15.41 18.28
CA THR F 67 39.04 -14.35 17.43
C THR F 67 40.14 -13.76 16.55
N LYS F 68 41.24 -14.50 16.38
CA LYS F 68 42.32 -14.08 15.51
C LYS F 68 41.85 -14.07 14.05
N TYR F 69 41.05 -15.06 13.69
CA TYR F 69 40.37 -15.08 12.40
C TYR F 69 38.88 -15.18 12.63
N GLN F 70 38.31 -14.07 13.09
CA GLN F 70 36.94 -14.01 13.62
C GLN F 70 35.89 -14.50 12.63
N ASP F 71 36.03 -14.08 11.37
CA ASP F 71 35.06 -14.39 10.33
C ASP F 71 35.18 -15.84 9.85
N LEU F 72 36.41 -16.31 9.70
CA LEU F 72 36.68 -17.72 9.39
C LEU F 72 36.14 -18.65 10.49
N SER F 73 36.44 -18.30 11.75
CA SER F 73 35.96 -19.05 12.90
C SER F 73 34.44 -19.14 12.94
N HIS F 74 33.78 -18.00 12.74
CA HIS F 74 32.32 -17.92 12.76
C HIS F 74 31.69 -18.81 11.68
N VAL F 75 32.26 -18.76 10.47
CA VAL F 75 31.77 -19.59 9.37
C VAL F 75 31.95 -21.08 9.66
N GLN F 76 33.14 -21.47 10.09
CA GLN F 76 33.45 -22.85 10.41
C GLN F 76 32.53 -23.41 11.48
N ASN F 77 32.35 -22.65 12.55
CA ASN F 77 31.68 -23.16 13.75
C ASN F 77 30.18 -23.37 13.58
N GLN F 78 29.62 -22.79 12.53
CA GLN F 78 28.20 -22.94 12.22
C GLN F 78 27.89 -24.15 11.35
N MET F 79 28.95 -24.80 10.84
CA MET F 79 28.79 -25.94 9.95
C MET F 79 28.49 -27.23 10.72
N MET F 80 27.62 -28.06 10.14
CA MET F 80 27.19 -29.31 10.78
C MET F 80 28.36 -30.25 11.04
N LEU F 81 29.39 -30.13 10.21
CA LEU F 81 30.58 -30.98 10.28
C LEU F 81 31.32 -30.81 11.61
N PHE F 82 31.17 -29.63 12.21
CA PHE F 82 31.87 -29.32 13.46
C PHE F 82 30.91 -29.10 14.62
N GLN F 83 29.65 -29.52 14.44
CA GLN F 83 28.64 -29.39 15.47
C GLN F 83 28.28 -30.74 16.08
N ASN F 84 28.02 -30.75 17.38
CA ASN F 84 27.54 -31.95 18.06
C ASN F 84 26.06 -31.84 18.42
N GLN F 85 25.58 -32.78 19.23
CA GLN F 85 24.18 -32.79 19.67
C GLN F 85 23.86 -31.55 20.50
N PRO F 86 22.64 -30.99 20.33
CA PRO F 86 21.61 -31.41 19.38
C PRO F 86 21.64 -30.64 18.06
N ASP F 87 22.58 -29.72 17.91
CA ASP F 87 22.66 -28.86 16.75
C ASP F 87 22.92 -29.64 15.46
N HIS F 88 23.73 -30.68 15.55
CA HIS F 88 24.13 -31.46 14.38
C HIS F 88 22.93 -32.04 13.63
N ARG F 89 22.11 -32.81 14.34
CA ARG F 89 20.96 -33.50 13.76
C ARG F 89 20.02 -32.52 13.05
N ARG F 90 19.74 -31.40 13.71
CA ARG F 90 18.92 -30.35 13.13
C ARG F 90 19.50 -29.86 11.81
N LEU F 91 20.78 -29.49 11.83
CA LEU F 91 21.45 -28.95 10.64
C LEU F 91 21.51 -29.99 9.51
N ARG F 92 21.89 -31.22 9.86
CA ARG F 92 22.00 -32.30 8.89
C ARG F 92 20.67 -32.62 8.23
N THR F 93 19.63 -32.80 9.03
CA THR F 93 18.31 -33.18 8.54
C THR F 93 17.76 -32.15 7.55
N LEU F 94 18.01 -30.88 7.82
CA LEU F 94 17.54 -29.79 6.96
C LEU F 94 18.22 -29.76 5.59
N ALA F 95 19.48 -30.17 5.55
CA ALA F 95 20.24 -30.17 4.31
C ALA F 95 20.11 -31.48 3.53
N SER F 96 19.61 -32.51 4.21
CA SER F 96 19.61 -33.87 3.66
C SER F 96 18.67 -34.06 2.46
N GLY F 97 17.71 -33.16 2.32
CA GLY F 97 16.67 -33.26 1.29
C GLY F 97 17.21 -33.26 -0.13
N ALA F 98 18.31 -32.55 -0.34
CA ALA F 98 18.92 -32.45 -1.67
C ALA F 98 19.81 -33.65 -2.01
N PHE F 99 19.95 -34.59 -1.08
CA PHE F 99 20.93 -35.65 -1.22
C PHE F 99 20.36 -37.06 -0.95
N THR F 100 19.02 -37.15 -0.94
CA THR F 100 18.35 -38.44 -0.88
C THR F 100 18.66 -39.27 -2.13
N PRO F 101 18.58 -40.61 -2.03
CA PRO F 101 18.77 -41.47 -3.19
C PRO F 101 17.93 -41.05 -4.39
N ARG F 102 16.69 -40.67 -4.15
CA ARG F 102 15.76 -40.30 -5.19
C ARG F 102 16.11 -38.96 -5.84
N THR F 103 16.46 -37.98 -5.01
CA THR F 103 16.87 -36.66 -5.51
C THR F 103 18.20 -36.71 -6.23
N THR F 104 19.12 -37.53 -5.73
CA THR F 104 20.42 -37.71 -6.37
C THR F 104 20.26 -38.32 -7.77
N GLU F 105 19.39 -39.31 -7.88
CA GLU F 105 19.10 -39.97 -9.15
C GLU F 105 18.56 -38.98 -10.18
N SER F 106 17.86 -37.95 -9.70
CA SER F 106 17.28 -36.93 -10.58
C SER F 106 18.34 -36.00 -11.16
N TYR F 107 19.56 -36.08 -10.65
CA TYR F 107 20.66 -35.26 -11.14
C TYR F 107 21.34 -35.90 -12.34
N GLN F 108 21.09 -37.19 -12.56
CA GLN F 108 21.79 -37.97 -13.58
C GLN F 108 21.74 -37.34 -14.98
N PRO F 109 20.54 -36.93 -15.45
CA PRO F 109 20.44 -36.26 -16.75
C PRO F 109 21.41 -35.09 -16.91
N TYR F 110 21.44 -34.19 -15.95
CA TYR F 110 22.32 -33.01 -16.02
C TYR F 110 23.80 -33.40 -15.99
N ILE F 111 24.13 -34.45 -15.25
CA ILE F 111 25.52 -34.90 -15.14
C ILE F 111 26.01 -35.48 -16.47
N ILE F 112 25.22 -36.37 -17.06
CA ILE F 112 25.53 -36.94 -18.38
C ILE F 112 25.69 -35.85 -19.43
N GLU F 113 24.77 -34.88 -19.43
CA GLU F 113 24.80 -33.76 -20.36
C GLU F 113 26.10 -32.96 -20.23
N THR F 114 26.44 -32.59 -19.00
CA THR F 114 27.65 -31.81 -18.73
C THR F 114 28.93 -32.57 -19.10
N VAL F 115 28.96 -33.87 -18.80
CA VAL F 115 30.11 -34.71 -19.13
C VAL F 115 30.37 -34.73 -20.64
N HIS F 116 29.33 -34.98 -21.42
CA HIS F 116 29.44 -35.01 -22.87
C HIS F 116 29.85 -33.64 -23.44
N HIS F 117 29.28 -32.59 -22.89
CA HIS F 117 29.60 -31.22 -23.29
C HIS F 117 31.07 -30.89 -23.03
N LEU F 118 31.58 -31.36 -21.90
CA LEU F 118 32.98 -31.11 -21.53
C LEU F 118 33.95 -31.92 -22.38
N LEU F 119 33.58 -33.16 -22.69
CA LEU F 119 34.41 -34.02 -23.53
C LEU F 119 34.35 -33.59 -25.00
N ASP F 120 33.30 -32.87 -25.38
CA ASP F 120 33.18 -32.30 -26.71
C ASP F 120 34.23 -31.24 -26.97
N GLN F 121 34.52 -30.43 -25.97
CA GLN F 121 35.41 -29.28 -26.12
C GLN F 121 36.88 -29.68 -26.25
N VAL F 122 37.18 -30.96 -26.01
CA VAL F 122 38.55 -31.46 -26.04
C VAL F 122 38.73 -32.64 -27.00
N GLN F 123 37.63 -33.12 -27.57
CA GLN F 123 37.63 -34.34 -28.37
C GLN F 123 38.61 -34.28 -29.57
N GLY F 124 38.69 -33.12 -30.19
CA GLY F 124 39.54 -32.94 -31.37
C GLY F 124 41.01 -32.77 -31.06
N LYS F 125 41.33 -32.57 -29.79
CA LYS F 125 42.66 -32.11 -29.38
C LYS F 125 43.67 -33.23 -29.16
N LYS F 126 43.18 -34.45 -28.96
CA LYS F 126 44.03 -35.62 -28.72
C LYS F 126 44.81 -35.55 -27.40
N LYS F 127 44.56 -34.49 -26.62
CA LYS F 127 45.12 -34.38 -25.28
C LYS F 127 44.23 -33.54 -24.36
N MET F 128 44.34 -33.78 -23.07
CA MET F 128 43.57 -33.03 -22.08
C MET F 128 44.21 -33.06 -20.70
N GLU F 129 43.89 -32.05 -19.90
CA GLU F 129 44.19 -32.08 -18.47
C GLU F 129 42.93 -32.43 -17.70
N VAL F 130 42.92 -33.65 -17.15
CA VAL F 130 41.70 -34.25 -16.60
C VAL F 130 41.02 -33.37 -15.55
N ILE F 131 41.82 -32.63 -14.77
CA ILE F 131 41.28 -31.80 -13.71
C ILE F 131 40.66 -30.51 -14.24
N SER F 132 41.47 -29.70 -14.93
CA SER F 132 41.03 -28.40 -15.45
C SER F 132 39.96 -28.52 -16.53
N ASP F 133 40.08 -29.53 -17.38
CA ASP F 133 39.23 -29.65 -18.56
C ASP F 133 37.98 -30.50 -18.31
N PHE F 134 38.00 -31.31 -17.26
CA PHE F 134 36.99 -32.34 -17.08
C PHE F 134 36.46 -32.47 -15.66
N ALA F 135 37.31 -32.92 -14.74
CA ALA F 135 36.89 -33.24 -13.38
C ALA F 135 36.34 -32.03 -12.62
N PHE F 136 37.08 -30.92 -12.69
CA PHE F 136 36.69 -29.72 -11.96
C PHE F 136 35.43 -29.03 -12.52
N PRO F 137 35.39 -28.79 -13.84
CA PRO F 137 34.19 -28.20 -14.43
C PRO F 137 32.92 -28.97 -14.12
N LEU F 138 32.96 -30.30 -14.24
CA LEU F 138 31.81 -31.13 -13.94
C LEU F 138 31.34 -30.92 -12.50
N ALA F 139 32.25 -31.14 -11.56
CA ALA F 139 31.94 -31.01 -10.13
C ALA F 139 31.42 -29.61 -9.78
N SER F 140 32.06 -28.59 -10.33
CA SER F 140 31.67 -27.21 -10.13
C SER F 140 30.26 -26.91 -10.68
N PHE F 141 30.03 -27.28 -11.93
CA PHE F 141 28.72 -27.08 -12.56
C PHE F 141 27.61 -27.77 -11.76
N VAL F 142 27.86 -29.01 -11.35
CA VAL F 142 26.87 -29.82 -10.65
C VAL F 142 26.44 -29.21 -9.32
N ILE F 143 27.43 -28.91 -8.47
CA ILE F 143 27.14 -28.41 -7.12
C ILE F 143 26.57 -27.00 -7.13
N ALA F 144 27.00 -26.18 -8.09
CA ALA F 144 26.49 -24.82 -8.22
C ALA F 144 25.03 -24.85 -8.65
N ASN F 145 24.69 -25.80 -9.52
CA ASN F 145 23.33 -26.01 -9.97
C ASN F 145 22.41 -26.49 -8.84
N ILE F 146 22.94 -27.40 -8.02
CA ILE F 146 22.21 -27.92 -6.87
C ILE F 146 21.94 -26.84 -5.82
N ILE F 147 22.98 -26.08 -5.48
CA ILE F 147 22.87 -25.02 -4.48
C ILE F 147 21.97 -23.90 -4.99
N GLY F 148 22.16 -23.50 -6.24
CA GLY F 148 21.42 -22.40 -6.83
C GLY F 148 22.29 -21.18 -7.09
N VAL F 149 23.56 -21.43 -7.38
CA VAL F 149 24.50 -20.36 -7.69
C VAL F 149 24.50 -20.11 -9.19
N PRO F 150 24.19 -18.87 -9.61
CA PRO F 150 24.15 -18.52 -11.03
C PRO F 150 25.48 -18.76 -11.75
N GLU F 151 25.40 -19.00 -13.05
CA GLU F 151 26.57 -19.33 -13.86
C GLU F 151 27.63 -18.23 -13.81
N GLU F 152 27.19 -16.99 -13.61
CA GLU F 152 28.08 -15.83 -13.59
C GLU F 152 28.97 -15.84 -12.34
N ASP F 153 28.50 -16.48 -11.28
CA ASP F 153 29.17 -16.42 -9.99
C ASP F 153 29.94 -17.70 -9.65
N ARG F 154 30.07 -18.59 -10.64
CA ARG F 154 30.64 -19.91 -10.44
C ARG F 154 32.16 -19.88 -10.23
N GLU F 155 32.83 -18.98 -10.95
CA GLU F 155 34.28 -18.85 -10.89
C GLU F 155 34.74 -18.34 -9.53
N GLN F 156 33.97 -17.42 -8.96
CA GLN F 156 34.26 -16.87 -7.64
C GLN F 156 34.10 -17.94 -6.56
N LEU F 157 33.16 -18.86 -6.78
CA LEU F 157 32.92 -19.96 -5.86
C LEU F 157 34.09 -20.95 -5.83
N LYS F 158 34.69 -21.18 -6.99
CA LYS F 158 35.90 -22.01 -7.11
C LYS F 158 37.00 -21.49 -6.20
N GLU F 159 37.19 -20.18 -6.22
CA GLU F 159 38.27 -19.50 -5.50
C GLU F 159 38.08 -19.61 -3.99
N TRP F 160 36.83 -19.48 -3.55
CA TRP F 160 36.51 -19.61 -2.12
C TRP F 160 36.74 -21.01 -1.61
N ALA F 161 36.37 -22.02 -2.41
CA ALA F 161 36.51 -23.41 -2.02
C ALA F 161 37.97 -23.84 -1.88
N ALA F 162 38.81 -23.42 -2.82
CA ALA F 162 40.23 -23.77 -2.81
C ALA F 162 40.97 -23.12 -1.64
N SER F 163 40.53 -21.93 -1.26
CA SER F 163 41.15 -21.20 -0.16
C SER F 163 40.70 -21.74 1.19
N LEU F 164 39.41 -22.04 1.32
CA LEU F 164 38.84 -22.45 2.60
C LEU F 164 39.16 -23.89 2.98
N ILE F 165 39.36 -24.75 1.98
CA ILE F 165 39.76 -26.14 2.24
C ILE F 165 41.11 -26.23 2.96
N GLN F 166 42.00 -25.29 2.65
CA GLN F 166 43.33 -25.25 3.26
C GLN F 166 43.29 -24.93 4.76
N THR F 167 42.25 -24.22 5.17
CA THR F 167 42.19 -23.68 6.54
C THR F 167 42.01 -24.75 7.61
N ILE F 168 41.67 -25.97 7.20
CA ILE F 168 41.47 -27.07 8.15
C ILE F 168 42.62 -28.08 8.12
N ASP F 169 43.52 -27.93 7.15
CA ASP F 169 44.56 -28.92 6.93
C ASP F 169 45.77 -28.70 7.83
N PHE F 170 46.47 -29.79 8.14
CA PHE F 170 47.71 -29.71 8.92
C PHE F 170 48.74 -28.79 8.29
N THR F 171 48.68 -28.65 6.97
CA THR F 171 49.69 -27.89 6.22
C THR F 171 49.40 -26.39 6.20
N ARG F 172 48.35 -25.97 6.90
CA ARG F 172 47.95 -24.57 6.92
C ARG F 172 49.02 -23.66 7.52
N SER F 173 49.03 -22.41 7.06
CA SER F 173 49.96 -21.40 7.55
C SER F 173 49.18 -20.16 8.02
N ARG F 174 49.90 -19.23 8.64
CA ARG F 174 49.33 -17.93 9.00
C ARG F 174 48.75 -17.22 7.78
N LYS F 175 49.47 -17.30 6.65
CA LYS F 175 49.03 -16.69 5.40
C LYS F 175 47.75 -17.34 4.88
N ALA F 176 47.67 -18.67 4.97
CA ALA F 176 46.50 -19.41 4.53
C ALA F 176 45.26 -19.03 5.32
N LEU F 177 45.44 -18.80 6.62
CA LEU F 177 44.34 -18.49 7.51
C LEU F 177 43.85 -17.05 7.35
N THR F 178 44.79 -16.14 7.11
CA THR F 178 44.47 -14.73 6.83
C THR F 178 43.68 -14.61 5.52
N GLU F 179 44.15 -15.30 4.48
CA GLU F 179 43.43 -15.37 3.21
C GLU F 179 42.07 -16.05 3.38
N GLY F 180 42.05 -17.09 4.22
CA GLY F 180 40.81 -17.79 4.56
C GLY F 180 39.76 -16.88 5.18
N ASN F 181 40.20 -15.99 6.06
CA ASN F 181 39.29 -15.04 6.71
C ASN F 181 38.65 -14.07 5.71
N ILE F 182 39.43 -13.65 4.72
CA ILE F 182 38.94 -12.76 3.66
C ILE F 182 37.90 -13.47 2.78
N MET F 183 38.18 -14.70 2.40
CA MET F 183 37.25 -15.50 1.61
C MET F 183 35.98 -15.82 2.39
N ALA F 184 36.14 -15.98 3.71
CA ALA F 184 35.00 -16.20 4.60
C ALA F 184 34.05 -15.00 4.60
N VAL F 185 34.63 -13.80 4.65
CA VAL F 185 33.85 -12.57 4.55
C VAL F 185 33.09 -12.49 3.24
N GLN F 186 33.79 -12.76 2.14
CA GLN F 186 33.21 -12.67 0.80
C GLN F 186 32.12 -13.69 0.56
N ALA F 187 32.38 -14.95 0.91
CA ALA F 187 31.43 -16.04 0.72
C ALA F 187 30.15 -15.83 1.52
N MET F 188 30.31 -15.43 2.78
CA MET F 188 29.18 -15.21 3.68
C MET F 188 28.32 -14.04 3.20
N ALA F 189 28.96 -12.98 2.73
CA ALA F 189 28.26 -11.81 2.21
C ALA F 189 27.49 -12.16 0.94
N TYR F 190 28.10 -12.98 0.09
CA TYR F 190 27.48 -13.39 -1.17
C TYR F 190 26.25 -14.25 -0.94
N PHE F 191 26.36 -15.22 -0.03
CA PHE F 191 25.26 -16.15 0.21
C PHE F 191 24.10 -15.52 0.97
N LYS F 192 24.41 -14.53 1.81
CA LYS F 192 23.38 -13.73 2.46
C LYS F 192 22.58 -12.92 1.43
N GLU F 193 23.28 -12.39 0.43
CA GLU F 193 22.65 -11.68 -0.67
C GLU F 193 21.78 -12.60 -1.52
N LEU F 194 22.29 -13.80 -1.80
CA LEU F 194 21.56 -14.78 -2.57
C LEU F 194 20.34 -15.30 -1.81
N ILE F 195 20.49 -15.41 -0.49
CA ILE F 195 19.38 -15.80 0.38
C ILE F 195 18.27 -14.76 0.39
N GLN F 196 18.66 -13.48 0.36
CA GLN F 196 17.69 -12.38 0.31
C GLN F 196 16.89 -12.40 -0.99
N LYS F 197 17.54 -12.79 -2.08
CA LYS F 197 16.89 -12.92 -3.38
C LYS F 197 15.90 -14.09 -3.39
N ARG F 198 16.31 -15.21 -2.80
CA ARG F 198 15.49 -16.41 -2.77
C ARG F 198 14.34 -16.29 -1.76
N LYS F 199 14.50 -15.39 -0.79
CA LYS F 199 13.46 -15.08 0.18
C LYS F 199 12.28 -14.38 -0.52
N ARG F 200 12.60 -13.40 -1.36
CA ARG F 200 11.61 -12.67 -2.14
C ARG F 200 11.08 -13.53 -3.29
N HIS F 201 11.99 -14.22 -3.98
CA HIS F 201 11.63 -15.05 -5.11
C HIS F 201 12.28 -16.43 -5.02
N PRO F 202 11.57 -17.39 -4.41
CA PRO F 202 12.08 -18.76 -4.28
C PRO F 202 12.29 -19.43 -5.63
N GLN F 203 13.37 -20.18 -5.76
CA GLN F 203 13.65 -20.94 -6.98
C GLN F 203 13.70 -22.43 -6.68
N GLN F 204 13.92 -23.23 -7.72
CA GLN F 204 14.05 -24.68 -7.56
C GLN F 204 15.49 -25.07 -7.25
N ASP F 205 15.96 -24.67 -6.07
CA ASP F 205 17.32 -24.99 -5.65
C ASP F 205 17.38 -25.25 -4.15
N MET F 206 18.58 -25.54 -3.65
CA MET F 206 18.76 -25.96 -2.27
C MET F 206 18.62 -24.80 -1.29
N ILE F 207 19.06 -23.61 -1.69
CA ILE F 207 18.92 -22.42 -0.86
C ILE F 207 17.47 -22.17 -0.48
N SER F 208 16.58 -22.21 -1.47
CA SER F 208 15.15 -22.04 -1.25
C SER F 208 14.60 -23.14 -0.34
N MET F 209 15.05 -24.37 -0.59
CA MET F 209 14.66 -25.53 0.23
C MET F 209 15.00 -25.32 1.70
N LEU F 210 16.20 -24.80 1.97
CA LEU F 210 16.66 -24.53 3.32
C LEU F 210 15.83 -23.44 4.01
N LEU F 211 15.38 -22.48 3.21
CA LEU F 211 14.59 -21.35 3.72
C LEU F 211 13.20 -21.77 4.15
N LYS F 212 12.62 -22.72 3.42
CA LYS F 212 11.31 -23.26 3.75
C LYS F 212 11.25 -23.93 5.12
N GLY F 213 12.35 -24.60 5.50
CA GLY F 213 12.39 -25.38 6.73
C GLY F 213 11.86 -26.77 6.49
N ARG F 214 12.62 -27.77 6.93
CA ARG F 214 12.39 -29.16 6.56
C ARG F 214 13.10 -30.13 7.50
N ASP F 217 13.79 -27.67 13.23
CA ASP F 217 13.22 -27.63 11.88
C ASP F 217 13.41 -26.27 11.20
N LYS F 218 14.27 -25.45 11.78
CA LYS F 218 14.52 -24.10 11.25
C LYS F 218 15.99 -23.73 11.29
N LEU F 219 16.44 -23.03 10.25
CA LEU F 219 17.80 -22.49 10.19
C LEU F 219 17.78 -20.97 10.24
N THR F 220 18.78 -20.38 10.90
CA THR F 220 19.05 -18.95 10.74
C THR F 220 19.66 -18.72 9.37
N GLU F 221 19.58 -17.48 8.87
CA GLU F 221 20.08 -17.16 7.55
C GLU F 221 21.60 -17.33 7.44
N GLU F 222 22.28 -17.19 8.57
CA GLU F 222 23.73 -17.44 8.62
C GLU F 222 24.05 -18.94 8.63
N GLU F 223 23.20 -19.73 9.26
CA GLU F 223 23.32 -21.18 9.24
C GLU F 223 23.11 -21.73 7.83
N ALA F 224 22.16 -21.13 7.11
CA ALA F 224 21.90 -21.49 5.72
C ALA F 224 23.07 -21.16 4.82
N ALA F 225 23.68 -20.00 5.04
CA ALA F 225 24.84 -19.56 4.27
C ALA F 225 26.05 -20.46 4.50
N SER F 226 26.32 -20.77 5.78
CA SER F 226 27.42 -21.67 6.15
C SER F 226 27.23 -23.08 5.58
N THR F 227 25.98 -23.52 5.57
CA THR F 227 25.63 -24.81 4.96
C THR F 227 25.97 -24.83 3.48
N CYS F 228 25.60 -23.77 2.77
CA CYS F 228 25.91 -23.62 1.35
C CYS F 228 27.41 -23.62 1.09
N ILE F 229 28.15 -22.90 1.93
CA ILE F 229 29.60 -22.83 1.81
C ILE F 229 30.24 -24.21 2.00
N LEU F 230 29.79 -24.94 3.00
CA LEU F 230 30.28 -26.30 3.27
C LEU F 230 30.05 -27.23 2.08
N LEU F 231 28.84 -27.20 1.53
CA LEU F 231 28.49 -28.07 0.40
C LEU F 231 29.23 -27.66 -0.87
N ALA F 232 29.45 -26.35 -1.04
CA ALA F 232 30.24 -25.84 -2.16
C ALA F 232 31.68 -26.35 -2.12
N ILE F 233 32.28 -26.32 -0.94
CA ILE F 233 33.64 -26.81 -0.74
C ILE F 233 33.74 -28.32 -0.99
N ALA F 234 32.83 -29.08 -0.41
CA ALA F 234 32.80 -30.53 -0.56
C ALA F 234 32.56 -30.93 -2.02
N GLY F 235 31.64 -30.24 -2.68
CA GLY F 235 31.32 -30.50 -4.08
C GLY F 235 32.47 -30.20 -5.03
N HIS F 236 33.28 -29.21 -4.69
CA HIS F 236 34.42 -28.84 -5.51
C HIS F 236 35.61 -29.77 -5.26
N GLU F 237 36.12 -29.74 -4.04
CA GLU F 237 37.42 -30.33 -3.72
C GLU F 237 37.43 -31.86 -3.81
N THR F 238 36.69 -32.52 -2.93
CA THR F 238 36.77 -33.97 -2.77
C THR F 238 36.28 -34.76 -3.98
N THR F 239 35.22 -34.28 -4.61
CA THR F 239 34.65 -34.95 -5.78
C THR F 239 35.61 -34.92 -6.98
N VAL F 240 36.26 -33.77 -7.18
CA VAL F 240 37.31 -33.65 -8.19
C VAL F 240 38.43 -34.66 -7.95
N ASN F 241 38.85 -34.77 -6.69
CA ASN F 241 39.89 -35.71 -6.31
C ASN F 241 39.51 -37.16 -6.57
N LEU F 242 38.26 -37.52 -6.29
CA LEU F 242 37.77 -38.86 -6.60
C LEU F 242 37.89 -39.18 -8.08
N ILE F 243 37.37 -38.31 -8.92
CA ILE F 243 37.40 -38.52 -10.37
C ILE F 243 38.83 -38.67 -10.87
N SER F 244 39.70 -37.73 -10.52
CA SER F 244 41.07 -37.71 -11.02
C SER F 244 41.94 -38.82 -10.44
N ASN F 245 41.77 -39.11 -9.15
CA ASN F 245 42.43 -40.25 -8.51
C ASN F 245 42.06 -41.57 -9.18
N SER F 246 40.79 -41.72 -9.52
CA SER F 246 40.28 -42.93 -10.15
C SER F 246 40.87 -43.13 -11.54
N VAL F 247 40.94 -42.05 -12.31
CA VAL F 247 41.51 -42.10 -13.67
C VAL F 247 42.99 -42.52 -13.63
N LEU F 248 43.77 -41.87 -12.79
CA LEU F 248 45.19 -42.22 -12.63
C LEU F 248 45.32 -43.67 -12.18
N CYS F 249 44.48 -44.06 -11.23
CA CYS F 249 44.49 -45.41 -10.67
C CYS F 249 44.29 -46.47 -11.76
N LEU F 250 43.28 -46.25 -12.60
CA LEU F 250 42.96 -47.19 -13.67
C LEU F 250 44.05 -47.27 -14.73
N LEU F 251 44.62 -46.13 -15.09
CA LEU F 251 45.67 -46.08 -16.10
C LEU F 251 46.98 -46.72 -15.62
N GLN F 252 47.20 -46.70 -14.30
CA GLN F 252 48.36 -47.34 -13.71
C GLN F 252 48.19 -48.86 -13.61
N HIS F 253 46.95 -49.32 -13.78
CA HIS F 253 46.65 -50.74 -13.82
C HIS F 253 45.88 -51.08 -15.10
N PRO F 254 46.60 -51.19 -16.22
CA PRO F 254 45.98 -51.33 -17.55
C PRO F 254 45.11 -52.58 -17.67
N GLU F 255 45.45 -53.63 -16.91
CA GLU F 255 44.68 -54.87 -16.96
C GLU F 255 43.28 -54.72 -16.37
N GLN F 256 43.15 -53.89 -15.35
CA GLN F 256 41.84 -53.62 -14.78
C GLN F 256 41.07 -52.55 -15.55
N LEU F 257 41.81 -51.60 -16.12
CA LEU F 257 41.22 -50.62 -17.02
C LEU F 257 40.56 -51.30 -18.22
N LEU F 258 41.23 -52.32 -18.76
CA LEU F 258 40.70 -53.07 -19.89
C LEU F 258 39.45 -53.86 -19.49
N LYS F 259 39.49 -54.45 -18.31
CA LYS F 259 38.32 -55.11 -17.73
C LYS F 259 37.12 -54.19 -17.75
N LEU F 260 37.34 -52.93 -17.36
CA LEU F 260 36.23 -52.01 -17.10
C LEU F 260 35.71 -51.39 -18.40
N ARG F 261 36.63 -51.13 -19.33
CA ARG F 261 36.28 -50.68 -20.67
C ARG F 261 35.40 -51.73 -21.37
N GLU F 262 35.80 -52.99 -21.27
CA GLU F 262 35.05 -54.09 -21.88
C GLU F 262 33.75 -54.38 -21.17
N ASN F 263 33.69 -54.06 -19.87
CA ASN F 263 32.49 -54.28 -19.08
C ASN F 263 32.12 -53.09 -18.19
N PRO F 264 31.34 -52.15 -18.73
CA PRO F 264 30.99 -50.88 -18.07
C PRO F 264 30.16 -51.07 -16.82
N ASP F 265 29.55 -52.25 -16.67
CA ASP F 265 28.74 -52.55 -15.49
C ASP F 265 29.58 -52.74 -14.24
N LEU F 266 30.89 -52.88 -14.44
CA LEU F 266 31.84 -53.00 -13.33
C LEU F 266 32.17 -51.65 -12.70
N ILE F 267 31.54 -50.59 -13.19
CA ILE F 267 31.89 -49.23 -12.75
C ILE F 267 31.61 -49.03 -11.26
N GLY F 268 30.52 -49.63 -10.78
CA GLY F 268 30.15 -49.54 -9.37
C GLY F 268 31.23 -50.09 -8.45
N THR F 269 31.61 -51.34 -8.67
CA THR F 269 32.62 -52.00 -7.86
C THR F 269 34.01 -51.39 -8.08
N ALA F 270 34.23 -50.83 -9.27
CA ALA F 270 35.50 -50.20 -9.60
C ALA F 270 35.70 -48.87 -8.87
N VAL F 271 34.64 -48.08 -8.81
CA VAL F 271 34.68 -46.80 -8.09
C VAL F 271 34.89 -47.00 -6.59
N GLU F 272 34.31 -48.08 -6.04
CA GLU F 272 34.46 -48.38 -4.62
C GLU F 272 35.90 -48.74 -4.28
N GLU F 273 36.57 -49.46 -5.18
CA GLU F 273 37.96 -49.83 -4.98
C GLU F 273 38.90 -48.64 -5.20
N CYS F 274 38.50 -47.71 -6.07
CA CYS F 274 39.22 -46.45 -6.20
C CYS F 274 39.10 -45.63 -4.91
N LEU F 275 37.92 -45.65 -4.31
CA LEU F 275 37.69 -45.00 -3.02
C LEU F 275 38.55 -45.60 -1.91
N ARG F 276 38.59 -46.93 -1.84
CA ARG F 276 39.43 -47.62 -0.86
C ARG F 276 40.92 -47.37 -1.09
N TYR F 277 41.33 -47.43 -2.35
CA TYR F 277 42.77 -47.48 -2.69
C TYR F 277 43.44 -46.11 -2.65
N GLU F 278 42.75 -45.08 -3.14
CA GLU F 278 43.26 -43.72 -3.12
C GLU F 278 42.21 -42.75 -2.61
N SER F 279 42.00 -42.77 -1.30
CA SER F 279 40.89 -42.05 -0.66
C SER F 279 41.07 -40.54 -0.79
N PRO F 280 40.09 -39.85 -1.39
CA PRO F 280 40.13 -38.40 -1.51
C PRO F 280 40.33 -37.70 -0.17
N THR F 281 39.69 -38.22 0.88
CA THR F 281 39.89 -37.71 2.23
C THR F 281 40.77 -38.66 3.04
N GLN F 282 41.91 -38.16 3.48
CA GLN F 282 42.91 -38.98 4.15
C GLN F 282 42.81 -38.90 5.68
N MET F 283 42.15 -37.86 6.17
CA MET F 283 42.08 -37.59 7.61
C MET F 283 40.75 -36.95 8.00
N THR F 284 40.18 -37.43 9.10
CA THR F 284 39.30 -36.60 9.92
C THR F 284 39.70 -36.70 11.39
N ALA F 285 39.00 -35.97 12.25
CA ALA F 285 39.48 -35.78 13.62
C ALA F 285 38.35 -35.74 14.64
N ARG F 286 38.67 -36.17 15.87
CA ARG F 286 37.74 -36.12 16.99
C ARG F 286 38.47 -35.68 18.27
N VAL F 287 37.72 -35.14 19.22
CA VAL F 287 38.24 -34.88 20.57
C VAL F 287 37.50 -35.72 21.60
N ALA F 288 38.24 -36.27 22.56
CA ALA F 288 37.66 -37.09 23.62
C ALA F 288 36.97 -36.21 24.66
N SER F 289 35.66 -36.41 24.83
CA SER F 289 34.89 -35.62 25.79
C SER F 289 35.00 -36.18 27.21
N GLU F 290 35.58 -37.37 27.32
CA GLU F 290 35.89 -37.98 28.62
C GLU F 290 37.01 -39.00 28.45
N ASP F 291 37.46 -39.58 29.55
CA ASP F 291 38.42 -40.68 29.51
C ASP F 291 37.80 -41.91 28.86
N ILE F 292 38.47 -42.45 27.85
CA ILE F 292 37.94 -43.57 27.08
C ILE F 292 38.98 -44.68 26.92
N ASP F 293 38.59 -45.90 27.28
CA ASP F 293 39.42 -47.07 27.07
C ASP F 293 39.06 -47.78 25.77
N ILE F 294 40.06 -47.98 24.92
CA ILE F 294 39.87 -48.64 23.63
C ILE F 294 41.17 -49.31 23.19
N CYS F 295 41.07 -50.55 22.71
CA CYS F 295 42.21 -51.26 22.11
C CYS F 295 43.44 -51.25 23.02
N GLY F 296 43.21 -51.39 24.33
CA GLY F 296 44.30 -51.50 25.29
C GLY F 296 45.05 -50.20 25.54
N VAL F 297 44.44 -49.07 25.20
CA VAL F 297 44.97 -47.76 25.58
C VAL F 297 43.87 -46.89 26.21
N THR F 298 44.30 -45.87 26.94
CA THR F 298 43.37 -44.89 27.50
C THR F 298 43.56 -43.53 26.83
N ILE F 299 42.51 -43.04 26.19
CA ILE F 299 42.49 -41.69 25.64
C ILE F 299 41.82 -40.75 26.64
N ARG F 300 42.59 -39.81 27.17
CA ARG F 300 42.10 -38.96 28.24
C ARG F 300 41.27 -37.80 27.72
N GLN F 301 40.40 -37.28 28.58
CA GLN F 301 39.54 -36.16 28.22
C GLN F 301 40.35 -35.00 27.65
N GLY F 302 39.90 -34.46 26.51
CA GLY F 302 40.51 -33.29 25.90
C GLY F 302 41.57 -33.60 24.86
N GLU F 303 42.02 -34.85 24.81
CA GLU F 303 43.05 -35.28 23.87
C GLU F 303 42.50 -35.44 22.46
N GLN F 304 43.32 -35.12 21.47
CA GLN F 304 42.89 -35.12 20.08
C GLN F 304 43.14 -36.47 19.42
N VAL F 305 42.19 -36.90 18.59
CA VAL F 305 42.29 -38.18 17.90
C VAL F 305 42.20 -37.98 16.39
N TYR F 306 43.21 -38.45 15.67
CA TYR F 306 43.30 -38.24 14.23
C TYR F 306 43.13 -39.56 13.47
N LEU F 307 42.05 -39.64 12.71
CA LEU F 307 41.66 -40.87 12.04
C LEU F 307 42.12 -40.86 10.59
N LEU F 308 43.06 -41.74 10.30
CA LEU F 308 43.68 -41.80 8.99
C LEU F 308 42.94 -42.81 8.13
N LEU F 309 41.96 -42.29 7.39
CA LEU F 309 41.00 -43.14 6.66
C LEU F 309 41.66 -43.96 5.56
N GLY F 310 42.63 -43.37 4.88
CA GLY F 310 43.42 -44.08 3.87
C GLY F 310 44.22 -45.23 4.44
N ALA F 311 44.72 -45.04 5.66
CA ALA F 311 45.46 -46.08 6.38
C ALA F 311 44.56 -47.23 6.80
N ALA F 312 43.39 -46.90 7.36
CA ALA F 312 42.41 -47.91 7.74
C ALA F 312 41.97 -48.75 6.53
N ASN F 313 41.87 -48.10 5.37
CA ASN F 313 41.49 -48.78 4.13
C ASN F 313 42.55 -49.77 3.63
N ARG F 314 43.73 -49.74 4.24
CA ARG F 314 44.80 -50.68 3.89
C ARG F 314 45.09 -51.67 5.02
N ASP F 315 44.13 -51.86 5.93
CA ASP F 315 44.30 -52.80 7.05
C ASP F 315 44.15 -54.24 6.57
N PRO F 316 45.25 -55.02 6.68
CA PRO F 316 45.28 -56.40 6.17
C PRO F 316 44.33 -57.37 6.87
N SER F 317 43.90 -57.02 8.08
CA SER F 317 42.95 -57.86 8.81
C SER F 317 41.51 -57.69 8.29
N ILE F 318 41.33 -56.77 7.35
CA ILE F 318 40.04 -56.53 6.73
C ILE F 318 40.10 -56.76 5.23
N PHE F 319 41.15 -56.22 4.61
CA PHE F 319 41.35 -56.34 3.17
C PHE F 319 42.57 -57.20 2.89
N THR F 320 42.35 -58.41 2.39
CA THR F 320 43.46 -59.28 2.00
C THR F 320 44.24 -58.66 0.85
N ASN F 321 45.57 -58.72 0.95
CA ASN F 321 46.46 -58.01 0.04
C ASN F 321 46.03 -56.56 -0.17
N PRO F 322 46.13 -55.75 0.90
CA PRO F 322 45.52 -54.41 0.92
C PRO F 322 46.15 -53.45 -0.08
N ASP F 323 47.40 -53.69 -0.45
CA ASP F 323 48.11 -52.81 -1.36
C ASP F 323 47.92 -53.21 -2.82
N VAL F 324 47.05 -54.19 -3.05
CA VAL F 324 46.69 -54.61 -4.39
C VAL F 324 45.39 -53.94 -4.83
N PHE F 325 45.44 -53.26 -5.97
CA PHE F 325 44.27 -52.65 -6.57
C PHE F 325 43.48 -53.70 -7.34
N ASP F 326 42.29 -54.02 -6.84
CA ASP F 326 41.46 -55.08 -7.41
C ASP F 326 40.00 -54.63 -7.51
N ILE F 327 39.57 -54.27 -8.72
CA ILE F 327 38.25 -53.69 -8.93
C ILE F 327 37.11 -54.68 -8.73
N THR F 328 37.44 -55.95 -8.53
CA THR F 328 36.43 -56.98 -8.32
C THR F 328 36.16 -57.24 -6.84
N ARG F 329 36.85 -56.52 -5.96
CA ARG F 329 36.66 -56.64 -4.51
C ARG F 329 35.20 -56.50 -4.11
N SER F 330 34.67 -57.51 -3.42
CA SER F 330 33.28 -57.49 -2.99
C SER F 330 33.06 -58.26 -1.68
N PRO F 331 32.40 -57.62 -0.70
CA PRO F 331 32.06 -56.20 -0.78
C PRO F 331 33.29 -55.36 -0.43
N ASN F 332 33.09 -54.06 -0.25
CA ASN F 332 34.21 -53.16 -0.01
C ASN F 332 33.86 -52.16 1.09
N PRO F 333 33.97 -52.58 2.35
CA PRO F 333 33.55 -51.74 3.47
C PRO F 333 34.60 -50.69 3.84
N HIS F 334 35.06 -49.93 2.85
CA HIS F 334 36.03 -48.87 3.08
C HIS F 334 35.44 -47.75 3.93
N LEU F 335 36.31 -46.89 4.46
CA LEU F 335 35.88 -45.84 5.39
C LEU F 335 36.12 -44.45 4.80
N SER F 336 36.15 -44.37 3.47
CA SER F 336 36.49 -43.13 2.77
C SER F 336 35.44 -42.04 2.94
N PHE F 337 34.19 -42.46 3.16
CA PHE F 337 33.10 -41.54 3.44
C PHE F 337 32.84 -41.39 4.94
N GLY F 338 33.73 -41.97 5.75
CA GLY F 338 33.58 -41.92 7.20
C GLY F 338 32.68 -43.02 7.73
N HIS F 339 32.01 -42.74 8.84
CA HIS F 339 31.28 -43.75 9.60
C HIS F 339 30.56 -43.09 10.78
N GLY F 340 29.36 -43.57 11.08
CA GLY F 340 28.59 -43.04 12.21
C GLY F 340 27.74 -41.83 11.83
N HIS F 341 27.49 -40.97 12.81
CA HIS F 341 26.51 -39.89 12.66
C HIS F 341 26.92 -38.82 11.64
N HIS F 342 28.22 -38.66 11.43
CA HIS F 342 28.72 -37.64 10.50
C HIS F 342 29.09 -38.21 9.12
N VAL F 343 28.72 -39.46 8.88
CA VAL F 343 28.99 -40.11 7.59
C VAL F 343 28.58 -39.23 6.42
N CYS F 344 29.40 -39.21 5.38
CA CYS F 344 29.24 -38.26 4.28
C CYS F 344 27.81 -38.08 3.81
N LEU F 345 27.35 -36.84 3.75
CA LEU F 345 25.98 -36.53 3.34
C LEU F 345 25.78 -36.68 1.83
N GLY F 346 26.82 -36.38 1.07
CA GLY F 346 26.72 -36.37 -0.40
C GLY F 346 27.40 -37.53 -1.09
N SER F 347 27.48 -38.67 -0.41
CA SER F 347 28.23 -39.83 -0.91
C SER F 347 27.60 -40.42 -2.17
N SER F 348 26.28 -40.38 -2.25
CA SER F 348 25.57 -40.89 -3.42
C SER F 348 25.83 -40.03 -4.65
N LEU F 349 25.83 -38.71 -4.45
CA LEU F 349 26.14 -37.77 -5.54
C LEU F 349 27.57 -37.92 -6.02
N ALA F 350 28.51 -38.04 -5.07
CA ALA F 350 29.92 -38.21 -5.40
C ALA F 350 30.16 -39.46 -6.23
N ARG F 351 29.54 -40.56 -5.82
CA ARG F 351 29.63 -41.84 -6.53
C ARG F 351 29.03 -41.72 -7.93
N LEU F 352 27.89 -41.06 -8.05
CA LEU F 352 27.21 -40.88 -9.33
C LEU F 352 28.05 -40.05 -10.31
N GLU F 353 28.56 -38.92 -9.83
CA GLU F 353 29.44 -38.08 -10.64
C GLU F 353 30.63 -38.86 -11.16
N ALA F 354 31.28 -39.62 -10.28
CA ALA F 354 32.46 -40.40 -10.65
C ALA F 354 32.13 -41.51 -11.64
N GLN F 355 31.07 -42.26 -11.36
CA GLN F 355 30.66 -43.37 -12.23
C GLN F 355 30.37 -42.93 -13.66
N ILE F 356 29.60 -41.85 -13.79
CA ILE F 356 29.25 -41.32 -15.11
C ILE F 356 30.46 -40.73 -15.83
N ALA F 357 31.26 -39.96 -15.10
CA ALA F 357 32.45 -39.33 -15.68
C ALA F 357 33.45 -40.35 -16.21
N ILE F 358 33.75 -41.37 -15.40
CA ILE F 358 34.75 -42.37 -15.76
C ILE F 358 34.30 -43.28 -16.90
N ASN F 359 33.09 -43.82 -16.79
CA ASN F 359 32.52 -44.67 -17.84
C ASN F 359 32.43 -43.98 -19.19
N THR F 360 31.96 -42.73 -19.19
CA THR F 360 31.84 -41.94 -20.41
C THR F 360 33.22 -41.61 -21.01
N LEU F 361 34.16 -41.26 -20.15
CA LEU F 361 35.54 -41.00 -20.57
C LEU F 361 36.16 -42.21 -21.27
N LEU F 362 36.01 -43.38 -20.66
CA LEU F 362 36.56 -44.62 -21.21
C LEU F 362 35.87 -45.02 -22.52
N GLN F 363 34.60 -44.66 -22.64
CA GLN F 363 33.81 -44.93 -23.83
C GLN F 363 34.24 -44.05 -25.00
N ARG F 364 34.41 -42.77 -24.73
CA ARG F 364 34.65 -41.77 -25.78
C ARG F 364 36.13 -41.62 -26.11
N MET F 365 37.00 -42.06 -25.21
CA MET F 365 38.44 -42.05 -25.46
C MET F 365 39.02 -43.46 -25.37
N PRO F 366 38.86 -44.25 -26.45
CA PRO F 366 39.22 -45.68 -26.45
C PRO F 366 40.71 -45.96 -26.28
N SER F 367 41.56 -45.02 -26.65
CA SER F 367 43.01 -45.20 -26.52
C SER F 367 43.63 -44.22 -25.52
N LEU F 368 43.00 -44.10 -24.36
CA LEU F 368 43.45 -43.17 -23.33
C LEU F 368 44.76 -43.62 -22.69
N ASN F 369 45.72 -42.70 -22.61
CA ASN F 369 47.02 -42.98 -22.00
C ASN F 369 47.51 -41.81 -21.16
N LEU F 370 48.44 -42.10 -20.25
CA LEU F 370 49.07 -41.07 -19.44
C LEU F 370 50.13 -40.31 -20.22
N ALA F 371 50.23 -39.00 -19.98
CA ALA F 371 51.20 -38.17 -20.67
C ALA F 371 52.57 -38.21 -19.99
N TRP F 375 53.78 -37.35 -11.38
CA TRP F 375 52.56 -36.78 -10.81
C TRP F 375 52.88 -35.98 -9.56
N ARG F 376 52.28 -34.80 -9.45
CA ARG F 376 52.42 -33.97 -8.26
C ARG F 376 51.12 -33.95 -7.46
N TYR F 377 51.24 -34.13 -6.15
CA TYR F 377 50.11 -33.99 -5.25
C TYR F 377 50.14 -32.62 -4.57
N ARG F 378 48.97 -31.99 -4.48
CA ARG F 378 48.83 -30.74 -3.73
C ARG F 378 49.28 -30.92 -2.29
N PRO F 379 49.87 -29.86 -1.69
CA PRO F 379 50.40 -29.93 -0.32
C PRO F 379 49.29 -29.99 0.73
N LEU F 380 48.49 -31.04 0.71
CA LEU F 380 47.48 -31.27 1.73
C LEU F 380 47.67 -32.66 2.34
N PHE F 381 47.67 -32.74 3.67
CA PHE F 381 47.88 -34.00 4.36
C PHE F 381 46.56 -34.70 4.67
N GLY F 382 45.48 -33.91 4.79
CA GLY F 382 44.16 -34.46 5.07
C GLY F 382 43.43 -34.91 3.82
N PHE F 383 43.98 -34.59 2.66
CA PHE F 383 43.36 -34.95 1.38
C PHE F 383 44.41 -35.48 0.41
N ARG F 384 43.98 -36.38 -0.47
CA ARG F 384 44.84 -36.85 -1.56
C ARG F 384 44.40 -36.23 -2.88
N ALA F 385 45.08 -35.15 -3.26
CA ALA F 385 44.66 -34.31 -4.37
C ALA F 385 45.80 -34.06 -5.34
N LEU F 386 45.62 -34.47 -6.59
CA LEU F 386 46.61 -34.23 -7.65
C LEU F 386 46.62 -32.77 -8.08
N GLU F 387 47.79 -32.27 -8.44
CA GLU F 387 47.92 -30.93 -9.00
C GLU F 387 47.32 -30.88 -10.41
N GLU F 388 47.72 -31.83 -11.24
CA GLU F 388 47.16 -31.98 -12.57
C GLU F 388 47.35 -33.41 -13.10
N LEU F 389 46.55 -33.77 -14.09
CA LEU F 389 46.62 -35.10 -14.69
C LEU F 389 46.52 -35.03 -16.22
N PRO F 390 47.66 -34.81 -16.89
CA PRO F 390 47.69 -34.73 -18.35
C PRO F 390 47.54 -36.11 -18.98
N VAL F 391 46.65 -36.21 -19.97
CA VAL F 391 46.46 -37.47 -20.70
C VAL F 391 46.42 -37.24 -22.20
N THR F 392 46.65 -38.32 -22.96
CA THR F 392 46.53 -38.31 -24.40
C THR F 392 45.49 -39.34 -24.85
N PHE F 393 44.90 -39.14 -26.03
CA PHE F 393 43.89 -40.05 -26.55
C PHE F 393 43.73 -39.97 -28.07
N GLU F 394 42.82 -40.78 -28.62
CA GLU F 394 42.61 -40.92 -30.06
C GLU F 394 43.89 -41.32 -30.81
N GLY G 17 -69.83 13.00 53.78
CA GLY G 17 -70.45 12.97 52.42
C GLY G 17 -69.53 13.53 51.35
N SER G 18 -69.63 12.99 50.14
CA SER G 18 -68.75 13.38 49.05
C SER G 18 -69.49 14.27 48.03
N HIS G 19 -68.74 15.13 47.36
CA HIS G 19 -69.30 15.96 46.29
C HIS G 19 -68.23 16.39 45.30
N MET G 20 -68.67 16.79 44.10
CA MET G 20 -67.78 17.36 43.10
C MET G 20 -67.22 18.70 43.59
N SER G 21 -66.03 19.05 43.13
CA SER G 21 -65.35 20.27 43.55
C SER G 21 -66.13 21.53 43.15
N THR G 22 -66.44 22.36 44.14
CA THR G 22 -67.11 23.64 43.89
C THR G 22 -66.09 24.68 43.43
N ILE G 23 -66.58 25.79 42.90
CA ILE G 23 -65.74 26.92 42.49
C ILE G 23 -64.82 27.35 43.63
N GLU G 24 -65.40 27.56 44.81
CA GLU G 24 -64.64 27.99 45.98
C GLU G 24 -63.57 26.97 46.38
N GLU G 25 -63.93 25.70 46.35
CA GLU G 25 -62.99 24.63 46.70
C GLU G 25 -61.82 24.55 45.72
N ARG G 26 -62.12 24.76 44.45
CA ARG G 26 -61.10 24.75 43.41
C ARG G 26 -60.13 25.93 43.55
N VAL G 27 -60.67 27.10 43.86
CA VAL G 27 -59.86 28.30 44.11
C VAL G 27 -58.93 28.09 45.30
N LYS G 28 -59.47 27.54 46.39
CA LYS G 28 -58.71 27.36 47.62
C LYS G 28 -57.66 26.26 47.52
N LYS G 29 -57.96 25.23 46.72
CA LYS G 29 -56.99 24.17 46.48
C LYS G 29 -55.75 24.73 45.77
N ILE G 30 -55.97 25.60 44.79
CA ILE G 30 -54.89 26.26 44.06
C ILE G 30 -54.05 27.14 44.98
N ILE G 31 -54.72 27.99 45.76
CA ILE G 31 -54.05 28.89 46.70
C ILE G 31 -53.20 28.09 47.70
N GLY G 32 -53.79 27.02 48.23
CA GLY G 32 -53.12 26.15 49.20
C GLY G 32 -51.86 25.51 48.64
N GLU G 33 -51.97 24.99 47.42
CA GLU G 33 -50.82 24.36 46.76
C GLU G 33 -49.73 25.37 46.41
N GLN G 34 -50.15 26.57 46.02
CA GLN G 34 -49.22 27.61 45.62
C GLN G 34 -48.43 28.16 46.81
N LEU G 35 -49.12 28.38 47.92
CA LEU G 35 -48.54 29.10 49.05
C LEU G 35 -48.18 28.19 50.23
N GLY G 36 -48.34 26.88 50.04
CA GLY G 36 -47.94 25.89 51.04
C GLY G 36 -48.78 25.93 52.30
N VAL G 37 -50.02 26.39 52.17
CA VAL G 37 -50.94 26.44 53.31
C VAL G 37 -52.05 25.38 53.19
N LYS G 38 -52.70 25.08 54.31
CA LYS G 38 -53.81 24.14 54.32
C LYS G 38 -55.01 24.72 53.59
N GLN G 39 -55.67 23.88 52.79
CA GLN G 39 -56.83 24.31 52.00
C GLN G 39 -57.97 24.82 52.87
N GLU G 40 -57.83 24.64 54.18
CA GLU G 40 -58.85 25.08 55.13
C GLU G 40 -58.41 26.28 55.95
N GLU G 41 -57.13 26.65 55.87
CA GLU G 41 -56.67 27.89 56.49
C GLU G 41 -56.75 29.06 55.52
N VAL G 42 -57.25 28.79 54.31
CA VAL G 42 -57.56 29.84 53.34
C VAL G 42 -58.98 30.34 53.57
N THR G 43 -59.10 31.50 54.21
CA THR G 43 -60.39 32.13 54.43
C THR G 43 -60.75 33.03 53.25
N ASN G 44 -62.05 33.21 53.03
CA ASN G 44 -62.52 34.02 51.91
C ASN G 44 -62.09 35.48 51.98
N ASN G 45 -61.92 36.00 53.19
CA ASN G 45 -61.56 37.39 53.39
C ASN G 45 -60.05 37.63 53.44
N ALA G 46 -59.27 36.56 53.36
CA ALA G 46 -57.82 36.65 53.43
C ALA G 46 -57.25 37.40 52.23
N SER G 47 -56.37 38.36 52.51
CA SER G 47 -55.65 39.06 51.47
C SER G 47 -54.41 38.27 51.06
N PHE G 48 -54.19 38.15 49.76
CA PHE G 48 -53.11 37.32 49.22
C PHE G 48 -51.73 37.75 49.73
N VAL G 49 -51.47 39.05 49.70
CA VAL G 49 -50.15 39.58 50.06
C VAL G 49 -49.94 39.64 51.57
N GLU G 50 -50.85 40.30 52.27
CA GLU G 50 -50.66 40.54 53.70
C GLU G 50 -50.88 39.30 54.56
N ASP G 51 -52.04 38.67 54.41
CA ASP G 51 -52.41 37.53 55.24
C ASP G 51 -51.73 36.24 54.81
N LEU G 52 -51.75 35.96 53.51
CA LEU G 52 -51.28 34.69 52.98
C LEU G 52 -49.80 34.70 52.60
N GLY G 53 -49.23 35.90 52.49
CA GLY G 53 -47.79 36.06 52.30
C GLY G 53 -47.31 35.77 50.89
N ALA G 54 -48.12 36.14 49.91
CA ALA G 54 -47.77 35.93 48.50
C ALA G 54 -46.80 36.98 47.99
N ASP G 55 -45.66 36.55 47.47
CA ASP G 55 -44.66 37.46 46.93
C ASP G 55 -44.94 37.83 45.47
N SER G 56 -44.02 38.57 44.86
CA SER G 56 -44.23 39.13 43.53
C SER G 56 -44.18 38.10 42.39
N LEU G 57 -43.83 36.86 42.73
CA LEU G 57 -43.96 35.74 41.80
C LEU G 57 -45.21 34.93 42.12
N ASP G 58 -45.43 34.69 43.42
CA ASP G 58 -46.60 33.96 43.89
C ASP G 58 -47.88 34.42 43.22
N THR G 59 -48.11 35.74 43.21
CA THR G 59 -49.35 36.31 42.71
C THR G 59 -49.50 36.13 41.20
N VAL G 60 -48.39 36.23 40.47
CA VAL G 60 -48.39 35.99 39.04
C VAL G 60 -48.70 34.51 38.75
N GLU G 61 -48.06 33.61 39.51
CA GLU G 61 -48.30 32.17 39.37
C GLU G 61 -49.72 31.78 39.77
N LEU G 62 -50.28 32.51 40.73
CA LEU G 62 -51.66 32.29 41.15
C LEU G 62 -52.66 32.61 40.05
N VAL G 63 -52.44 33.73 39.36
CA VAL G 63 -53.29 34.12 38.23
C VAL G 63 -53.20 33.09 37.10
N MET G 64 -51.98 32.68 36.77
CA MET G 64 -51.74 31.65 35.77
C MET G 64 -52.51 30.37 36.09
N ALA G 65 -52.42 29.92 37.34
CA ALA G 65 -53.06 28.68 37.77
C ALA G 65 -54.58 28.79 37.74
N LEU G 66 -55.10 29.95 38.11
CA LEU G 66 -56.55 30.19 38.07
C LEU G 66 -57.07 30.30 36.64
N GLU G 67 -56.30 30.97 35.79
CA GLU G 67 -56.61 31.04 34.36
C GLU G 67 -56.67 29.65 33.72
N GLU G 68 -55.71 28.79 34.10
CA GLU G 68 -55.66 27.42 33.62
C GLU G 68 -56.86 26.62 34.13
N GLU G 69 -57.06 26.63 35.45
CA GLU G 69 -58.08 25.82 36.10
C GLU G 69 -59.49 26.15 35.60
N PHE G 70 -59.75 27.43 35.33
CA PHE G 70 -61.09 27.88 34.96
C PHE G 70 -61.21 28.26 33.48
N ASP G 71 -60.16 27.96 32.71
CA ASP G 71 -60.16 28.17 31.27
C ASP G 71 -60.61 29.59 30.90
N THR G 72 -59.94 30.59 31.47
CA THR G 72 -60.29 31.99 31.24
C THR G 72 -59.05 32.87 31.06
N GLU G 73 -59.26 34.07 30.54
CA GLU G 73 -58.20 35.07 30.41
C GLU G 73 -58.56 36.33 31.18
N ILE G 74 -57.77 36.64 32.21
CA ILE G 74 -57.98 37.86 32.98
C ILE G 74 -57.00 38.97 32.56
N PRO G 75 -57.54 40.12 32.12
CA PRO G 75 -56.72 41.29 31.80
C PRO G 75 -55.95 41.77 33.03
N ASP G 76 -54.77 42.34 32.80
CA ASP G 76 -53.91 42.81 33.88
C ASP G 76 -54.63 43.81 34.79
N GLU G 77 -55.51 44.62 34.20
CA GLU G 77 -56.23 45.66 34.91
C GLU G 77 -57.21 45.08 35.93
N GLU G 78 -57.80 43.94 35.60
CA GLU G 78 -58.75 43.27 36.49
C GLU G 78 -58.04 42.47 37.57
N ALA G 79 -56.91 41.86 37.22
CA ALA G 79 -56.09 41.13 38.18
C ALA G 79 -55.53 42.05 39.26
N GLU G 80 -55.24 43.30 38.89
CA GLU G 80 -54.78 44.31 39.83
C GLU G 80 -55.82 44.61 40.91
N LYS G 81 -57.10 44.51 40.54
CA LYS G 81 -58.20 44.80 41.45
C LYS G 81 -58.37 43.71 42.51
N ILE G 82 -58.00 42.48 42.15
CA ILE G 82 -58.21 41.31 43.01
C ILE G 82 -57.14 41.23 44.11
N THR G 83 -57.57 41.41 45.36
CA THR G 83 -56.66 41.50 46.49
C THR G 83 -56.96 40.39 47.51
N THR G 84 -58.19 39.90 47.48
CA THR G 84 -58.67 38.92 48.45
C THR G 84 -59.14 37.64 47.76
N VAL G 85 -59.21 36.56 48.53
CA VAL G 85 -59.74 35.29 48.02
C VAL G 85 -61.16 35.44 47.48
N GLN G 86 -61.99 36.19 48.20
CA GLN G 86 -63.36 36.44 47.80
C GLN G 86 -63.46 37.14 46.44
N ALA G 87 -62.60 38.13 46.24
CA ALA G 87 -62.56 38.87 44.98
C ALA G 87 -62.23 37.96 43.80
N ALA G 88 -61.34 36.99 44.04
CA ALA G 88 -61.01 35.98 43.04
C ALA G 88 -62.20 35.07 42.73
N ILE G 89 -62.88 34.61 43.79
CA ILE G 89 -64.08 33.79 43.65
C ILE G 89 -65.18 34.56 42.91
N ASP G 90 -65.34 35.84 43.27
CA ASP G 90 -66.34 36.70 42.64
C ASP G 90 -66.08 36.90 41.15
N TYR G 91 -64.81 37.10 40.79
CA TYR G 91 -64.45 37.30 39.39
C TYR G 91 -64.73 36.04 38.57
N ILE G 92 -64.36 34.89 39.10
CA ILE G 92 -64.60 33.62 38.43
C ILE G 92 -66.09 33.34 38.27
N ASN G 93 -66.86 33.60 39.32
CA ASN G 93 -68.31 33.46 39.27
C ASN G 93 -68.96 34.44 38.30
N ALA H 7 -53.97 34.23 20.24
CA ALA H 7 -54.28 34.83 18.91
C ALA H 7 -53.32 35.98 18.57
N SER H 8 -52.26 36.10 19.37
CA SER H 8 -51.24 37.12 19.15
C SER H 8 -49.99 36.82 19.99
N SER H 9 -48.98 36.13 19.43
CA SER H 9 -48.89 35.67 18.03
C SER H 9 -48.63 36.79 17.02
N GLU H 10 -49.49 37.80 17.05
CA GLU H 10 -49.33 38.94 16.15
C GLU H 10 -48.29 39.92 16.65
N PHE H 11 -48.07 39.92 17.97
CA PHE H 11 -46.96 40.69 18.56
C PHE H 11 -45.62 40.12 18.12
N LEU H 12 -45.51 38.79 18.08
CA LEU H 12 -44.27 38.11 17.74
C LEU H 12 -43.93 38.30 16.26
N LYS H 13 -44.96 38.42 15.43
CA LYS H 13 -44.77 38.65 14.00
C LYS H 13 -44.26 40.07 13.72
N ASN H 14 -44.75 41.02 14.52
CA ASN H 14 -44.35 42.42 14.38
C ASN H 14 -44.47 43.16 15.72
N PRO H 15 -43.45 43.06 16.58
CA PRO H 15 -43.50 43.76 17.86
C PRO H 15 -43.31 45.26 17.75
N TYR H 16 -42.82 45.71 16.60
CA TYR H 16 -42.36 47.10 16.44
C TYR H 16 -43.49 48.11 16.33
N SER H 17 -44.64 47.66 15.82
CA SER H 17 -45.85 48.47 15.84
C SER H 17 -46.35 48.68 17.26
N PHE H 18 -46.27 47.62 18.06
CA PHE H 18 -46.61 47.68 19.47
C PHE H 18 -45.71 48.66 20.21
N TYR H 19 -44.40 48.59 19.95
CA TYR H 19 -43.44 49.51 20.51
C TYR H 19 -43.76 50.95 20.11
N ASP H 20 -44.16 51.14 18.85
CA ASP H 20 -44.46 52.47 18.33
C ASP H 20 -45.62 53.15 19.05
N THR H 21 -46.67 52.39 19.34
CA THR H 21 -47.84 52.93 20.03
C THR H 21 -47.50 53.36 21.45
N LEU H 22 -46.62 52.61 22.11
CA LEU H 22 -46.14 52.96 23.43
C LEU H 22 -45.33 54.26 23.41
N ARG H 23 -44.45 54.39 22.42
CA ARG H 23 -43.57 55.55 22.32
C ARG H 23 -44.35 56.85 22.07
N ALA H 24 -45.42 56.74 21.29
CA ALA H 24 -46.26 57.88 20.96
C ALA H 24 -46.98 58.45 22.19
N VAL H 25 -47.28 57.58 23.14
CA VAL H 25 -47.83 58.00 24.43
C VAL H 25 -46.74 58.65 25.28
N HIS H 26 -45.71 57.87 25.59
CA HIS H 26 -44.54 58.36 26.33
C HIS H 26 -43.41 57.34 26.24
N PRO H 27 -42.18 57.82 25.96
CA PRO H 27 -41.02 56.95 25.84
C PRO H 27 -40.71 56.18 27.13
N ILE H 28 -41.21 56.68 28.25
CA ILE H 28 -41.28 55.90 29.48
C ILE H 28 -42.73 55.69 29.86
N TYR H 29 -43.23 54.49 29.61
CA TYR H 29 -44.66 54.18 29.67
C TYR H 29 -44.99 53.37 30.92
N LYS H 30 -45.86 53.92 31.76
CA LYS H 30 -46.36 53.19 32.92
C LYS H 30 -47.49 52.25 32.49
N GLY H 31 -47.36 50.98 32.86
CA GLY H 31 -48.32 49.96 32.45
C GLY H 31 -48.02 48.59 33.00
N SER H 32 -48.71 47.59 32.47
CA SER H 32 -48.52 46.20 32.89
C SER H 32 -48.75 45.26 31.72
N PHE H 33 -47.81 44.34 31.52
CA PHE H 33 -47.93 43.34 30.47
C PHE H 33 -47.55 41.95 31.01
N LEU H 34 -48.34 40.95 30.66
CA LEU H 34 -48.20 39.60 31.20
C LEU H 34 -48.14 39.59 32.73
N LYS H 35 -48.92 40.48 33.34
CA LYS H 35 -49.07 40.55 34.80
C LYS H 35 -47.85 41.13 35.51
N TYR H 36 -46.96 41.76 34.74
CA TYR H 36 -45.80 42.44 35.32
C TYR H 36 -45.92 43.96 35.19
N PRO H 37 -46.22 44.65 36.31
CA PRO H 37 -46.37 46.10 36.31
C PRO H 37 -45.02 46.80 36.37
N GLY H 38 -44.93 47.95 35.69
CA GLY H 38 -43.72 48.76 35.76
C GLY H 38 -43.63 49.79 34.65
N TRP H 39 -42.43 50.32 34.45
CA TRP H 39 -42.19 51.32 33.42
C TRP H 39 -41.56 50.68 32.20
N TYR H 40 -42.22 50.83 31.05
CA TYR H 40 -41.76 50.21 29.82
C TYR H 40 -41.15 51.23 28.85
N VAL H 41 -39.83 51.12 28.66
CA VAL H 41 -39.05 52.16 28.02
C VAL H 41 -38.78 51.85 26.55
N THR H 42 -39.32 52.69 25.67
CA THR H 42 -39.17 52.52 24.23
C THR H 42 -38.28 53.61 23.64
N GLY H 43 -37.90 54.57 24.48
CA GLY H 43 -37.10 55.71 24.02
C GLY H 43 -35.61 55.48 24.11
N TYR H 44 -34.88 55.85 23.06
CA TYR H 44 -33.44 55.65 22.99
C TYR H 44 -32.70 56.36 24.12
N GLU H 45 -32.88 57.67 24.22
CA GLU H 45 -32.15 58.47 25.20
C GLU H 45 -32.48 58.08 26.62
N GLU H 46 -33.75 57.71 26.84
CA GLU H 46 -34.21 57.26 28.14
C GLU H 46 -33.61 55.90 28.50
N THR H 47 -33.58 54.99 27.52
CA THR H 47 -32.95 53.68 27.70
C THR H 47 -31.48 53.83 28.08
N ALA H 48 -30.74 54.58 27.26
CA ALA H 48 -29.32 54.84 27.52
C ALA H 48 -29.09 55.44 28.91
N ALA H 49 -29.91 56.42 29.27
CA ALA H 49 -29.77 57.12 30.55
C ALA H 49 -30.01 56.18 31.74
N ILE H 50 -31.03 55.33 31.63
CA ILE H 50 -31.32 54.37 32.69
C ILE H 50 -30.21 53.33 32.84
N LEU H 51 -29.73 52.81 31.71
CA LEU H 51 -28.67 51.80 31.73
C LEU H 51 -27.34 52.34 32.28
N LYS H 52 -27.10 53.63 32.08
CA LYS H 52 -25.91 54.30 32.62
C LYS H 52 -26.01 54.55 34.12
N ASP H 53 -27.24 54.72 34.60
CA ASP H 53 -27.50 55.19 35.96
C ASP H 53 -27.50 54.04 36.96
N ALA H 54 -26.48 54.01 37.82
CA ALA H 54 -26.29 52.91 38.76
C ALA H 54 -27.34 52.86 39.88
N ARG H 55 -28.12 53.93 40.00
CA ARG H 55 -29.27 53.94 40.90
C ARG H 55 -30.34 52.95 40.45
N PHE H 56 -30.43 52.75 39.14
CA PHE H 56 -31.18 51.63 38.59
C PHE H 56 -30.34 50.37 38.67
N LYS H 57 -30.70 49.49 39.60
CA LYS H 57 -29.92 48.30 39.87
C LYS H 57 -30.43 47.11 39.07
N VAL H 58 -29.55 46.17 38.77
CA VAL H 58 -29.97 44.85 38.31
C VAL H 58 -30.52 44.04 39.49
N ARG H 59 -31.33 43.04 39.17
CA ARG H 59 -31.95 42.22 40.19
C ARG H 59 -32.22 40.82 39.67
N THR H 60 -32.26 39.85 40.57
CA THR H 60 -32.61 38.48 40.20
C THR H 60 -34.02 38.43 39.62
N PRO H 61 -34.20 37.66 38.54
CA PRO H 61 -35.49 37.59 37.84
C PRO H 61 -36.51 36.71 38.57
N LEU H 62 -36.13 36.18 39.73
CA LEU H 62 -37.08 35.61 40.68
C LEU H 62 -36.91 36.33 42.03
N PRO H 63 -37.98 36.39 42.83
CA PRO H 63 -37.90 37.09 44.12
C PRO H 63 -36.69 36.64 44.96
N GLU H 64 -36.06 37.62 45.62
CA GLU H 64 -34.77 37.40 46.28
C GLU H 64 -34.79 36.26 47.29
N SER H 65 -35.85 36.19 48.09
CA SER H 65 -35.92 35.25 49.20
C SER H 65 -36.76 34.01 48.88
N SER H 66 -37.05 33.81 47.59
CA SER H 66 -37.88 32.69 47.16
C SER H 66 -37.09 31.38 47.15
N THR H 67 -37.68 30.35 47.76
CA THR H 67 -37.08 29.02 47.77
C THR H 67 -37.97 27.99 47.08
N LYS H 68 -38.93 28.48 46.29
CA LYS H 68 -39.82 27.61 45.53
C LYS H 68 -39.04 26.85 44.46
N TYR H 69 -38.10 27.55 43.83
CA TYR H 69 -37.14 26.91 42.93
C TYR H 69 -35.74 27.21 43.45
N GLN H 70 -35.37 26.55 44.54
CA GLN H 70 -34.19 26.90 45.32
C GLN H 70 -32.89 26.82 44.50
N ASP H 71 -32.77 25.78 43.69
CA ASP H 71 -31.56 25.53 42.93
C ASP H 71 -31.41 26.49 41.75
N LEU H 72 -32.52 26.75 41.07
CA LEU H 72 -32.56 27.75 40.00
C LEU H 72 -32.23 29.13 40.54
N SER H 73 -32.85 29.48 41.67
CA SER H 73 -32.59 30.76 42.32
C SER H 73 -31.13 30.93 42.70
N HIS H 74 -30.54 29.90 43.30
CA HIS H 74 -29.14 29.95 43.70
C HIS H 74 -28.22 30.14 42.50
N VAL H 75 -28.48 29.42 41.42
CA VAL H 75 -27.70 29.52 40.19
C VAL H 75 -27.79 30.94 39.62
N GLN H 76 -29.01 31.44 39.46
CA GLN H 76 -29.26 32.77 38.93
C GLN H 76 -28.56 33.87 39.74
N ASN H 77 -28.69 33.78 41.07
CA ASN H 77 -28.28 34.87 41.94
C ASN H 77 -26.76 35.04 42.03
N GLN H 78 -26.02 34.03 41.59
CA GLN H 78 -24.57 34.06 41.63
C GLN H 78 -23.97 34.64 40.34
N MET H 79 -24.82 34.82 39.33
CA MET H 79 -24.39 35.35 38.04
C MET H 79 -24.13 36.85 38.10
N MET H 80 -23.07 37.30 37.42
CA MET H 80 -22.70 38.72 37.38
C MET H 80 -23.81 39.59 36.80
N LEU H 81 -24.62 38.99 35.91
CA LEU H 81 -25.70 39.69 35.24
C LEU H 81 -26.76 40.21 36.22
N PHE H 82 -26.86 39.56 37.37
CA PHE H 82 -27.87 39.93 38.37
C PHE H 82 -27.24 40.39 39.68
N GLN H 83 -25.95 40.73 39.60
CA GLN H 83 -25.20 41.21 40.77
C GLN H 83 -24.89 42.68 40.65
N ASN H 84 -24.90 43.38 41.78
CA ASN H 84 -24.51 44.79 41.85
C ASN H 84 -23.16 44.97 42.53
N GLN H 85 -22.81 46.22 42.83
CA GLN H 85 -21.57 46.53 43.53
C GLN H 85 -21.57 45.91 44.93
N PRO H 86 -20.41 45.39 45.38
CA PRO H 86 -19.13 45.33 44.67
C PRO H 86 -18.91 43.99 43.97
N ASP H 87 -19.86 43.06 44.12
CA ASP H 87 -19.72 41.71 43.59
C ASP H 87 -19.62 41.68 42.06
N HIS H 88 -20.33 42.59 41.41
CA HIS H 88 -20.37 42.65 39.95
C HIS H 88 -18.99 42.79 39.32
N ARG H 89 -18.27 43.85 39.71
CA ARG H 89 -16.96 44.15 39.14
C ARG H 89 -16.00 42.99 39.30
N ARG H 90 -15.96 42.41 40.51
CA ARG H 90 -15.13 41.25 40.79
C ARG H 90 -15.43 40.10 39.82
N LEU H 91 -16.71 39.73 39.72
CA LEU H 91 -17.14 38.62 38.87
C LEU H 91 -16.86 38.89 37.40
N ARG H 92 -17.17 40.11 36.95
CA ARG H 92 -16.96 40.49 35.55
C ARG H 92 -15.48 40.49 35.17
N THR H 93 -14.66 41.12 36.00
CA THR H 93 -13.23 41.25 35.72
C THR H 93 -12.55 39.88 35.59
N LEU H 94 -12.98 38.92 36.40
CA LEU H 94 -12.41 37.59 36.39
C LEU H 94 -12.75 36.79 35.14
N ALA H 95 -13.91 37.06 34.57
CA ALA H 95 -14.37 36.36 33.36
C ALA H 95 -13.91 37.07 32.09
N SER H 96 -13.51 38.32 32.22
CA SER H 96 -13.24 39.19 31.07
C SER H 96 -12.05 38.74 30.23
N GLY H 97 -11.17 37.96 30.83
CA GLY H 97 -9.92 37.55 30.19
C GLY H 97 -10.10 36.77 28.90
N ALA H 98 -11.20 36.01 28.81
CA ALA H 98 -11.45 35.18 27.62
C ALA H 98 -12.13 35.96 26.50
N PHE H 99 -12.44 37.24 26.74
CA PHE H 99 -13.23 38.03 25.79
C PHE H 99 -12.61 39.37 25.43
N THR H 100 -11.32 39.52 25.71
CA THR H 100 -10.58 40.70 25.26
C THR H 100 -10.49 40.71 23.74
N PRO H 101 -10.31 41.90 23.15
CA PRO H 101 -10.17 42.00 21.69
C PRO H 101 -9.10 41.05 21.12
N ARG H 102 -7.98 40.93 21.82
CA ARG H 102 -6.88 40.08 21.36
C ARG H 102 -7.20 38.59 21.49
N THR H 103 -7.82 38.21 22.60
CA THR H 103 -8.22 36.82 22.81
C THR H 103 -9.33 36.40 21.84
N THR H 104 -10.28 37.31 21.61
CA THR H 104 -11.35 37.10 20.64
C THR H 104 -10.79 36.83 19.25
N GLU H 105 -9.81 37.64 18.85
CA GLU H 105 -9.19 37.50 17.54
C GLU H 105 -8.51 36.14 17.38
N SER H 106 -8.05 35.57 18.48
CA SER H 106 -7.38 34.27 18.50
C SER H 106 -8.36 33.13 18.18
N TYR H 107 -9.65 33.41 18.26
CA TYR H 107 -10.67 32.41 18.01
C TYR H 107 -10.97 32.27 16.52
N GLN H 108 -10.57 33.27 15.74
CA GLN H 108 -10.93 33.35 14.32
C GLN H 108 -10.61 32.08 13.53
N PRO H 109 -9.37 31.55 13.66
CA PRO H 109 -9.03 30.30 12.97
C PRO H 109 -10.02 29.15 13.22
N TYR H 110 -10.34 28.90 14.49
CA TYR H 110 -11.28 27.83 14.83
C TYR H 110 -12.68 28.08 14.28
N ILE H 111 -13.09 29.36 14.26
CA ILE H 111 -14.41 29.74 13.76
C ILE H 111 -14.55 29.48 12.26
N ILE H 112 -13.58 29.96 11.49
CA ILE H 112 -13.55 29.72 10.04
C ILE H 112 -13.51 28.23 9.71
N GLU H 113 -12.71 27.49 10.47
CA GLU H 113 -12.60 26.03 10.31
C GLU H 113 -13.95 25.35 10.49
N THR H 114 -14.64 25.68 11.58
CA THR H 114 -15.92 25.08 11.91
C THR H 114 -17.01 25.45 10.90
N VAL H 115 -17.00 26.70 10.47
CA VAL H 115 -17.98 27.19 9.49
C VAL H 115 -17.89 26.41 8.18
N HIS H 116 -16.67 26.24 7.67
CA HIS H 116 -16.45 25.49 6.43
C HIS H 116 -16.78 24.02 6.59
N HIS H 117 -16.44 23.45 7.75
CA HIS H 117 -16.78 22.06 8.06
C HIS H 117 -18.29 21.84 8.07
N LEU H 118 -19.03 22.81 8.61
CA LEU H 118 -20.48 22.71 8.72
C LEU H 118 -21.16 22.90 7.37
N LEU H 119 -20.61 23.79 6.56
CA LEU H 119 -21.13 24.04 5.21
C LEU H 119 -20.80 22.89 4.27
N ASP H 120 -19.75 22.13 4.60
CA ASP H 120 -19.38 20.95 3.83
C ASP H 120 -20.43 19.85 3.93
N GLN H 121 -21.01 19.69 5.12
CA GLN H 121 -21.93 18.59 5.40
C GLN H 121 -23.27 18.76 4.69
N VAL H 122 -23.49 19.94 4.12
CA VAL H 122 -24.78 20.28 3.53
C VAL H 122 -24.66 20.78 2.09
N GLN H 123 -23.43 20.96 1.61
CA GLN H 123 -23.23 21.61 0.32
C GLN H 123 -23.81 20.84 -0.87
N GLY H 124 -23.83 19.52 -0.76
CA GLY H 124 -24.36 18.67 -1.83
C GLY H 124 -25.88 18.61 -1.87
N LYS H 125 -26.52 19.12 -0.82
CA LYS H 125 -27.94 18.85 -0.60
C LYS H 125 -28.88 19.89 -1.22
N LYS H 126 -28.34 21.04 -1.59
CA LYS H 126 -29.12 22.14 -2.19
C LYS H 126 -30.18 22.72 -1.26
N LYS H 127 -30.22 22.23 -0.03
CA LYS H 127 -31.13 22.76 0.99
C LYS H 127 -30.53 22.64 2.39
N MET H 128 -30.98 23.51 3.29
CA MET H 128 -30.40 23.61 4.63
C MET H 128 -31.39 24.25 5.61
N GLU H 129 -31.29 23.81 6.87
CA GLU H 129 -31.94 24.49 7.98
C GLU H 129 -30.89 25.32 8.71
N VAL H 130 -30.92 26.64 8.53
CA VAL H 130 -29.83 27.51 8.96
C VAL H 130 -29.49 27.37 10.44
N ILE H 131 -30.50 27.13 11.27
CA ILE H 131 -30.29 27.00 12.71
C ILE H 131 -29.68 25.65 13.10
N SER H 132 -30.39 24.57 12.78
CA SER H 132 -29.95 23.22 13.15
C SER H 132 -28.65 22.81 12.46
N ASP H 133 -28.50 23.20 11.21
CA ASP H 133 -27.38 22.73 10.39
C ASP H 133 -26.16 23.65 10.44
N PHE H 134 -26.35 24.89 10.87
CA PHE H 134 -25.32 25.91 10.70
C PHE H 134 -25.14 26.80 11.93
N ALA H 135 -26.14 27.63 12.22
CA ALA H 135 -26.03 28.64 13.27
C ALA H 135 -25.76 28.03 14.64
N PHE H 136 -26.55 27.02 15.01
CA PHE H 136 -26.42 26.42 16.33
C PHE H 136 -25.11 25.64 16.53
N PRO H 137 -24.79 24.73 15.59
CA PRO H 137 -23.55 23.96 15.73
C PRO H 137 -22.33 24.85 15.88
N LEU H 138 -22.23 25.89 15.08
CA LEU H 138 -21.11 26.83 15.19
C LEU H 138 -21.03 27.46 16.58
N ALA H 139 -22.11 28.09 17.01
CA ALA H 139 -22.16 28.75 18.32
C ALA H 139 -21.85 27.77 19.45
N SER H 140 -22.45 26.59 19.38
CA SER H 140 -22.24 25.52 20.37
C SER H 140 -20.78 25.08 20.43
N PHE H 141 -20.21 24.75 19.26
CA PHE H 141 -18.80 24.36 19.15
C PHE H 141 -17.87 25.40 19.76
N VAL H 142 -18.07 26.66 19.38
CA VAL H 142 -17.18 27.74 19.79
C VAL H 142 -17.17 27.95 21.30
N ILE H 143 -18.35 28.11 21.90
CA ILE H 143 -18.45 28.43 23.32
C ILE H 143 -18.06 27.24 24.22
N ALA H 144 -18.32 26.03 23.75
CA ALA H 144 -17.92 24.83 24.47
C ALA H 144 -16.39 24.70 24.49
N ASN H 145 -15.76 25.03 23.37
CA ASN H 145 -14.30 25.06 23.30
C ASN H 145 -13.67 26.14 24.16
N ILE H 146 -14.29 27.32 24.19
CA ILE H 146 -13.83 28.42 25.02
C ILE H 146 -13.91 28.07 26.51
N ILE H 147 -15.06 27.55 26.92
CA ILE H 147 -15.29 27.20 28.32
C ILE H 147 -14.45 26.01 28.75
N GLY H 148 -14.35 25.01 27.88
CA GLY H 148 -13.59 23.80 28.16
C GLY H 148 -14.47 22.60 28.41
N VAL H 149 -15.61 22.57 27.72
CA VAL H 149 -16.53 21.45 27.80
C VAL H 149 -16.19 20.44 26.69
N PRO H 150 -15.92 19.19 27.07
CA PRO H 150 -15.58 18.12 26.13
C PRO H 150 -16.65 17.90 25.08
N GLU H 151 -16.25 17.40 23.91
CA GLU H 151 -17.16 17.16 22.79
C GLU H 151 -18.30 16.23 23.16
N GLU H 152 -18.03 15.30 24.08
CA GLU H 152 -19.02 14.30 24.50
C GLU H 152 -20.17 14.92 25.28
N ASP H 153 -19.91 16.07 25.91
CA ASP H 153 -20.86 16.69 26.83
C ASP H 153 -21.58 17.88 26.21
N ARG H 154 -21.38 18.11 24.92
CA ARG H 154 -21.89 19.29 24.24
C ARG H 154 -23.39 19.30 24.06
N GLU H 155 -23.97 18.13 23.79
CA GLU H 155 -25.40 18.02 23.54
C GLU H 155 -26.22 18.24 24.80
N GLN H 156 -25.68 17.79 25.95
CA GLN H 156 -26.31 18.03 27.24
C GLN H 156 -26.32 19.52 27.59
N LEU H 157 -25.26 20.22 27.16
CA LEU H 157 -25.13 21.66 27.38
C LEU H 157 -26.18 22.43 26.60
N LYS H 158 -26.47 21.97 25.38
CA LYS H 158 -27.53 22.55 24.55
C LYS H 158 -28.88 22.56 25.27
N GLU H 159 -29.20 21.44 25.90
CA GLU H 159 -30.50 21.27 26.55
C GLU H 159 -30.64 22.12 27.80
N TRP H 160 -29.54 22.29 28.53
CA TRP H 160 -29.52 23.15 29.70
C TRP H 160 -29.75 24.61 29.32
N ALA H 161 -29.12 25.05 28.24
CA ALA H 161 -29.22 26.43 27.79
C ALA H 161 -30.62 26.80 27.31
N ALA H 162 -31.25 25.88 26.57
CA ALA H 162 -32.58 26.08 26.03
C ALA H 162 -33.65 26.15 27.12
N SER H 163 -33.46 25.37 28.19
CA SER H 163 -34.39 25.35 29.31
C SER H 163 -34.20 26.56 30.23
N LEU H 164 -32.95 26.92 30.49
CA LEU H 164 -32.65 27.98 31.45
C LEU H 164 -32.96 29.39 30.91
N ILE H 165 -32.83 29.56 29.60
CA ILE H 165 -33.15 30.84 28.97
C ILE H 165 -34.61 31.22 29.17
N GLN H 166 -35.48 30.22 29.22
CA GLN H 166 -36.92 30.42 29.39
C GLN H 166 -37.29 30.92 30.78
N THR H 167 -36.43 30.63 31.77
CA THR H 167 -36.74 30.91 33.18
C THR H 167 -36.71 32.41 33.52
N ILE H 168 -36.18 33.23 32.62
CA ILE H 168 -36.10 34.67 32.86
C ILE H 168 -37.11 35.46 32.03
N ASP H 169 -37.77 34.79 31.10
CA ASP H 169 -38.63 35.45 30.12
C ASP H 169 -40.04 35.69 30.68
N PHE H 170 -40.68 36.75 30.17
CA PHE H 170 -42.07 37.06 30.50
C PHE H 170 -43.01 35.86 30.25
N THR H 171 -42.66 35.05 29.27
CA THR H 171 -43.52 33.94 28.84
C THR H 171 -43.38 32.68 29.69
N ARG H 172 -42.58 32.77 30.75
CA ARG H 172 -42.30 31.61 31.62
C ARG H 172 -43.57 31.09 32.32
N SER H 173 -43.59 29.78 32.57
CA SER H 173 -44.69 29.15 33.30
C SER H 173 -44.16 28.39 34.51
N ARG H 174 -45.07 27.88 35.33
CA ARG H 174 -44.70 27.04 36.46
C ARG H 174 -43.94 25.81 35.99
N LYS H 175 -44.36 25.26 34.85
CA LYS H 175 -43.72 24.10 34.25
C LYS H 175 -42.28 24.41 33.80
N ALA H 176 -42.12 25.59 33.19
CA ALA H 176 -40.81 26.04 32.72
C ALA H 176 -39.83 26.20 33.89
N LEU H 177 -40.34 26.70 35.00
CA LEU H 177 -39.51 26.97 36.17
C LEU H 177 -39.13 25.70 36.94
N THR H 178 -40.05 24.74 37.00
CA THR H 178 -39.76 23.44 37.61
C THR H 178 -38.73 22.65 36.79
N GLU H 179 -38.90 22.65 35.47
CA GLU H 179 -37.91 22.09 34.55
C GLU H 179 -36.56 22.80 34.67
N GLY H 180 -36.62 24.12 34.81
CA GLY H 180 -35.43 24.95 35.01
C GLY H 180 -34.65 24.60 36.27
N ASN H 181 -35.37 24.26 37.34
CA ASN H 181 -34.74 23.86 38.60
C ASN H 181 -33.96 22.55 38.45
N ILE H 182 -34.51 21.63 37.66
CA ILE H 182 -33.86 20.34 37.41
C ILE H 182 -32.59 20.53 36.58
N MET H 183 -32.68 21.36 35.55
CA MET H 183 -31.52 21.68 34.71
C MET H 183 -30.46 22.43 35.50
N ALA H 184 -30.89 23.26 36.45
CA ALA H 184 -29.98 23.97 37.34
C ALA H 184 -29.17 23.01 38.19
N VAL H 185 -29.84 21.98 38.73
CA VAL H 185 -29.19 20.94 39.51
C VAL H 185 -28.15 20.21 38.67
N GLN H 186 -28.54 19.81 37.46
CA GLN H 186 -27.68 19.01 36.58
C GLN H 186 -26.47 19.81 36.11
N ALA H 187 -26.70 21.05 35.67
CA ALA H 187 -25.64 21.91 35.17
C ALA H 187 -24.60 22.23 36.25
N MET H 188 -25.09 22.55 37.45
CA MET H 188 -24.21 22.90 38.56
C MET H 188 -23.36 21.71 39.01
N ALA H 189 -23.98 20.53 39.04
CA ALA H 189 -23.28 19.31 39.39
C ALA H 189 -22.21 18.95 38.36
N TYR H 190 -22.53 19.16 37.09
CA TYR H 190 -21.60 18.89 36.00
C TYR H 190 -20.38 19.79 36.04
N PHE H 191 -20.61 21.09 36.26
CA PHE H 191 -19.52 22.06 36.24
C PHE H 191 -18.64 21.98 37.48
N LYS H 192 -19.22 21.60 38.61
CA LYS H 192 -18.44 21.31 39.81
C LYS H 192 -17.51 20.12 39.59
N GLU H 193 -18.01 19.10 38.89
CA GLU H 193 -17.24 17.93 38.49
C GLU H 193 -16.09 18.31 37.55
N LEU H 194 -16.39 19.16 36.58
CA LEU H 194 -15.41 19.61 35.61
C LEU H 194 -14.36 20.52 36.27
N ILE H 195 -14.80 21.32 37.24
CA ILE H 195 -13.90 22.16 38.02
C ILE H 195 -12.93 21.34 38.87
N GLN H 196 -13.42 20.23 39.40
CA GLN H 196 -12.60 19.30 40.19
C GLN H 196 -11.49 18.68 39.34
N LYS H 197 -11.80 18.39 38.08
CA LYS H 197 -10.84 17.84 37.14
C LYS H 197 -9.80 18.88 36.71
N ARG H 198 -10.26 20.12 36.54
CA ARG H 198 -9.40 21.23 36.15
C ARG H 198 -8.50 21.69 37.30
N LYS H 199 -8.96 21.46 38.52
CA LYS H 199 -8.17 21.75 39.71
C LYS H 199 -6.94 20.84 39.80
N ARG H 200 -7.15 19.56 39.57
CA ARG H 200 -6.06 18.59 39.57
C ARG H 200 -5.21 18.74 38.31
N HIS H 201 -5.88 18.94 37.18
CA HIS H 201 -5.19 19.06 35.90
C HIS H 201 -5.74 20.21 35.07
N PRO H 202 -5.19 21.43 35.30
CA PRO H 202 -5.54 22.60 34.50
C PRO H 202 -5.32 22.42 32.99
N GLN H 203 -6.26 22.94 32.20
CA GLN H 203 -6.19 22.89 30.75
C GLN H 203 -6.13 24.31 30.19
N GLN H 204 -6.02 24.44 28.87
CA GLN H 204 -6.08 25.77 28.26
C GLN H 204 -7.50 26.17 27.92
N ASP H 205 -8.28 26.44 28.96
CA ASP H 205 -9.68 26.83 28.82
C ASP H 205 -10.09 27.86 29.87
N MET H 206 -11.34 28.31 29.80
CA MET H 206 -11.87 29.36 30.67
C MET H 206 -12.01 28.91 32.12
N ILE H 207 -12.45 27.67 32.31
CA ILE H 207 -12.62 27.11 33.65
C ILE H 207 -11.32 27.19 34.46
N SER H 208 -10.22 26.74 33.85
CA SER H 208 -8.92 26.80 34.50
C SER H 208 -8.49 28.25 34.76
N MET H 209 -8.74 29.13 33.79
CA MET H 209 -8.45 30.54 33.94
C MET H 209 -9.16 31.16 35.15
N LEU H 210 -10.42 30.77 35.34
CA LEU H 210 -11.21 31.27 36.47
C LEU H 210 -10.67 30.75 37.81
N LEU H 211 -10.13 29.55 37.80
CA LEU H 211 -9.62 28.92 39.02
C LEU H 211 -8.29 29.54 39.46
N LYS H 212 -7.49 29.99 38.49
CA LYS H 212 -6.23 30.67 38.77
C LYS H 212 -6.43 31.96 39.54
N GLY H 213 -7.50 32.68 39.21
CA GLY H 213 -7.81 33.97 39.84
C GLY H 213 -7.07 35.13 39.20
N ASP H 217 -8.41 39.20 43.18
CA ASP H 217 -9.76 38.76 42.83
C ASP H 217 -9.85 37.24 42.76
N LYS H 218 -10.85 36.69 43.44
CA LYS H 218 -11.00 35.25 43.59
C LYS H 218 -12.47 34.85 43.50
N LEU H 219 -12.73 33.68 42.92
CA LEU H 219 -14.09 33.15 42.84
C LEU H 219 -14.22 31.88 43.70
N THR H 220 -15.40 31.68 44.26
CA THR H 220 -15.77 30.38 44.82
C THR H 220 -16.04 29.40 43.69
N GLU H 221 -15.94 28.10 43.98
CA GLU H 221 -16.18 27.06 42.98
C GLU H 221 -17.59 27.12 42.40
N GLU H 222 -18.55 27.57 43.21
CA GLU H 222 -19.92 27.73 42.76
C GLU H 222 -20.11 28.97 41.88
N GLU H 223 -19.37 30.04 42.21
CA GLU H 223 -19.36 31.24 41.37
C GLU H 223 -18.76 30.96 40.00
N ALA H 224 -17.73 30.11 39.97
CA ALA H 224 -17.10 29.68 38.73
C ALA H 224 -18.07 28.88 37.87
N ALA H 225 -18.80 27.96 38.50
CA ALA H 225 -19.78 27.14 37.80
C ALA H 225 -20.92 27.97 37.22
N SER H 226 -21.46 28.88 38.04
CA SER H 226 -22.53 29.80 37.61
C SER H 226 -22.10 30.68 36.46
N THR H 227 -20.84 31.13 36.50
CA THR H 227 -20.26 31.92 35.41
C THR H 227 -20.25 31.13 34.11
N CYS H 228 -19.81 29.87 34.18
CA CYS H 228 -19.77 29.00 33.01
C CYS H 228 -21.15 28.76 32.44
N ILE H 229 -22.12 28.52 33.32
CA ILE H 229 -23.52 28.36 32.91
C ILE H 229 -24.03 29.58 32.15
N LEU H 230 -23.79 30.76 32.72
CA LEU H 230 -24.19 32.02 32.09
C LEU H 230 -23.62 32.16 30.68
N LEU H 231 -22.32 31.90 30.55
CA LEU H 231 -21.62 32.07 29.28
C LEU H 231 -22.06 31.01 28.27
N ALA H 232 -22.36 29.81 28.76
CA ALA H 232 -22.89 28.74 27.92
C ALA H 232 -24.24 29.12 27.32
N ILE H 233 -25.12 29.68 28.15
CA ILE H 233 -26.43 30.13 27.68
C ILE H 233 -26.31 31.27 26.67
N ALA H 234 -25.49 32.26 26.99
CA ALA H 234 -25.28 33.41 26.13
C ALA H 234 -24.69 33.00 24.79
N GLY H 235 -23.73 32.07 24.85
CA GLY H 235 -23.06 31.57 23.65
C GLY H 235 -23.98 30.77 22.74
N HIS H 236 -24.91 30.04 23.35
CA HIS H 236 -25.87 29.26 22.57
C HIS H 236 -27.00 30.12 22.03
N GLU H 237 -27.79 30.70 22.92
CA GLU H 237 -29.05 31.31 22.53
C GLU H 237 -28.91 32.55 21.66
N THR H 238 -28.32 33.60 22.21
CA THR H 238 -28.32 34.92 21.57
C THR H 238 -27.50 34.97 20.29
N THR H 239 -26.36 34.27 20.30
CA THR H 239 -25.47 34.24 19.13
C THR H 239 -26.12 33.54 17.94
N VAL H 240 -26.81 32.43 18.21
CA VAL H 240 -27.56 31.72 17.17
C VAL H 240 -28.63 32.62 16.56
N ASN H 241 -29.33 33.38 17.41
CA ASN H 241 -30.36 34.31 16.97
C ASN H 241 -29.81 35.43 16.09
N LEU H 242 -28.64 35.95 16.44
CA LEU H 242 -27.97 36.94 15.63
C LEU H 242 -27.70 36.43 14.21
N ILE H 243 -27.08 35.26 14.12
CA ILE H 243 -26.76 34.65 12.83
C ILE H 243 -28.01 34.44 11.97
N SER H 244 -29.02 33.79 12.55
CA SER H 244 -30.25 33.45 11.82
C SER H 244 -31.12 34.66 11.50
N ASN H 245 -31.22 35.60 12.45
CA ASN H 245 -31.92 36.87 12.19
C ASN H 245 -31.28 37.66 11.05
N SER H 246 -29.95 37.63 10.98
CA SER H 246 -29.20 38.34 9.97
C SER H 246 -29.43 37.75 8.58
N VAL H 247 -29.42 36.42 8.51
CA VAL H 247 -29.65 35.70 7.25
C VAL H 247 -31.04 36.00 6.68
N LEU H 248 -32.05 35.87 7.52
CA LEU H 248 -33.42 36.16 7.12
C LEU H 248 -33.56 37.62 6.71
N CYS H 249 -32.90 38.51 7.46
CA CYS H 249 -32.97 39.94 7.19
C CYS H 249 -32.41 40.29 5.81
N LEU H 250 -31.27 39.68 5.47
CA LEU H 250 -30.61 39.93 4.19
C LEU H 250 -31.42 39.39 3.02
N LEU H 251 -31.98 38.19 3.20
CA LEU H 251 -32.79 37.54 2.17
C LEU H 251 -34.10 38.28 1.90
N GLN H 252 -34.61 38.95 2.93
CA GLN H 252 -35.82 39.76 2.79
C GLN H 252 -35.53 41.09 2.10
N HIS H 253 -34.25 41.45 2.00
CA HIS H 253 -33.83 42.65 1.30
C HIS H 253 -32.74 42.31 0.28
N PRO H 254 -33.14 41.76 -0.88
CA PRO H 254 -32.21 41.22 -1.87
C PRO H 254 -31.24 42.27 -2.42
N GLU H 255 -31.66 43.53 -2.42
CA GLU H 255 -30.83 44.63 -2.90
C GLU H 255 -29.60 44.85 -1.99
N GLN H 256 -29.81 44.71 -0.69
CA GLN H 256 -28.74 44.84 0.29
C GLN H 256 -27.88 43.59 0.33
N LEU H 257 -28.51 42.43 0.10
CA LEU H 257 -27.80 41.16 0.12
C LEU H 257 -26.90 41.01 -1.10
N LEU H 258 -27.37 41.51 -2.24
CA LEU H 258 -26.52 41.69 -3.41
C LEU H 258 -25.34 42.62 -3.11
N LYS H 259 -25.63 43.72 -2.44
CA LYS H 259 -24.59 44.66 -2.04
C LYS H 259 -23.36 43.94 -1.51
N LEU H 260 -23.60 42.85 -0.77
CA LEU H 260 -22.87 42.59 0.45
C LEU H 260 -22.11 41.37 -0.04
N ARG H 261 -22.77 40.58 -0.89
CA ARG H 261 -22.15 39.54 -1.70
C ARG H 261 -21.04 40.10 -2.58
N GLU H 262 -21.35 41.20 -3.27
CA GLU H 262 -20.41 41.83 -4.18
C GLU H 262 -19.28 42.55 -3.44
N ASN H 263 -19.56 42.97 -2.21
CA ASN H 263 -18.56 43.62 -1.37
C ASN H 263 -18.54 43.10 0.06
N PRO H 264 -17.74 42.04 0.31
CA PRO H 264 -17.68 41.37 1.61
C PRO H 264 -17.11 42.23 2.73
N ASP H 265 -16.46 43.34 2.38
CA ASP H 265 -15.94 44.28 3.38
C ASP H 265 -17.05 45.07 4.07
N LEU H 266 -18.25 44.99 3.50
CA LEU H 266 -19.42 45.63 4.10
C LEU H 266 -20.00 44.82 5.26
N ILE H 267 -19.38 43.68 5.56
CA ILE H 267 -19.91 42.75 6.56
C ILE H 267 -20.01 43.38 7.95
N GLY H 268 -19.03 44.22 8.29
CA GLY H 268 -19.01 44.91 9.58
C GLY H 268 -20.22 45.81 9.78
N THR H 269 -20.42 46.73 8.84
CA THR H 269 -21.55 47.67 8.91
C THR H 269 -22.89 46.96 8.73
N ALA H 270 -22.89 45.84 8.01
CA ALA H 270 -24.10 45.06 7.76
C ALA H 270 -24.57 44.33 9.01
N VAL H 271 -23.62 43.73 9.74
CA VAL H 271 -23.94 43.03 10.98
C VAL H 271 -24.43 43.98 12.07
N GLU H 272 -23.93 45.21 12.05
CA GLU H 272 -24.37 46.24 12.99
C GLU H 272 -25.82 46.64 12.75
N GLU H 273 -26.20 46.72 11.47
CA GLU H 273 -27.57 47.06 11.08
C GLU H 273 -28.53 45.90 11.34
N CYS H 274 -28.04 44.67 11.22
CA CYS H 274 -28.80 43.49 11.63
C CYS H 274 -29.07 43.50 13.12
N LEU H 275 -28.05 43.86 13.90
CA LEU H 275 -28.19 44.03 15.34
C LEU H 275 -29.23 45.10 15.68
N ARG H 276 -29.19 46.24 15.01
CA ARG H 276 -30.15 47.31 15.24
C ARG H 276 -31.57 46.90 14.83
N TYR H 277 -31.68 46.28 13.67
CA TYR H 277 -32.98 46.08 13.03
C TYR H 277 -33.76 44.90 13.60
N GLU H 278 -33.06 43.81 13.90
CA GLU H 278 -33.67 42.62 14.49
C GLU H 278 -32.88 42.12 15.69
N SER H 279 -32.95 42.87 16.78
CA SER H 279 -32.09 42.63 17.95
C SER H 279 -32.38 41.30 18.64
N PRO H 280 -31.34 40.46 18.77
CA PRO H 280 -31.49 39.14 19.42
C PRO H 280 -32.05 39.27 20.84
N THR H 281 -31.62 40.29 21.58
CA THR H 281 -32.19 40.59 22.89
C THR H 281 -33.16 41.77 22.78
N GLN H 282 -34.41 41.53 23.15
CA GLN H 282 -35.46 42.54 23.02
C GLN H 282 -35.72 43.28 24.33
N MET H 283 -35.31 42.68 25.44
CA MET H 283 -35.58 43.25 26.75
C MET H 283 -34.46 42.99 27.75
N THR H 284 -34.12 44.02 28.52
CA THR H 284 -33.53 43.82 29.84
C THR H 284 -34.29 44.64 30.88
N ALA H 285 -33.86 44.56 32.14
CA ALA H 285 -34.66 45.06 33.24
C ALA H 285 -33.83 45.64 34.39
N ARG H 286 -34.38 46.67 35.04
CA ARG H 286 -33.75 47.27 36.22
C ARG H 286 -34.80 47.51 37.31
N VAL H 287 -34.33 47.62 38.56
CA VAL H 287 -35.17 48.06 39.67
C VAL H 287 -34.63 49.37 40.27
N ALA H 288 -35.53 50.30 40.57
CA ALA H 288 -35.14 51.58 41.15
C ALA H 288 -34.81 51.43 42.63
N SER H 289 -33.56 51.77 42.99
CA SER H 289 -33.11 51.66 44.37
C SER H 289 -33.51 52.87 45.21
N GLU H 290 -34.00 53.90 44.53
CA GLU H 290 -34.57 55.07 45.19
C GLU H 290 -35.48 55.81 44.21
N ASP H 291 -36.14 56.87 44.69
CA ASP H 291 -36.96 57.72 43.84
C ASP H 291 -36.08 58.44 42.83
N ILE H 292 -36.45 58.35 41.55
CA ILE H 292 -35.64 58.91 40.48
C ILE H 292 -36.50 59.69 39.49
N ASP H 293 -36.11 60.93 39.23
CA ASP H 293 -36.77 61.76 38.23
C ASP H 293 -36.04 61.68 36.89
N ILE H 294 -36.77 61.32 35.84
CA ILE H 294 -36.23 61.30 34.49
C ILE H 294 -37.34 61.54 33.46
N CYS H 295 -37.02 62.31 32.42
CA CYS H 295 -37.93 62.54 31.31
C CYS H 295 -39.33 62.95 31.75
N GLY H 296 -39.39 63.76 32.81
CA GLY H 296 -40.66 64.32 33.27
C GLY H 296 -41.57 63.33 33.97
N VAL H 297 -41.00 62.22 34.43
CA VAL H 297 -41.71 61.29 35.29
C VAL H 297 -40.89 60.94 36.53
N THR H 298 -41.56 60.42 37.56
CA THR H 298 -40.88 59.96 38.75
C THR H 298 -41.02 58.44 38.90
N ILE H 299 -39.90 57.74 38.87
CA ILE H 299 -39.87 56.31 39.14
C ILE H 299 -39.54 56.09 40.61
N ARG H 300 -40.48 55.52 41.35
CA ARG H 300 -40.36 55.41 42.80
C ARG H 300 -39.54 54.19 43.20
N GLN H 301 -38.95 54.26 44.39
CA GLN H 301 -38.14 53.18 44.94
C GLN H 301 -38.89 51.85 44.87
N GLY H 302 -38.23 50.83 44.32
CA GLY H 302 -38.79 49.48 44.29
C GLY H 302 -39.54 49.12 43.03
N GLU H 303 -39.85 50.12 42.21
CA GLU H 303 -40.61 49.91 40.97
C GLU H 303 -39.72 49.31 39.87
N GLN H 304 -40.31 48.46 39.03
CA GLN H 304 -39.56 47.75 37.99
C GLN H 304 -39.52 48.55 36.69
N VAL H 305 -38.36 48.52 36.02
CA VAL H 305 -38.17 49.23 34.77
C VAL H 305 -37.75 48.27 33.67
N TYR H 306 -38.51 48.25 32.58
CA TYR H 306 -38.27 47.30 31.51
C TYR H 306 -37.83 47.98 30.23
N LEU H 307 -36.58 47.70 29.85
CA LEU H 307 -35.94 48.40 28.75
C LEU H 307 -36.01 47.61 27.46
N LEU H 308 -36.81 48.12 26.52
CA LEU H 308 -37.07 47.44 25.26
C LEU H 308 -36.06 47.88 24.23
N LEU H 309 -34.99 47.09 24.12
CA LEU H 309 -33.82 47.47 23.33
C LEU H 309 -34.13 47.56 21.85
N GLY H 310 -34.98 46.64 21.37
CA GLY H 310 -35.42 46.66 19.98
C GLY H 310 -36.22 47.91 19.65
N ALA H 311 -37.00 48.38 20.63
CA ALA H 311 -37.79 49.59 20.49
C ALA H 311 -36.90 50.83 20.42
N ALA H 312 -35.98 50.94 21.37
CA ALA H 312 -34.99 52.03 21.38
C ALA H 312 -34.21 52.10 20.06
N ASN H 313 -33.91 50.93 19.49
CA ASN H 313 -33.20 50.85 18.22
C ASN H 313 -34.00 51.37 17.02
N ARG H 314 -35.27 51.67 17.25
CA ARG H 314 -36.15 52.18 16.20
C ARG H 314 -36.64 53.60 16.51
N ASP H 315 -35.90 54.30 17.37
CA ASP H 315 -36.24 55.66 17.77
C ASP H 315 -35.87 56.66 16.67
N PRO H 316 -36.88 57.33 16.08
CA PRO H 316 -36.70 58.22 14.92
C PRO H 316 -35.84 59.45 15.20
N SER H 317 -35.71 59.82 16.47
CA SER H 317 -34.90 60.95 16.86
C SER H 317 -33.41 60.61 16.88
N ILE H 318 -33.09 59.34 16.64
CA ILE H 318 -31.71 58.88 16.58
C ILE H 318 -31.41 58.26 15.23
N PHE H 319 -32.31 57.42 14.75
CA PHE H 319 -32.17 56.76 13.45
C PHE H 319 -33.21 57.29 12.47
N THR H 320 -32.76 58.02 11.47
CA THR H 320 -33.65 58.50 10.41
C THR H 320 -34.21 57.31 9.65
N ASN H 321 -35.52 57.36 9.39
CA ASN H 321 -36.23 56.24 8.77
C ASN H 321 -35.92 54.91 9.46
N PRO H 322 -36.32 54.79 10.73
CA PRO H 322 -35.86 53.70 11.61
C PRO H 322 -36.31 52.32 11.16
N ASP H 323 -37.42 52.26 10.42
CA ASP H 323 -37.97 51.00 9.95
C ASP H 323 -37.39 50.57 8.62
N VAL H 324 -36.43 51.34 8.12
CA VAL H 324 -35.72 50.99 6.91
C VAL H 324 -34.41 50.25 7.22
N PHE H 325 -34.27 49.07 6.64
CA PHE H 325 -33.07 48.25 6.77
C PHE H 325 -32.01 48.77 5.79
N ASP H 326 -30.95 49.36 6.32
CA ASP H 326 -29.92 50.00 5.50
C ASP H 326 -28.53 49.65 6.01
N ILE H 327 -27.86 48.72 5.32
CA ILE H 327 -26.58 48.18 5.78
C ILE H 327 -25.42 49.18 5.66
N THR H 328 -25.71 50.36 5.12
CA THR H 328 -24.71 51.42 4.96
C THR H 328 -24.74 52.43 6.10
N ARG H 329 -25.65 52.24 7.04
CA ARG H 329 -25.80 53.13 8.20
C ARG H 329 -24.48 53.31 8.95
N SER H 330 -24.04 54.56 9.10
CA SER H 330 -22.80 54.86 9.80
C SER H 330 -22.83 56.21 10.51
N PRO H 331 -22.49 56.21 11.81
CA PRO H 331 -22.27 54.99 12.58
C PRO H 331 -23.61 54.39 12.99
N ASN H 332 -23.59 53.39 13.85
CA ASN H 332 -24.84 52.78 14.32
C ASN H 332 -24.81 52.51 15.82
N PRO H 333 -25.19 53.52 16.62
CA PRO H 333 -25.09 53.40 18.06
C PRO H 333 -26.30 52.67 18.64
N HIS H 334 -26.61 51.51 18.10
CA HIS H 334 -27.71 50.68 18.61
C HIS H 334 -27.41 50.23 20.04
N LEU H 335 -28.45 49.74 20.72
CA LEU H 335 -28.32 49.35 22.12
C LEU H 335 -28.53 47.85 22.32
N SER H 336 -28.27 47.07 21.27
CA SER H 336 -28.55 45.64 21.27
C SER H 336 -27.67 44.87 22.27
N PHE H 337 -26.49 45.41 22.54
CA PHE H 337 -25.59 44.82 23.53
C PHE H 337 -25.71 45.52 24.88
N GLY H 338 -26.69 46.40 25.00
CA GLY H 338 -26.90 47.15 26.23
C GLY H 338 -26.04 48.39 26.31
N HIS H 339 -25.68 48.79 27.54
CA HIS H 339 -25.06 50.07 27.79
C HIS H 339 -24.69 50.16 29.28
N GLY H 340 -23.57 50.79 29.58
CA GLY H 340 -23.14 50.98 30.96
C GLY H 340 -22.33 49.82 31.52
N HIS H 341 -22.39 49.64 32.84
CA HIS H 341 -21.53 48.68 33.54
C HIS H 341 -21.77 47.23 33.14
N HIS H 342 -22.99 46.92 32.73
CA HIS H 342 -23.37 45.54 32.39
C HIS H 342 -23.35 45.28 30.88
N VAL H 343 -22.78 46.20 30.12
CA VAL H 343 -22.72 46.05 28.66
C VAL H 343 -22.10 44.70 28.28
N CYS H 344 -22.66 44.10 27.22
CA CYS H 344 -22.34 42.72 26.85
C CYS H 344 -20.86 42.39 26.93
N LEU H 345 -20.53 41.32 27.64
CA LEU H 345 -19.14 40.92 27.83
C LEU H 345 -18.56 40.25 26.58
N GLY H 346 -19.41 39.53 25.85
CA GLY H 346 -18.97 38.75 24.69
C GLY H 346 -19.36 39.33 23.34
N SER H 347 -19.51 40.65 23.28
CA SER H 347 -19.99 41.30 22.06
C SER H 347 -19.03 41.16 20.88
N SER H 348 -17.72 41.20 21.17
CA SER H 348 -16.72 41.02 20.13
C SER H 348 -16.78 39.63 19.52
N LEU H 349 -16.92 38.62 20.37
CA LEU H 349 -17.06 37.24 19.92
C LEU H 349 -18.31 37.04 19.07
N ALA H 350 -19.44 37.57 19.54
CA ALA H 350 -20.70 37.45 18.82
C ALA H 350 -20.62 38.07 17.43
N ARG H 351 -20.06 39.27 17.37
CA ARG H 351 -19.81 39.96 16.10
C ARG H 351 -18.93 39.13 15.17
N LEU H 352 -17.86 38.56 15.71
CA LEU H 352 -16.92 37.76 14.93
C LEU H 352 -17.57 36.51 14.36
N GLU H 353 -18.29 35.77 15.19
CA GLU H 353 -19.02 34.58 14.75
C GLU H 353 -20.00 34.90 13.63
N ALA H 354 -20.76 35.98 13.79
CA ALA H 354 -21.75 36.39 12.81
C ALA H 354 -21.11 36.83 11.49
N GLN H 355 -20.08 37.65 11.58
CA GLN H 355 -19.40 38.17 10.39
C GLN H 355 -18.82 37.03 9.55
N ILE H 356 -18.14 36.09 10.20
CA ILE H 356 -17.52 34.97 9.50
C ILE H 356 -18.57 34.03 8.92
N ALA H 357 -19.58 33.70 9.71
CA ALA H 357 -20.64 32.79 9.28
C ALA H 357 -21.41 33.32 8.06
N ILE H 358 -21.78 34.59 8.12
CA ILE H 358 -22.60 35.20 7.07
C ILE H 358 -21.82 35.40 5.77
N ASN H 359 -20.62 35.97 5.87
CA ASN H 359 -19.79 36.17 4.69
C ASN H 359 -19.43 34.86 3.97
N THR H 360 -19.08 33.84 4.75
CA THR H 360 -18.73 32.53 4.19
C THR H 360 -19.95 31.86 3.55
N LEU H 361 -21.09 31.97 4.20
CA LEU H 361 -22.34 31.44 3.66
C LEU H 361 -22.69 32.06 2.31
N LEU H 362 -22.59 33.38 2.23
CA LEU H 362 -22.90 34.10 0.98
C LEU H 362 -21.88 33.79 -0.12
N GLN H 363 -20.64 33.48 0.29
CA GLN H 363 -19.58 33.15 -0.63
C GLN H 363 -19.76 31.74 -1.21
N ARG H 364 -20.09 30.78 -0.35
CA ARG H 364 -20.16 29.38 -0.75
C ARG H 364 -21.53 28.97 -1.30
N MET H 365 -22.54 29.79 -1.02
CA MET H 365 -23.88 29.57 -1.56
C MET H 365 -24.36 30.77 -2.38
N PRO H 366 -23.92 30.85 -3.64
CA PRO H 366 -24.10 32.03 -4.49
C PRO H 366 -25.55 32.30 -4.87
N SER H 367 -26.38 31.27 -4.88
CA SER H 367 -27.80 31.41 -5.23
C SER H 367 -28.71 31.10 -4.05
N LEU H 368 -28.40 31.66 -2.88
CA LEU H 368 -29.16 31.40 -1.67
C LEU H 368 -30.54 32.05 -1.70
N ASN H 369 -31.56 31.25 -1.38
CA ASN H 369 -32.94 31.71 -1.38
C ASN H 369 -33.72 31.18 -0.17
N LEU H 370 -34.80 31.87 0.18
CA LEU H 370 -35.71 31.41 1.22
C LEU H 370 -36.60 30.28 0.73
N ALA H 371 -36.87 29.31 1.60
CA ALA H 371 -37.73 28.18 1.26
C ALA H 371 -39.22 28.53 1.38
N ASP H 372 -39.53 29.55 2.17
CA ASP H 372 -40.89 30.08 2.26
C ASP H 372 -40.97 31.26 3.23
N TRP H 375 -42.47 32.34 8.55
CA TRP H 375 -41.50 32.09 9.61
C TRP H 375 -42.14 32.15 11.00
N ARG H 376 -41.71 31.25 11.87
CA ARG H 376 -42.21 31.18 13.23
C ARG H 376 -41.13 31.65 14.21
N TYR H 377 -41.53 32.50 15.15
CA TYR H 377 -40.65 32.89 16.24
C TYR H 377 -40.97 32.11 17.50
N ARG H 378 -39.93 31.67 18.20
CA ARG H 378 -40.08 31.03 19.50
C ARG H 378 -40.83 31.94 20.47
N PRO H 379 -41.64 31.36 21.37
CA PRO H 379 -42.47 32.14 22.29
C PRO H 379 -41.66 32.78 23.41
N LEU H 380 -40.77 33.70 23.04
CA LEU H 380 -40.01 34.50 23.99
C LEU H 380 -40.23 35.98 23.70
N PHE H 381 -40.54 36.76 24.73
CA PHE H 381 -40.77 38.19 24.54
C PHE H 381 -39.50 39.02 24.77
N GLY H 382 -38.58 38.48 25.57
CA GLY H 382 -37.31 39.16 25.84
C GLY H 382 -36.26 38.89 24.79
N PHE H 383 -36.57 37.97 23.87
CA PHE H 383 -35.63 37.58 22.81
C PHE H 383 -36.35 37.48 21.46
N ARG H 384 -35.62 37.78 20.39
CA ARG H 384 -36.15 37.60 19.05
C ARG H 384 -35.48 36.37 18.40
N ALA H 385 -36.16 35.23 18.50
CA ALA H 385 -35.56 33.95 18.15
C ALA H 385 -36.47 33.15 17.21
N LEU H 386 -35.96 32.84 16.02
CA LEU H 386 -36.69 32.02 15.05
C LEU H 386 -36.72 30.56 15.47
N GLU H 387 -37.82 29.88 15.15
CA GLU H 387 -37.93 28.44 15.37
C GLU H 387 -37.03 27.69 14.40
N GLU H 388 -37.13 28.04 13.12
CA GLU H 388 -36.29 27.46 12.07
C GLU H 388 -36.20 28.38 10.86
N LEU H 389 -35.14 28.20 10.07
CA LEU H 389 -34.94 29.00 8.87
C LEU H 389 -34.50 28.13 7.70
N PRO H 390 -35.47 27.51 7.00
CA PRO H 390 -35.16 26.68 5.84
C PRO H 390 -34.77 27.51 4.62
N VAL H 391 -33.67 27.13 3.98
CA VAL H 391 -33.17 27.82 2.79
C VAL H 391 -32.82 26.83 1.68
N THR H 392 -32.78 27.32 0.45
CA THR H 392 -32.29 26.52 -0.68
C THR H 392 -31.12 27.24 -1.37
N PHE H 393 -30.30 26.49 -2.08
CA PHE H 393 -29.12 27.05 -2.75
C PHE H 393 -28.63 26.21 -3.94
O23 ZMQ I . -6.92 -27.22 4.24
P24 ZMQ I . -8.03 -26.07 4.75
O26 ZMQ I . -7.59 -25.02 5.97
O27 ZMQ I . -9.27 -25.49 3.53
C28 ZMQ I . -8.86 -24.53 2.55
C29 ZMQ I . -9.61 -24.78 1.25
C31 ZMQ I . -9.26 -26.17 0.74
C30 ZMQ I . -9.15 -23.75 0.22
C32 ZMQ I . -11.12 -24.72 1.48
O33 ZMQ I . -11.82 -25.45 0.48
C34 ZMQ I . -11.62 -23.31 1.53
O35 ZMQ I . -11.25 -22.55 2.57
N36 ZMQ I . -12.36 -22.84 0.62
C37 ZMQ I . -12.84 -23.53 -0.58
C38 ZMQ I . -13.55 -22.48 -1.44
C39 ZMQ I . -12.59 -21.89 -2.44
O40 ZMQ I . -11.47 -21.30 -2.02
N41 ZMQ I . -12.87 -21.92 -3.68
C42 ZMQ I . -12.08 -21.40 -4.80
C43 ZMQ I . -12.53 -19.96 -5.01
S1 ZMQ I . -12.20 -19.45 -6.68
C1 ZMQ I . -10.51 -19.73 -7.10
O1 ZMQ I . -9.63 -19.97 -6.13
C2 ZMQ I . -9.99 -19.26 -8.46
C3 ZMQ I . -10.80 -19.83 -9.63
C4 ZMQ I . -11.43 -18.72 -10.45
C5 ZMQ I . -10.69 -18.51 -11.77
C6 ZMQ I . -11.59 -18.86 -12.96
C7 ZMQ I . -10.91 -18.50 -14.28
C8 ZMQ I . -10.57 -19.75 -15.09
C9 ZMQ I . -11.81 -20.60 -15.37
C10 ZMQ I . -11.99 -21.80 -14.83
C11 ZMQ I . -10.96 -22.42 -13.88
C12 ZMQ I . -11.21 -23.92 -13.71
C13 ZMQ I . -10.40 -24.48 -12.55
C14 ZMQ I . -11.05 -25.74 -12.00
C15 ZMQ I . -10.02 -26.85 -11.79
C16 ZMQ I . -10.69 -28.15 -11.42
C1 HTG J . -16.82 -27.71 13.03
S1 HTG J . -16.49 -29.32 13.32
C2 HTG J . -15.69 -26.83 13.57
O2 HTG J . -15.53 -27.06 14.97
C3 HTG J . -16.06 -25.36 13.32
O3 HTG J . -14.95 -24.52 13.66
C4 HTG J . -16.41 -25.13 11.85
O4 HTG J . -16.96 -23.82 11.70
C5 HTG J . -17.44 -26.16 11.39
O5 HTG J . -16.96 -27.48 11.63
C6 HTG J . -17.75 -25.99 9.91
O6 HTG J . -16.57 -26.20 9.12
C1' HTG J . -17.77 -30.23 12.80
C2' HTG J . -19.02 -29.70 13.37
C3' HTG J . -20.17 -30.25 12.65
C1' HTG K . -13.69 -16.54 11.35
C2' HTG K . -15.15 -16.68 11.27
C3' HTG K . -15.74 -15.43 10.74
C4' HTG K . -16.65 -14.85 11.72
C5' HTG K . -17.96 -14.61 11.11
C6' HTG K . -18.88 -15.71 11.44
C7' HTG K . -20.27 -15.26 11.27
CHA HEM L . -6.80 -17.05 -15.04
CHB HEM L . -7.23 -19.40 -19.26
CHC HEM L . -11.22 -16.82 -20.33
CHD HEM L . -11.13 -14.90 -15.88
C1A HEM L . -6.57 -17.94 -16.07
C2A HEM L . -5.51 -18.93 -16.14
C3A HEM L . -5.64 -19.58 -17.31
C4A HEM L . -6.77 -19.01 -18.02
CMA HEM L . -4.75 -20.72 -17.83
CAA HEM L . -4.44 -19.20 -15.06
CBA HEM L . -3.22 -18.33 -15.32
CGA HEM L . -2.31 -18.27 -14.11
O1A HEM L . -1.25 -17.60 -14.21
O2A HEM L . -2.62 -18.88 -13.05
C1B HEM L . -8.31 -18.86 -19.93
C2B HEM L . -8.69 -19.18 -21.29
C3B HEM L . -9.79 -18.49 -21.60
C4B HEM L . -10.14 -17.68 -20.43
CMB HEM L . -7.94 -20.17 -22.21
CAB HEM L . -10.56 -18.46 -22.93
CBB HEM L . -10.66 -19.55 -23.70
C1C HEM L . -11.58 -16.10 -19.21
C2C HEM L . -12.76 -15.27 -19.05
C3C HEM L . -12.74 -14.74 -17.82
C4C HEM L . -11.53 -15.21 -17.16
CMC HEM L . -13.85 -15.05 -20.12
CAC HEM L . -13.78 -13.80 -17.18
CBC HEM L . -14.01 -12.58 -17.67
C1D HEM L . -9.94 -15.24 -15.27
C2D HEM L . -9.51 -14.73 -14.00
C3D HEM L . -8.15 -15.40 -13.74
C4D HEM L . -7.91 -16.25 -14.87
CMD HEM L . -10.24 -13.73 -13.09
CAD HEM L . -7.24 -15.18 -12.50
CBD HEM L . -7.79 -15.98 -11.33
CGD HEM L . -6.86 -15.80 -10.14
O1D HEM L . -6.92 -16.65 -9.22
O2D HEM L . -6.08 -14.81 -10.12
NA HEM L . -7.31 -18.02 -17.23
NB HEM L . -9.22 -17.95 -19.44
NC HEM L . -10.86 -16.04 -18.04
ND HEM L . -8.98 -16.13 -15.75
FE HEM L . -8.99 -16.87 -17.71
CL CL M . -30.42 2.26 -22.41
O23 ZMQ N . 23.54 12.49 -7.86
P24 ZMQ N . 23.95 11.68 -9.27
O26 ZMQ N . 24.84 10.27 -9.14
O27 ZMQ N . 22.83 11.87 -10.71
C28 ZMQ N . 21.50 11.37 -10.63
C29 ZMQ N . 20.59 12.07 -11.63
C31 ZMQ N . 20.75 13.58 -11.46
C30 ZMQ N . 19.15 11.70 -11.31
C32 ZMQ N . 20.92 11.63 -13.06
O33 ZMQ N . 22.33 11.42 -13.21
C34 ZMQ N . 20.48 12.59 -14.11
O35 ZMQ N . 20.89 13.86 -14.08
N36 ZMQ N . 19.75 12.19 -15.06
C37 ZMQ N . 19.24 12.94 -16.20
C38 ZMQ N . 18.02 13.71 -15.69
C39 ZMQ N . 16.83 12.79 -15.56
O40 ZMQ N . 16.97 11.58 -15.02
N41 ZMQ N . 15.70 13.17 -15.96
C42 ZMQ N . 14.45 12.44 -15.90
C43 ZMQ N . 13.82 12.90 -14.59
S1 ZMQ N . 12.44 11.86 -14.18
C1 ZMQ N . 11.10 12.22 -15.24
O1 ZMQ N . 11.29 12.14 -16.55
C2 ZMQ N . 9.68 12.06 -14.68
C3 ZMQ N . 8.78 13.22 -15.09
C4 ZMQ N . 7.95 12.87 -16.32
C5 ZMQ N . 6.57 12.35 -15.94
C6 ZMQ N . 5.49 13.37 -16.25
C7 ZMQ N . 4.75 13.77 -14.98
C8 ZMQ N . 3.77 14.91 -15.22
C9 ZMQ N . 4.23 15.82 -16.36
C10 ZMQ N . 5.08 16.84 -16.15
C11 ZMQ N . 5.63 17.17 -14.78
C12 ZMQ N . 7.06 17.70 -14.89
C13 ZMQ N . 7.66 17.96 -13.52
C14 ZMQ N . 8.51 19.23 -13.54
C15 ZMQ N . 9.35 19.37 -12.28
C16 ZMQ N . 10.13 20.66 -12.27
C1 HTG O . 33.88 12.86 -16.92
S1 HTG O . 34.60 14.18 -16.21
C2 HTG O . 33.83 11.70 -15.94
O2 HTG O . 35.14 11.37 -15.46
C3 HTG O . 33.24 10.48 -16.65
O3 HTG O . 33.07 9.43 -15.72
C4 HTG O . 31.88 10.85 -17.27
O4 HTG O . 31.46 9.78 -18.12
C5 HTG O . 31.97 12.14 -18.08
O5 HTG O . 32.56 13.19 -17.33
C6 HTG O . 30.57 12.56 -18.49
O6 HTG O . 29.74 12.75 -17.33
CHA HEM P . 2.53 11.45 -12.81
CHB HEM P . 1.89 11.33 -17.61
CHC HEM P . -1.33 14.99 -17.31
CHD HEM P . -0.56 15.25 -12.53
C1A HEM P . 2.62 11.07 -14.13
C2A HEM P . 3.39 9.96 -14.66
C3A HEM P . 3.21 9.93 -15.98
C4A HEM P . 2.33 11.02 -16.34
CMA HEM P . 3.85 8.91 -16.96
CAA HEM P . 4.25 8.98 -13.81
CBA HEM P . 5.69 9.46 -13.68
CGA HEM P . 6.51 8.40 -12.97
O1A HEM P . 7.69 8.67 -12.63
O2A HEM P . 5.98 7.27 -12.74
C1B HEM P . 0.94 12.29 -17.94
C2B HEM P . 0.41 12.55 -19.28
C3B HEM P . -0.48 13.55 -19.19
C4B HEM P . -0.53 13.98 -17.81
CMB HEM P . 0.81 11.76 -20.55
CAB HEM P . -1.29 14.20 -20.34
CBB HEM P . -1.96 13.46 -21.23
C1C HEM P . -1.44 15.35 -15.99
C2C HEM P . -2.38 16.31 -15.42
C3C HEM P . -2.17 16.38 -14.11
C4C HEM P . -1.09 15.47 -13.79
CMC HEM P . -3.46 17.09 -16.23
CAC HEM P . -2.94 17.24 -13.07
CBC HEM P . -2.78 18.56 -13.04
C1D HEM P . 0.36 14.30 -12.18
C2D HEM P . 0.92 14.18 -10.86
C3D HEM P . 1.89 13.00 -10.94
C4D HEM P . 1.82 12.52 -12.30
CMD HEM P . 0.62 15.06 -9.63
CAD HEM P . 2.77 12.45 -9.78
CBD HEM P . 1.99 11.33 -9.10
CGD HEM P . 2.86 10.62 -8.09
O1D HEM P . 2.30 9.88 -7.25
O2D HEM P . 4.10 10.82 -8.09
NA HEM P . 1.99 11.69 -15.19
NB HEM P . 0.34 13.19 -17.08
NC HEM P . -0.67 14.86 -14.95
ND HEM P . 0.91 13.31 -12.99
FE HEM P . 0.47 13.09 -15.03
C3' HTG Q . 21.56 12.37 -31.20
C4' HTG Q . 20.29 11.63 -31.17
C5' HTG Q . 20.33 10.63 -30.11
C6' HTG Q . 18.98 10.25 -29.71
C7' HTG Q . 18.99 9.69 -28.34
O23 ZMQ R . 43.24 -27.09 22.52
P24 ZMQ R . 42.83 -26.08 21.25
O26 ZMQ R . 41.50 -25.10 21.41
O27 ZMQ R . 43.21 -26.69 19.57
C28 ZMQ R . 42.33 -27.64 19.00
C29 ZMQ R . 42.35 -27.51 17.48
C31 ZMQ R . 41.87 -26.11 17.11
C30 ZMQ R . 41.39 -28.54 16.89
C32 ZMQ R . 43.77 -27.69 16.96
O33 ZMQ R . 44.00 -26.90 15.79
C34 ZMQ R . 44.07 -29.12 16.64
O35 ZMQ R . 44.33 -29.96 17.65
N36 ZMQ R . 44.07 -29.51 15.43
C37 ZMQ R . 43.78 -28.69 14.26
C38 ZMQ R . 44.00 -29.52 13.01
C39 ZMQ R . 42.87 -30.49 12.77
O40 ZMQ R . 42.30 -31.11 13.79
N41 ZMQ R . 42.48 -30.71 11.59
C42 ZMQ R . 41.47 -31.64 11.10
C43 ZMQ R . 40.08 -31.12 11.49
S1 ZMQ R . 38.86 -32.29 10.98
C1 ZMQ R . 38.62 -32.16 9.24
O1 ZMQ R . 39.66 -31.84 8.48
C2 ZMQ R . 37.34 -32.69 8.60
C3 ZMQ R . 37.66 -33.65 7.47
C4 ZMQ R . 36.42 -34.03 6.68
C5 ZMQ R . 36.50 -33.48 5.27
C6 ZMQ R . 35.78 -34.41 4.29
C7 ZMQ R . 34.54 -33.73 3.71
C8 ZMQ R . 34.92 -32.69 2.66
C9 ZMQ R . 33.93 -31.51 2.70
C10 ZMQ R . 34.27 -30.34 3.23
C11 ZMQ R . 35.63 -30.06 3.84
C12 ZMQ R . 35.51 -29.15 5.07
C13 ZMQ R . 35.64 -27.68 4.68
C14 ZMQ R . 35.58 -26.79 5.92
C15 ZMQ R . 36.48 -25.57 5.75
C16 ZMQ R . 35.75 -24.29 6.12
C1 HTG S . 54.88 -24.43 23.16
S1 HTG S . 54.75 -22.80 23.53
C2 HTG S . 54.19 -25.28 24.22
O2 HTG S . 54.72 -25.01 25.52
C3 HTG S . 54.40 -26.75 23.87
O3 HTG S . 53.71 -27.58 24.80
C4 HTG S . 53.89 -27.01 22.45
O4 HTG S . 54.25 -28.35 22.07
C5 HTG S . 54.51 -26.01 21.48
O5 HTG S . 54.26 -24.68 21.90
C6 HTG S . 53.95 -26.22 20.07
O6 HTG S . 52.56 -25.87 20.05
CHA HEM T . 31.16 -35.44 5.61
CHB HEM T . 34.22 -37.65 2.55
CHC HEM T . 31.95 -35.61 -1.23
CHD HEM T . 28.98 -33.27 1.80
C1A HEM T . 32.16 -36.25 5.12
C2A HEM T . 33.02 -37.14 5.89
C3A HEM T . 33.86 -37.74 5.05
C4A HEM T . 33.57 -37.27 3.71
CMA HEM T . 34.96 -38.76 5.44
CAA HEM T . 32.95 -37.35 7.42
CBA HEM T . 33.83 -36.36 8.16
CGA HEM T . 33.81 -36.66 9.65
O1A HEM T . 33.11 -37.62 10.08
O2A HEM T . 34.50 -35.94 10.39
C1B HEM T . 33.85 -37.32 1.26
C2B HEM T . 34.45 -37.84 0.05
C3B HEM T . 33.82 -37.28 -1.00
C4B HEM T . 32.81 -36.37 -0.47
CMB HEM T . 35.59 -38.87 -0.02
CAB HEM T . 34.11 -37.51 -2.50
CBB HEM T . 34.14 -38.74 -3.00
C1C HEM T . 30.91 -34.84 -0.75
C2C HEM T . 29.92 -34.13 -1.54
C3C HEM T . 29.11 -33.49 -0.70
C4C HEM T . 29.55 -33.76 0.65
CMC HEM T . 29.81 -34.13 -3.08
CAC HEM T . 27.90 -32.61 -1.07
CBC HEM T . 28.09 -31.35 -1.43
C1D HEM T . 29.31 -33.58 3.10
C2D HEM T . 28.72 -32.98 4.27
C3D HEM T . 29.41 -33.65 5.45
C4D HEM T . 30.34 -34.61 4.88
CMD HEM T . 27.64 -31.89 4.30
CAD HEM T . 29.14 -33.40 6.94
CBD HEM T . 28.25 -34.54 7.44
CGD HEM T . 27.95 -34.37 8.91
O1D HEM T . 26.93 -34.92 9.38
O2D HEM T . 28.75 -33.68 9.60
NA HEM T . 32.53 -36.36 3.79
NB HEM T . 32.86 -36.43 0.90
NC HEM T . 30.67 -34.57 0.59
ND HEM T . 30.25 -34.53 3.50
FE HEM T . 31.42 -35.67 2.19
C2' HTG U . 18.49 -27.56 -9.20
C3' HTG U . 18.07 -28.61 -8.25
C4' HTG U . 18.68 -28.36 -6.93
C5' HTG U . 17.66 -28.55 -5.88
C6' HTG U . 18.08 -29.65 -5.00
C7' HTG U . 17.03 -30.68 -5.00
CL CL V . 46.79 -54.78 -13.66
O23 ZMQ W . -41.53 42.25 44.31
P24 ZMQ W . -40.72 40.98 43.57
O26 ZMQ W . -39.75 39.99 44.52
O27 ZMQ W . -40.26 41.20 41.81
C28 ZMQ W . -40.55 40.17 40.87
C29 ZMQ W . -39.42 40.07 39.85
C31 ZMQ W . -38.14 40.71 40.39
C30 ZMQ W . -39.12 38.60 39.63
C32 ZMQ W . -39.82 40.80 38.56
O33 ZMQ W . -40.81 41.79 38.83
C34 ZMQ W . -40.31 39.88 37.47
O35 ZMQ W . -40.87 38.70 37.75
N36 ZMQ W . -40.19 40.26 36.28
C37 ZMQ W . -40.56 39.57 35.05
C38 ZMQ W . -39.32 38.76 34.68
C39 ZMQ W . -38.14 39.64 34.40
O40 ZMQ W . -38.00 40.81 35.03
N41 ZMQ W . -37.26 39.28 33.57
C42 ZMQ W . -36.05 40.00 33.20
C43 ZMQ W . -35.75 39.53 31.78
S1 ZMQ W . -34.48 40.55 31.10
C1 ZMQ W . -32.91 40.07 31.74
O1 ZMQ W . -32.79 39.84 33.05
C2 ZMQ W . -31.64 40.36 30.95
C3 ZMQ W . -31.50 39.43 29.75
C4 ZMQ W . -30.22 39.73 28.96
C5 ZMQ W . -29.60 38.43 28.47
C6 ZMQ W . -28.31 38.70 27.70
C7 ZMQ W . -27.10 38.23 28.49
C8 ZMQ W . -26.70 36.80 28.12
C9 ZMQ W . -27.86 36.03 27.50
C10 ZMQ W . -28.66 35.25 28.21
C11 ZMQ W . -28.47 35.06 29.72
C12 ZMQ W . -29.64 34.27 30.31
C13 ZMQ W . -29.32 33.76 31.71
C14 ZMQ W . -30.35 32.73 32.15
C15 ZMQ W . -30.47 32.68 33.67
C16 ZMQ W . -30.85 31.29 34.14
C1 HTG X . -53.07 39.59 42.68
S1 HTG X . -53.24 38.31 43.73
C2 HTG X . -52.60 40.84 43.42
O2 HTG X . -53.46 41.14 44.51
C3 HTG X . -52.62 41.99 42.42
O3 HTG X . -52.19 43.20 43.04
C4 HTG X . -51.70 41.63 41.25
O4 HTG X . -51.83 42.63 40.24
C5 HTG X . -52.05 40.27 40.66
O5 HTG X . -52.12 39.26 41.68
C6 HTG X . -50.98 39.86 39.66
O6 HTG X . -49.71 39.75 40.33
CHA HEM Y . -24.67 41.07 28.91
CHB HEM Y . -21.90 37.28 27.63
CHC HEM Y . -23.67 37.48 23.12
CHD HEM Y . -26.78 40.97 24.50
C1A HEM Y . -23.80 40.00 28.96
C2A HEM Y . -23.14 39.51 30.14
C3A HEM Y . -22.37 38.46 29.80
C4A HEM Y . -22.53 38.25 28.37
CMA HEM Y . -21.48 37.64 30.75
CAA HEM Y . -23.27 40.08 31.57
CBA HEM Y . -22.25 41.19 31.78
CGA HEM Y . -22.51 41.88 33.11
O1A HEM Y . -23.59 41.67 33.71
O2A HEM Y . -21.64 42.67 33.55
C1B HEM Y . -22.12 36.99 26.30
C2B HEM Y . -21.47 35.95 25.51
C3B HEM Y . -21.97 36.01 24.27
C4B HEM Y . -22.95 37.08 24.22
CMB HEM Y . -20.41 34.95 26.03
CAB HEM Y . -21.58 35.10 23.09
CBB HEM Y . -20.87 35.59 22.08
C1C HEM Y . -24.68 38.42 23.10
C2C HEM Y . -25.55 38.74 21.98
C3C HEM Y . -26.40 39.69 22.37
C4C HEM Y . -26.12 40.01 23.75
CMC HEM Y . -25.49 38.09 20.58
CAC HEM Y . -27.50 40.35 21.51
CBC HEM Y . -27.19 41.26 20.58
C1D HEM Y . -26.49 41.36 25.79
C2D HEM Y . -27.14 42.43 26.51
C3D HEM Y . -26.48 42.48 27.88
C4D HEM Y . -25.50 41.41 27.86
CMD HEM Y . -28.26 43.37 26.00
CAD HEM Y . -26.77 43.44 29.06
CBD HEM Y . -27.93 42.91 29.89
CGD HEM Y . -28.22 43.86 31.02
O1D HEM Y . -29.04 43.50 31.91
O2D HEM Y . -27.64 44.97 31.04
NA HEM Y . -23.42 39.21 27.89
NB HEM Y . -23.00 37.65 25.48
NC HEM Y . -25.06 39.21 24.16
ND HEM Y . -25.54 40.78 26.62
FE HEM Y . -24.11 39.32 25.97
S1 HTG Z . -49.60 40.19 23.88
C1' HTG Z . -48.03 40.69 23.62
C2' HTG Z . -47.70 41.84 24.46
C3' HTG Z . -46.24 42.06 24.44
C4' HTG Z . -45.86 43.08 25.42
C5' HTG Z . -44.56 42.74 25.99
C6' HTG Z . -43.78 43.96 26.22
#